data_3TJI
#
_entry.id   3TJI
#
_cell.length_a   182.150
_cell.length_b   182.150
_cell.length_c   104.800
_cell.angle_alpha   90.000
_cell.angle_beta   90.000
_cell.angle_gamma   90.000
#
_symmetry.space_group_name_H-M   'P 42 21 2'
#
loop_
_entity.id
_entity.type
_entity.pdbx_description
1 polymer 'Mandelate racemase/muconate lactonizing enzyme, N-terminal domain protein'
2 non-polymer 'MAGNESIUM ION'
3 non-polymer GLYCEROL
4 non-polymer 'CHLORIDE ION'
5 water water
#
_entity_poly.entity_id   1
_entity_poly.type   'polypeptide(L)'
_entity_poly.pdbx_seq_one_letter_code
;MHHHHHHSSGVDLGTENLYFQSMMTPVIIKNIECFITRPDRHNLVTVRVTTEQGITGHGCATFQQRPLAVKTLVDEYLQP
LMIGRDANNIEDLWQMMNVNAYWRNGPLMNNAISGVDMALWDIKGQLAGMPLYQLFGGKSRDAIPAYSHASGETLEALFA
SVDALIAQGYRHIRCQLGFYGGTPSALHAPDNPTPGAWFDQQEYMSNTVEMFHALREKYGWKLHILHDVHERLFPQQAVQ
LAKQLEPFQPYFIEDILPPQQSAWLEQVRQQSCVPLALGELFNNPAEWHDLIVNRRIDFIRCHVSQIGGITPALKLAHLC
QAFGVRLAWHGPGDMTPIGVAVNTHLNIHLHNAAIQEFIPRSATTNDVFPGAPEVKEGFVYPPVQPGIGVGFNEALALAH
PVLYRPHEWTQSRLPDGTIHTP
;
_entity_poly.pdbx_strand_id   A,B,C,D
#
loop_
_chem_comp.id
_chem_comp.type
_chem_comp.name
_chem_comp.formula
CL non-polymer 'CHLORIDE ION' 'Cl -1'
GOL non-polymer GLYCEROL 'C3 H8 O3'
MG non-polymer 'MAGNESIUM ION' 'Mg 2'
#
# COMPACT_ATOMS: atom_id res chain seq x y z
N MET A 24 -22.31 -18.64 -13.72
CA MET A 24 -21.74 -19.04 -12.40
C MET A 24 -22.82 -18.89 -11.34
N THR A 25 -23.03 -19.95 -10.56
CA THR A 25 -24.09 -19.99 -9.55
C THR A 25 -23.52 -20.03 -8.13
N PRO A 26 -24.34 -19.69 -7.12
CA PRO A 26 -23.82 -19.66 -5.74
C PRO A 26 -23.33 -21.03 -5.25
N VAL A 27 -22.21 -21.01 -4.55
CA VAL A 27 -21.64 -22.19 -3.95
C VAL A 27 -21.88 -22.07 -2.45
N ILE A 28 -22.80 -22.88 -1.95
CA ILE A 28 -23.33 -22.75 -0.59
C ILE A 28 -22.56 -23.60 0.44
N ILE A 29 -22.09 -22.92 1.50
CA ILE A 29 -21.39 -23.60 2.61
C ILE A 29 -22.32 -24.56 3.32
N LYS A 30 -21.89 -25.81 3.39
CA LYS A 30 -22.67 -26.88 4.00
C LYS A 30 -22.20 -27.07 5.45
N ASN A 31 -20.90 -27.07 5.64
CA ASN A 31 -20.31 -27.23 6.98
C ASN A 31 -18.93 -26.62 7.02
N ILE A 32 -18.44 -26.38 8.25
CA ILE A 32 -17.05 -25.98 8.49
C ILE A 32 -16.56 -26.83 9.66
N GLU A 33 -15.47 -27.55 9.45
CA GLU A 33 -14.90 -28.42 10.47
C GLU A 33 -13.48 -28.03 10.81
N CYS A 34 -13.03 -28.41 12.00
CA CYS A 34 -11.68 -28.12 12.44
C CYS A 34 -11.04 -29.37 13.02
N PHE A 35 -9.81 -29.66 12.59
CA PHE A 35 -9.11 -30.87 13.04
C PHE A 35 -7.77 -30.47 13.59
N ILE A 36 -7.42 -31.02 14.75
CA ILE A 36 -6.06 -30.89 15.26
C ILE A 36 -5.37 -32.23 15.09
N THR A 37 -4.19 -32.21 14.47
CA THR A 37 -3.46 -33.43 14.18
C THR A 37 -1.97 -33.22 14.36
N ARG A 38 -1.28 -34.23 14.85
CA ARG A 38 0.14 -34.15 15.13
C ARG A 38 0.86 -35.33 14.49
N PRO A 39 1.03 -35.29 13.15
CA PRO A 39 1.67 -36.41 12.47
C PRO A 39 3.15 -36.57 12.80
N ASP A 40 3.78 -35.48 13.24
CA ASP A 40 5.20 -35.51 13.60
C ASP A 40 5.44 -34.83 14.95
N ARG A 41 6.02 -33.62 14.93
CA ARG A 41 6.41 -32.92 16.15
C ARG A 41 5.41 -31.85 16.60
N HIS A 42 4.70 -31.26 15.64
CA HIS A 42 3.90 -30.06 15.92
C HIS A 42 2.42 -30.34 15.84
N ASN A 43 1.67 -29.75 16.79
CA ASN A 43 0.21 -29.69 16.68
C ASN A 43 -0.20 -28.76 15.55
N LEU A 44 -0.86 -29.35 14.56
CA LEU A 44 -1.30 -28.65 13.35
C LEU A 44 -2.82 -28.51 13.38
N VAL A 45 -3.33 -27.42 12.82
CA VAL A 45 -4.77 -27.16 12.83
C VAL A 45 -5.25 -26.88 11.39
N THR A 46 -6.20 -27.69 10.94
CA THR A 46 -6.80 -27.56 9.61
C THR A 46 -8.29 -27.22 9.67
N VAL A 47 -8.73 -26.38 8.73
CA VAL A 47 -10.15 -26.10 8.56
C VAL A 47 -10.62 -26.73 7.24
N ARG A 48 -11.76 -27.40 7.28
CA ARG A 48 -12.33 -28.03 6.10
C ARG A 48 -13.70 -27.42 5.85
N VAL A 49 -13.86 -26.79 4.69
CA VAL A 49 -15.14 -26.20 4.32
C VAL A 49 -15.75 -27.07 3.22
N THR A 50 -16.91 -27.62 3.52
CA THR A 50 -17.66 -28.42 2.55
C THR A 50 -18.83 -27.60 2.02
N THR A 51 -19.28 -27.93 0.80
CA THR A 51 -20.32 -27.16 0.13
C THR A 51 -21.43 -28.08 -0.37
N GLU A 52 -22.62 -27.53 -0.59
CA GLU A 52 -23.75 -28.31 -1.09
C GLU A 52 -23.45 -28.90 -2.47
N GLN A 53 -22.63 -28.18 -3.23
CA GLN A 53 -22.19 -28.56 -4.58
C GLN A 53 -21.11 -29.66 -4.56
N GLY A 54 -20.58 -29.95 -3.38
CA GLY A 54 -19.66 -31.07 -3.22
C GLY A 54 -18.20 -30.74 -3.48
N ILE A 55 -17.87 -29.45 -3.53
N ILE A 55 -17.89 -29.45 -3.56
CA ILE A 55 -16.49 -29.00 -3.68
CA ILE A 55 -16.52 -28.95 -3.66
C ILE A 55 -15.92 -28.63 -2.31
C ILE A 55 -16.00 -28.71 -2.24
N THR A 56 -14.91 -29.37 -1.88
CA THR A 56 -14.33 -29.22 -0.55
C THR A 56 -13.02 -28.42 -0.58
N GLY A 57 -12.90 -27.49 0.35
CA GLY A 57 -11.67 -26.70 0.50
C GLY A 57 -11.02 -26.92 1.86
N HIS A 58 -9.69 -26.80 1.88
CA HIS A 58 -8.92 -26.94 3.11
C HIS A 58 -8.04 -25.71 3.39
N GLY A 59 -7.94 -25.35 4.67
CA GLY A 59 -7.16 -24.19 5.07
C GLY A 59 -6.30 -24.45 6.29
N CYS A 60 -5.29 -23.61 6.49
CA CYS A 60 -4.44 -23.70 7.68
C CYS A 60 -4.86 -22.70 8.73
N ALA A 61 -5.02 -23.18 9.95
CA ALA A 61 -5.30 -22.34 11.11
C ALA A 61 -4.30 -22.63 12.23
N THR A 62 -3.08 -23.00 11.86
CA THR A 62 -2.07 -23.45 12.83
C THR A 62 -1.43 -22.34 13.70
N PHE A 63 -1.83 -22.35 14.97
CA PHE A 63 -1.20 -21.60 16.06
C PHE A 63 -0.84 -22.71 17.03
N GLN A 64 0.38 -23.23 16.91
CA GLN A 64 0.69 -24.52 17.50
C GLN A 64 0.59 -24.54 19.03
N GLN A 65 0.82 -23.38 19.65
CA GLN A 65 0.85 -23.27 21.12
C GLN A 65 -0.53 -23.22 21.75
N ARG A 66 -1.56 -22.89 20.96
CA ARG A 66 -2.94 -22.80 21.47
C ARG A 66 -4.03 -23.44 20.58
N PRO A 67 -3.77 -24.65 20.07
CA PRO A 67 -4.61 -25.21 19.01
C PRO A 67 -6.04 -25.49 19.45
N LEU A 68 -6.23 -25.91 20.71
CA LEU A 68 -7.58 -26.22 21.19
C LEU A 68 -8.48 -24.99 21.15
N ALA A 69 -7.92 -23.81 21.43
CA ALA A 69 -8.70 -22.56 21.38
C ALA A 69 -9.10 -22.17 19.97
N VAL A 70 -8.22 -22.44 19.00
CA VAL A 70 -8.56 -22.21 17.59
C VAL A 70 -9.76 -23.09 17.23
N LYS A 71 -9.70 -24.36 17.63
CA LYS A 71 -10.78 -25.31 17.34
C LYS A 71 -12.10 -24.82 17.95
N THR A 72 -12.07 -24.37 19.20
CA THR A 72 -13.27 -23.78 19.82
C THR A 72 -13.85 -22.64 18.98
N LEU A 73 -12.99 -21.74 18.53
CA LEU A 73 -13.45 -20.64 17.68
C LEU A 73 -14.15 -21.16 16.43
N VAL A 74 -13.52 -22.11 15.75
CA VAL A 74 -14.11 -22.62 14.50
C VAL A 74 -15.42 -23.39 14.72
N ASP A 75 -15.41 -24.32 15.68
CA ASP A 75 -16.58 -25.18 15.96
C ASP A 75 -17.77 -24.42 16.54
N GLU A 76 -17.50 -23.51 17.48
CA GLU A 76 -18.56 -22.86 18.26
C GLU A 76 -19.06 -21.53 17.73
N TYR A 77 -18.27 -20.88 16.86
CA TYR A 77 -18.60 -19.52 16.40
C TYR A 77 -18.60 -19.35 14.89
N LEU A 78 -17.52 -19.74 14.22
CA LEU A 78 -17.43 -19.53 12.76
C LEU A 78 -18.38 -20.49 12.03
N GLN A 79 -18.50 -21.72 12.51
CA GLN A 79 -19.39 -22.69 11.86
C GLN A 79 -20.87 -22.21 11.81
N PRO A 80 -21.47 -21.86 12.98
CA PRO A 80 -22.88 -21.41 12.88
C PRO A 80 -23.04 -20.09 12.13
N LEU A 81 -22.03 -19.22 12.19
CA LEU A 81 -22.06 -17.97 11.44
C LEU A 81 -22.11 -18.22 9.92
N MET A 82 -21.33 -19.21 9.44
CA MET A 82 -21.00 -19.33 8.02
C MET A 82 -21.85 -20.28 7.18
N ILE A 83 -22.43 -21.30 7.80
N ILE A 83 -22.44 -21.29 7.81
CA ILE A 83 -23.24 -22.27 7.07
CA ILE A 83 -23.31 -22.25 7.11
C ILE A 83 -24.43 -21.60 6.38
C ILE A 83 -24.42 -21.53 6.35
N GLY A 84 -24.59 -21.90 5.10
CA GLY A 84 -25.68 -21.35 4.31
C GLY A 84 -25.28 -20.20 3.42
N ARG A 85 -24.08 -19.64 3.66
CA ARG A 85 -23.62 -18.49 2.89
C ARG A 85 -22.94 -18.90 1.60
N ASP A 86 -22.89 -17.97 0.66
CA ASP A 86 -22.30 -18.19 -0.65
C ASP A 86 -20.78 -18.00 -0.60
N ALA A 87 -20.08 -19.12 -0.75
CA ALA A 87 -18.61 -19.19 -0.69
C ALA A 87 -17.88 -18.42 -1.80
N ASN A 88 -18.57 -18.09 -2.89
CA ASN A 88 -17.94 -17.36 -3.98
C ASN A 88 -17.40 -15.98 -3.54
N ASN A 89 -18.11 -15.32 -2.63
CA ASN A 89 -17.77 -13.95 -2.24
C ASN A 89 -16.82 -13.91 -1.03
N ILE A 90 -15.58 -14.26 -1.31
CA ILE A 90 -14.55 -14.42 -0.31
C ILE A 90 -14.32 -13.08 0.36
N GLU A 91 -14.33 -12.02 -0.44
CA GLU A 91 -13.98 -10.69 0.09
C GLU A 91 -15.04 -10.25 1.10
N ASP A 92 -16.32 -10.39 0.77
CA ASP A 92 -17.33 -9.98 1.74
C ASP A 92 -17.24 -10.83 3.01
N LEU A 93 -17.11 -12.15 2.82
CA LEU A 93 -17.07 -13.04 3.95
C LEU A 93 -15.88 -12.76 4.85
N TRP A 94 -14.72 -12.51 4.26
CA TRP A 94 -13.54 -12.09 5.06
C TRP A 94 -13.83 -10.79 5.84
N GLN A 95 -14.33 -9.77 5.17
CA GLN A 95 -14.60 -8.50 5.88
C GLN A 95 -15.59 -8.69 7.04
N MET A 96 -16.64 -9.45 6.78
CA MET A 96 -17.67 -9.81 7.78
C MET A 96 -17.08 -10.63 8.95
N MET A 97 -16.40 -11.75 8.66
CA MET A 97 -15.81 -12.57 9.74
C MET A 97 -14.82 -11.74 10.55
N ASN A 98 -14.07 -10.86 9.87
CA ASN A 98 -13.01 -10.10 10.56
C ASN A 98 -13.58 -9.25 11.69
N VAL A 99 -14.75 -8.65 11.48
CA VAL A 99 -15.36 -7.74 12.49
C VAL A 99 -16.49 -8.39 13.30
N ASN A 100 -16.74 -9.68 13.06
CA ASN A 100 -17.92 -10.36 13.62
C ASN A 100 -18.03 -10.41 15.15
N ALA A 101 -16.91 -10.39 15.84
CA ALA A 101 -16.90 -10.44 17.31
C ALA A 101 -16.72 -9.05 17.95
N TYR A 102 -16.80 -8.02 17.10
CA TYR A 102 -16.54 -6.61 17.44
C TYR A 102 -15.04 -6.41 17.67
N TRP A 103 -14.53 -6.89 18.82
CA TRP A 103 -13.08 -7.05 19.02
C TRP A 103 -12.54 -8.02 17.97
N ARG A 104 -11.32 -7.75 17.49
N ARG A 104 -11.30 -7.80 17.52
CA ARG A 104 -10.80 -8.34 16.25
CA ARG A 104 -10.78 -8.51 16.35
C ARG A 104 -9.27 -8.35 16.31
C ARG A 104 -9.26 -8.39 16.33
N ASN A 105 -8.64 -8.92 15.28
CA ASN A 105 -7.17 -9.11 15.26
C ASN A 105 -6.74 -10.10 16.35
N GLY A 106 -5.44 -10.41 16.38
CA GLY A 106 -4.88 -11.30 17.36
C GLY A 106 -4.65 -12.70 16.81
N PRO A 107 -3.79 -13.49 17.47
CA PRO A 107 -3.35 -14.78 16.92
C PRO A 107 -4.47 -15.80 16.78
N LEU A 108 -5.35 -15.85 17.77
CA LEU A 108 -6.45 -16.83 17.71
C LEU A 108 -7.54 -16.44 16.69
N MET A 109 -8.03 -15.20 16.79
CA MET A 109 -9.09 -14.72 15.91
C MET A 109 -8.63 -14.87 14.45
N ASN A 110 -7.40 -14.47 14.19
CA ASN A 110 -6.93 -14.44 12.81
C ASN A 110 -6.67 -15.85 12.23
N ASN A 111 -6.18 -16.74 13.06
CA ASN A 111 -5.97 -18.13 12.61
C ASN A 111 -7.29 -18.83 12.25
N ALA A 112 -8.32 -18.60 13.07
CA ALA A 112 -9.63 -19.17 12.81
C ALA A 112 -10.13 -18.71 11.44
N ILE A 113 -10.11 -17.39 11.21
CA ILE A 113 -10.54 -16.83 9.92
C ILE A 113 -9.69 -17.34 8.75
N SER A 114 -8.36 -17.38 8.96
CA SER A 114 -7.43 -17.94 7.95
C SER A 114 -7.85 -19.31 7.44
N GLY A 115 -8.17 -20.21 8.35
CA GLY A 115 -8.58 -21.55 7.93
C GLY A 115 -9.72 -21.49 6.93
N VAL A 116 -10.71 -20.65 7.23
CA VAL A 116 -11.90 -20.48 6.40
C VAL A 116 -11.50 -19.77 5.11
N ASP A 117 -10.77 -18.66 5.21
CA ASP A 117 -10.38 -17.88 4.01
C ASP A 117 -9.62 -18.75 2.99
N MET A 118 -8.59 -19.48 3.45
CA MET A 118 -7.80 -20.34 2.56
C MET A 118 -8.70 -21.41 1.93
N ALA A 119 -9.53 -22.06 2.75
CA ALA A 119 -10.49 -23.07 2.20
C ALA A 119 -11.39 -22.49 1.11
N LEU A 120 -11.83 -21.26 1.27
CA LEU A 120 -12.66 -20.59 0.25
C LEU A 120 -11.91 -20.28 -1.05
N TRP A 121 -10.64 -19.93 -0.92
CA TRP A 121 -9.78 -19.76 -2.09
C TRP A 121 -9.51 -21.11 -2.77
N ASP A 122 -9.39 -22.18 -1.97
CA ASP A 122 -9.18 -23.53 -2.47
C ASP A 122 -10.39 -23.90 -3.33
N ILE A 123 -11.57 -23.56 -2.84
CA ILE A 123 -12.83 -23.80 -3.54
C ILE A 123 -12.91 -23.06 -4.88
N LYS A 124 -12.49 -21.80 -4.89
CA LYS A 124 -12.53 -20.97 -6.10
C LYS A 124 -11.59 -21.46 -7.17
N GLY A 125 -10.39 -21.90 -6.79
CA GLY A 125 -9.46 -22.45 -7.78
C GLY A 125 -9.96 -23.75 -8.38
N GLN A 126 -10.51 -24.61 -7.53
CA GLN A 126 -11.12 -25.84 -8.02
C GLN A 126 -12.25 -25.53 -9.00
N LEU A 127 -13.10 -24.59 -8.62
CA LEU A 127 -14.21 -24.18 -9.49
C LEU A 127 -13.73 -23.60 -10.82
N ALA A 128 -12.61 -22.87 -10.79
CA ALA A 128 -12.05 -22.25 -11.97
C ALA A 128 -11.24 -23.25 -12.80
N GLY A 129 -10.88 -24.38 -12.20
CA GLY A 129 -9.97 -25.34 -12.83
C GLY A 129 -8.54 -24.78 -12.94
N MET A 130 -8.13 -23.99 -11.95
CA MET A 130 -6.84 -23.30 -11.95
C MET A 130 -6.08 -23.42 -10.62
N PRO A 131 -4.74 -23.61 -10.68
CA PRO A 131 -4.00 -23.46 -9.43
C PRO A 131 -4.24 -22.08 -8.82
N LEU A 132 -4.17 -21.98 -7.50
CA LEU A 132 -4.47 -20.75 -6.81
C LEU A 132 -3.69 -19.54 -7.35
N TYR A 133 -2.40 -19.70 -7.61
CA TYR A 133 -1.58 -18.57 -8.05
C TYR A 133 -2.01 -18.08 -9.45
N GLN A 134 -2.68 -18.95 -10.21
CA GLN A 134 -3.24 -18.55 -11.50
C GLN A 134 -4.47 -17.65 -11.35
N LEU A 135 -5.27 -17.86 -10.30
CA LEU A 135 -6.38 -16.95 -10.02
C LEU A 135 -5.87 -15.54 -9.82
N PHE A 136 -4.72 -15.42 -9.15
CA PHE A 136 -4.20 -14.14 -8.72
C PHE A 136 -3.73 -13.30 -9.92
N GLY A 137 -3.50 -13.96 -11.06
CA GLY A 137 -2.83 -13.34 -12.21
C GLY A 137 -1.62 -14.08 -12.75
N GLY A 138 -1.35 -15.28 -12.24
CA GLY A 138 -0.28 -16.12 -12.80
C GLY A 138 1.12 -15.80 -12.28
N LYS A 139 2.14 -16.41 -12.90
CA LYS A 139 3.54 -16.35 -12.46
C LYS A 139 4.19 -14.96 -12.60
N SER A 140 5.10 -14.63 -11.66
CA SER A 140 6.08 -13.55 -11.74
C SER A 140 7.51 -14.07 -11.86
N ARG A 141 7.69 -15.37 -11.67
CA ARG A 141 9.00 -15.99 -11.68
C ARG A 141 8.85 -17.44 -12.13
N ASP A 142 9.96 -18.11 -12.42
CA ASP A 142 9.88 -19.51 -12.80
C ASP A 142 9.85 -20.45 -11.59
N ALA A 143 10.35 -19.95 -10.48
CA ALA A 143 10.42 -20.70 -9.24
C ALA A 143 10.85 -19.71 -8.18
N ILE A 144 10.49 -20.00 -6.92
CA ILE A 144 10.89 -19.13 -5.83
C ILE A 144 12.13 -19.75 -5.13
N PRO A 145 13.17 -18.94 -4.86
CA PRO A 145 14.28 -19.54 -4.10
C PRO A 145 13.82 -20.01 -2.71
N ALA A 146 14.52 -21.00 -2.17
CA ALA A 146 14.21 -21.54 -0.85
C ALA A 146 15.42 -21.49 0.06
N TYR A 147 15.19 -21.28 1.36
CA TYR A 147 16.24 -21.47 2.35
C TYR A 147 15.78 -22.47 3.41
N SER A 148 16.73 -23.12 4.08
CA SER A 148 16.38 -23.92 5.24
C SER A 148 17.34 -23.65 6.38
N HIS A 149 17.15 -24.37 7.50
CA HIS A 149 17.84 -24.10 8.76
C HIS A 149 19.02 -25.04 8.98
N ALA A 150 20.16 -24.46 9.33
CA ALA A 150 21.33 -25.20 9.80
C ALA A 150 21.64 -24.73 11.22
N SER A 151 21.98 -25.66 12.10
CA SER A 151 22.39 -25.26 13.44
C SER A 151 23.44 -26.22 14.02
N GLY A 152 24.09 -25.80 15.10
CA GLY A 152 25.03 -26.67 15.81
C GLY A 152 25.58 -26.02 17.07
N GLU A 153 25.90 -26.85 18.06
CA GLU A 153 26.49 -26.37 19.32
C GLU A 153 27.89 -25.84 19.10
N THR A 154 28.62 -26.51 18.21
CA THR A 154 29.98 -26.17 17.87
C THR A 154 30.04 -25.82 16.40
N LEU A 155 31.11 -25.13 15.98
CA LEU A 155 31.36 -24.88 14.56
C LEU A 155 31.41 -26.17 13.73
N GLU A 156 32.08 -27.19 14.27
CA GLU A 156 32.13 -28.48 13.60
C GLU A 156 30.74 -29.03 13.30
N ALA A 157 29.84 -28.99 14.29
CA ALA A 157 28.48 -29.50 14.11
C ALA A 157 27.70 -28.61 13.14
N LEU A 158 27.83 -27.29 13.30
CA LEU A 158 27.21 -26.36 12.36
C LEU A 158 27.66 -26.62 10.92
N PHE A 159 28.97 -26.79 10.71
CA PHE A 159 29.52 -27.00 9.38
C PHE A 159 28.95 -28.28 8.74
N ALA A 160 28.82 -29.33 9.54
CA ALA A 160 28.26 -30.59 9.05
C ALA A 160 26.81 -30.40 8.59
N SER A 161 26.05 -29.61 9.35
CA SER A 161 24.66 -29.27 9.03
C SER A 161 24.60 -28.43 7.76
N VAL A 162 25.46 -27.41 7.68
CA VAL A 162 25.54 -26.58 6.46
C VAL A 162 25.95 -27.40 5.23
N ASP A 163 26.98 -28.24 5.36
CA ASP A 163 27.38 -29.11 4.27
C ASP A 163 26.24 -29.94 3.69
N ALA A 164 25.42 -30.51 4.58
CA ALA A 164 24.28 -31.32 4.16
C ALA A 164 23.33 -30.48 3.32
N LEU A 165 23.06 -29.25 3.74
CA LEU A 165 22.13 -28.42 2.97
C LEU A 165 22.73 -27.99 1.62
N ILE A 166 24.03 -27.69 1.60
CA ILE A 166 24.71 -27.36 0.35
C ILE A 166 24.66 -28.58 -0.61
N ALA A 167 24.84 -29.78 -0.06
CA ALA A 167 24.74 -31.02 -0.83
C ALA A 167 23.33 -31.23 -1.41
N GLN A 168 22.32 -30.70 -0.73
CA GLN A 168 20.93 -30.74 -1.19
C GLN A 168 20.63 -29.70 -2.27
N GLY A 169 21.55 -28.75 -2.45
CA GLY A 169 21.42 -27.76 -3.51
C GLY A 169 20.92 -26.42 -3.03
N TYR A 170 20.85 -26.24 -1.72
CA TYR A 170 20.51 -24.93 -1.15
C TYR A 170 21.60 -23.89 -1.36
N ARG A 171 21.20 -22.71 -1.80
CA ARG A 171 22.13 -21.58 -1.99
C ARG A 171 21.95 -20.54 -0.90
N HIS A 172 20.94 -20.76 -0.06
CA HIS A 172 20.58 -19.84 0.99
C HIS A 172 20.38 -20.69 2.23
N ILE A 173 21.09 -20.36 3.30
CA ILE A 173 20.98 -21.17 4.51
C ILE A 173 20.94 -20.28 5.73
N ARG A 174 19.97 -20.54 6.62
CA ARG A 174 19.87 -19.80 7.88
C ARG A 174 20.69 -20.55 8.94
N CYS A 175 21.70 -19.89 9.49
CA CYS A 175 22.66 -20.54 10.39
C CYS A 175 22.59 -20.02 11.82
N GLN A 176 22.68 -20.95 12.77
CA GLN A 176 22.80 -20.60 14.19
C GLN A 176 23.92 -21.39 14.84
N LEU A 177 24.76 -20.69 15.60
CA LEU A 177 25.81 -21.32 16.39
C LEU A 177 25.48 -21.24 17.87
N GLY A 178 25.52 -22.40 18.54
CA GLY A 178 25.18 -22.53 19.95
C GLY A 178 23.69 -22.67 20.16
N PHE A 179 23.28 -23.10 21.35
CA PHE A 179 21.85 -23.10 21.70
C PHE A 179 21.64 -22.27 22.97
N TYR A 180 20.50 -21.59 23.01
CA TYR A 180 20.26 -20.56 24.04
C TYR A 180 18.96 -20.84 24.76
N GLY A 181 19.09 -21.13 26.05
CA GLY A 181 17.96 -21.49 26.88
C GLY A 181 18.17 -22.81 27.57
N GLY A 182 18.90 -22.79 28.68
CA GLY A 182 19.09 -23.98 29.52
C GLY A 182 18.87 -23.71 30.99
N THR A 183 19.56 -24.50 31.82
CA THR A 183 19.48 -24.34 33.25
C THR A 183 20.28 -23.11 33.67
N PRO A 184 19.84 -22.42 34.75
CA PRO A 184 20.57 -21.27 35.28
C PRO A 184 21.99 -21.60 35.76
N SER A 185 22.20 -22.84 36.24
CA SER A 185 23.51 -23.24 36.77
C SER A 185 24.64 -23.19 35.73
N ALA A 186 24.27 -23.11 34.45
CA ALA A 186 25.23 -22.98 33.34
C ALA A 186 25.77 -21.55 33.22
N LEU A 187 25.08 -20.62 33.87
CA LEU A 187 25.46 -19.20 33.85
C LEU A 187 25.76 -18.73 35.27
N HIS A 188 26.28 -17.50 35.39
CA HIS A 188 26.41 -16.86 36.71
CA HIS A 188 26.42 -16.86 36.70
C HIS A 188 25.06 -16.27 37.07
N ALA A 189 24.21 -17.11 37.65
CA ALA A 189 22.83 -16.74 37.96
C ALA A 189 22.71 -16.52 39.47
N PRO A 190 21.64 -15.81 39.90
CA PRO A 190 21.43 -15.59 41.31
C PRO A 190 21.08 -16.88 42.06
N ASP A 191 21.30 -16.86 43.37
CA ASP A 191 20.79 -17.91 44.26
C ASP A 191 19.28 -18.07 44.10
N ASN A 192 18.81 -19.31 44.28
CA ASN A 192 17.39 -19.66 44.17
C ASN A 192 16.73 -19.19 42.86
N PRO A 193 17.33 -19.53 41.71
CA PRO A 193 16.83 -19.05 40.41
C PRO A 193 15.44 -19.57 40.08
N THR A 194 14.62 -18.75 39.43
CA THR A 194 13.28 -19.18 38.98
C THR A 194 13.42 -20.07 37.75
N PRO A 195 12.68 -21.21 37.69
CA PRO A 195 12.74 -22.05 36.50
C PRO A 195 12.45 -21.32 35.18
N GLY A 196 13.13 -21.72 34.12
CA GLY A 196 12.98 -21.11 32.80
C GLY A 196 14.09 -21.53 31.86
N ALA A 197 14.09 -20.96 30.67
CA ALA A 197 15.13 -21.22 29.68
C ALA A 197 16.12 -20.04 29.74
N TRP A 198 17.19 -20.21 30.53
CA TRP A 198 18.12 -19.12 30.82
C TRP A 198 19.19 -19.00 29.76
N PHE A 199 19.51 -17.76 29.38
CA PHE A 199 20.56 -17.53 28.40
C PHE A 199 21.22 -16.16 28.65
N ASP A 200 22.37 -15.96 27.99
CA ASP A 200 23.18 -14.76 28.15
C ASP A 200 23.31 -14.07 26.80
N GLN A 201 22.78 -12.83 26.70
CA GLN A 201 22.75 -12.09 25.43
C GLN A 201 24.14 -11.81 24.88
N GLN A 202 25.09 -11.55 25.79
CA GLN A 202 26.47 -11.22 25.43
C GLN A 202 27.16 -12.42 24.76
N GLU A 203 26.93 -13.60 25.30
CA GLU A 203 27.41 -14.87 24.74
C GLU A 203 26.76 -15.15 23.39
N TYR A 204 25.43 -14.99 23.32
CA TYR A 204 24.72 -15.17 22.06
C TYR A 204 25.30 -14.25 20.96
N MET A 205 25.46 -12.96 21.29
CA MET A 205 25.99 -11.97 20.32
C MET A 205 27.39 -12.35 19.84
N SER A 206 28.30 -12.60 20.79
CA SER A 206 29.70 -12.92 20.41
C SER A 206 29.85 -14.24 19.64
N ASN A 207 29.05 -15.24 19.98
CA ASN A 207 29.02 -16.49 19.19
C ASN A 207 28.53 -16.27 17.76
N THR A 208 27.54 -15.41 17.58
CA THR A 208 26.97 -15.12 16.28
C THR A 208 27.96 -14.37 15.36
N VAL A 209 28.66 -13.38 15.93
CA VAL A 209 29.71 -12.68 15.20
C VAL A 209 30.82 -13.69 14.79
N GLU A 210 31.26 -14.49 15.76
N GLU A 210 31.27 -14.50 15.75
CA GLU A 210 32.24 -15.56 15.52
CA GLU A 210 32.27 -15.53 15.47
C GLU A 210 31.78 -16.47 14.38
C GLU A 210 31.79 -16.51 14.40
N MET A 211 30.50 -16.83 14.41
CA MET A 211 29.89 -17.73 13.42
C MET A 211 29.99 -17.20 12.00
N PHE A 212 29.53 -15.97 11.80
CA PHE A 212 29.63 -15.33 10.49
C PHE A 212 31.08 -15.27 9.96
N HIS A 213 32.03 -14.89 10.81
CA HIS A 213 33.43 -14.86 10.39
C HIS A 213 33.89 -16.26 9.93
N ALA A 214 33.56 -17.27 10.74
CA ALA A 214 33.98 -18.64 10.48
C ALA A 214 33.33 -19.23 9.23
N LEU A 215 32.06 -18.89 9.02
CA LEU A 215 31.33 -19.33 7.83
C LEU A 215 31.91 -18.71 6.56
N ARG A 216 32.28 -17.43 6.63
CA ARG A 216 32.92 -16.78 5.47
C ARG A 216 34.31 -17.37 5.17
N GLU A 217 35.11 -17.59 6.21
CA GLU A 217 36.42 -18.25 6.03
C GLU A 217 36.29 -19.64 5.40
N LYS A 218 35.26 -20.38 5.79
CA LYS A 218 35.06 -21.75 5.32
C LYS A 218 34.41 -21.87 3.93
N TYR A 219 33.31 -21.15 3.71
CA TYR A 219 32.49 -21.31 2.49
C TYR A 219 32.64 -20.20 1.44
N GLY A 220 33.30 -19.12 1.81
CA GLY A 220 33.47 -18.00 0.87
C GLY A 220 32.24 -17.10 0.84
N TRP A 221 32.18 -16.26 -0.18
CA TRP A 221 31.32 -15.06 -0.17
C TRP A 221 30.10 -15.12 -1.12
N LYS A 222 29.91 -16.29 -1.74
CA LYS A 222 28.77 -16.51 -2.64
C LYS A 222 27.56 -17.08 -1.91
N LEU A 223 27.81 -17.97 -0.98
CA LEU A 223 26.75 -18.51 -0.12
C LEU A 223 25.91 -17.40 0.56
N HIS A 224 24.59 -17.48 0.44
CA HIS A 224 23.72 -16.54 1.14
C HIS A 224 23.44 -17.09 2.55
N ILE A 225 23.80 -16.29 3.56
CA ILE A 225 23.76 -16.72 4.95
C ILE A 225 22.77 -15.84 5.67
N LEU A 226 21.75 -16.48 6.22
CA LEU A 226 20.71 -15.80 7.00
C LEU A 226 20.88 -16.10 8.48
N HIS A 227 20.41 -15.20 9.32
CA HIS A 227 20.47 -15.40 10.77
C HIS A 227 19.27 -14.79 11.48
N ASP A 228 18.70 -15.60 12.38
CA ASP A 228 17.50 -15.24 13.12
C ASP A 228 17.84 -14.87 14.56
N VAL A 229 17.79 -13.56 14.84
CA VAL A 229 18.05 -13.03 16.19
C VAL A 229 16.94 -13.46 17.17
N HIS A 230 15.73 -13.65 16.64
CA HIS A 230 14.59 -14.19 17.40
C HIS A 230 14.34 -13.37 18.67
N GLU A 231 14.41 -12.04 18.53
CA GLU A 231 14.06 -11.06 19.59
C GLU A 231 14.82 -11.22 20.90
N ARG A 232 16.02 -11.80 20.80
CA ARG A 232 16.84 -12.04 21.97
C ARG A 232 17.43 -10.80 22.64
N LEU A 233 17.36 -9.63 21.98
CA LEU A 233 18.23 -8.49 22.37
C LEU A 233 17.45 -7.27 22.83
N PHE A 234 18.11 -6.45 23.64
CA PHE A 234 17.61 -5.12 23.92
C PHE A 234 17.99 -4.19 22.78
N PRO A 235 17.39 -2.99 22.73
CA PRO A 235 17.59 -2.15 21.53
C PRO A 235 19.06 -1.81 21.15
N GLN A 236 19.88 -1.32 22.09
CA GLN A 236 21.28 -1.00 21.75
C GLN A 236 22.05 -2.24 21.28
N GLN A 237 21.73 -3.40 21.85
CA GLN A 237 22.38 -4.66 21.48
C GLN A 237 22.07 -5.02 20.04
N ALA A 238 20.84 -4.72 19.59
CA ALA A 238 20.45 -4.96 18.21
C ALA A 238 21.24 -4.03 17.30
N VAL A 239 21.33 -2.76 17.68
CA VAL A 239 22.13 -1.81 16.88
C VAL A 239 23.59 -2.28 16.74
N GLN A 240 24.20 -2.67 17.86
CA GLN A 240 25.59 -3.13 17.89
C GLN A 240 25.76 -4.38 17.03
N LEU A 241 24.88 -5.35 17.25
CA LEU A 241 24.97 -6.61 16.51
C LEU A 241 24.87 -6.37 15.00
N ALA A 242 23.92 -5.56 14.55
CA ALA A 242 23.82 -5.19 13.13
C ALA A 242 25.15 -4.62 12.58
N LYS A 243 25.81 -3.75 13.33
CA LYS A 243 27.11 -3.21 12.89
C LYS A 243 28.20 -4.27 12.83
N GLN A 244 28.20 -5.17 13.82
CA GLN A 244 29.24 -6.18 13.91
C GLN A 244 29.10 -7.24 12.81
N LEU A 245 27.88 -7.43 12.32
CA LEU A 245 27.60 -8.45 11.31
C LEU A 245 27.66 -7.91 9.89
N GLU A 246 27.61 -6.59 9.75
CA GLU A 246 27.71 -5.91 8.44
C GLU A 246 28.85 -6.41 7.52
N PRO A 247 30.10 -6.54 8.04
CA PRO A 247 31.18 -6.94 7.12
C PRO A 247 30.97 -8.31 6.47
N PHE A 248 30.10 -9.14 7.08
CA PHE A 248 29.96 -10.50 6.62
C PHE A 248 28.87 -10.66 5.57
N GLN A 249 28.20 -9.55 5.23
CA GLN A 249 27.17 -9.51 4.16
C GLN A 249 26.03 -10.53 4.32
N PRO A 250 25.31 -10.52 5.46
CA PRO A 250 24.18 -11.46 5.62
C PRO A 250 23.08 -11.20 4.58
N TYR A 251 22.37 -12.26 4.21
CA TYR A 251 21.25 -12.15 3.26
C TYR A 251 20.08 -11.46 3.94
N PHE A 252 19.79 -11.87 5.19
CA PHE A 252 19.08 -10.98 6.11
C PHE A 252 19.33 -11.33 7.56
N ILE A 253 19.14 -10.33 8.41
CA ILE A 253 19.16 -10.49 9.86
C ILE A 253 17.72 -10.32 10.33
N GLU A 254 17.18 -11.35 10.95
CA GLU A 254 15.77 -11.45 11.17
C GLU A 254 15.41 -11.21 12.65
N ASP A 255 14.28 -10.54 12.85
CA ASP A 255 13.72 -10.26 14.19
C ASP A 255 14.78 -9.76 15.17
N ILE A 256 15.47 -8.71 14.75
CA ILE A 256 16.53 -8.10 15.52
C ILE A 256 15.98 -7.39 16.77
N LEU A 257 14.70 -7.02 16.71
CA LEU A 257 13.97 -6.41 17.82
C LEU A 257 12.56 -7.03 17.93
N PRO A 258 11.98 -7.06 19.15
CA PRO A 258 10.58 -7.49 19.25
C PRO A 258 9.64 -6.45 18.64
N PRO A 259 8.39 -6.84 18.33
CA PRO A 259 7.43 -5.89 17.73
C PRO A 259 7.27 -4.56 18.48
N GLN A 260 7.22 -4.59 19.82
CA GLN A 260 6.99 -3.39 20.61
C GLN A 260 8.15 -2.40 20.67
N GLN A 261 9.32 -2.82 20.19
CA GLN A 261 10.46 -1.92 20.12
C GLN A 261 10.88 -1.64 18.67
N SER A 262 9.96 -1.92 17.73
CA SER A 262 10.27 -1.71 16.30
C SER A 262 10.67 -0.27 15.94
N ALA A 263 10.23 0.72 16.71
CA ALA A 263 10.65 2.10 16.46
C ALA A 263 12.19 2.23 16.46
N TRP A 264 12.86 1.40 17.25
CA TRP A 264 14.32 1.45 17.37
C TRP A 264 15.03 1.03 16.07
N LEU A 265 14.29 0.47 15.10
N LEU A 265 14.28 0.47 15.12
CA LEU A 265 14.89 0.12 13.81
CA LEU A 265 14.83 0.13 13.81
C LEU A 265 15.41 1.35 13.09
C LEU A 265 15.42 1.34 13.12
N GLU A 266 14.91 2.53 13.47
CA GLU A 266 15.43 3.79 12.94
C GLU A 266 16.91 3.91 13.32
N GLN A 267 17.28 3.45 14.52
CA GLN A 267 18.69 3.52 14.96
C GLN A 267 19.54 2.46 14.29
N VAL A 268 19.00 1.25 14.14
CA VAL A 268 19.69 0.20 13.39
C VAL A 268 19.98 0.71 11.99
N ARG A 269 18.97 1.28 11.32
CA ARG A 269 19.14 1.83 9.97
C ARG A 269 20.25 2.88 9.92
N GLN A 270 20.33 3.70 10.97
CA GLN A 270 21.35 4.78 11.03
C GLN A 270 22.78 4.21 11.07
N GLN A 271 22.93 3.02 11.64
CA GLN A 271 24.25 2.46 11.94
C GLN A 271 24.73 1.33 11.03
N SER A 272 23.84 0.79 10.20
CA SER A 272 24.16 -0.42 9.46
C SER A 272 23.35 -0.59 8.16
N CYS A 273 24.00 -1.17 7.16
CA CYS A 273 23.32 -1.48 5.91
C CYS A 273 22.86 -2.96 5.80
N VAL A 274 22.87 -3.71 6.90
CA VAL A 274 22.43 -5.13 6.84
C VAL A 274 20.95 -5.26 6.43
N PRO A 275 20.61 -6.30 5.64
CA PRO A 275 19.20 -6.45 5.29
C PRO A 275 18.44 -6.92 6.52
N LEU A 276 17.24 -6.38 6.70
CA LEU A 276 16.47 -6.59 7.92
C LEU A 276 15.13 -7.22 7.58
N ALA A 277 14.82 -8.31 8.26
CA ALA A 277 13.57 -9.02 8.10
C ALA A 277 12.84 -9.05 9.43
N LEU A 278 11.53 -8.83 9.39
CA LEU A 278 10.73 -8.77 10.62
CA LEU A 278 10.73 -8.77 10.62
C LEU A 278 9.30 -9.15 10.30
N GLY A 279 8.61 -9.73 11.28
CA GLY A 279 7.16 -9.87 11.15
C GLY A 279 6.49 -11.22 11.39
N GLU A 280 7.23 -12.29 11.65
CA GLU A 280 6.54 -13.57 11.88
C GLU A 280 5.56 -13.48 13.07
N LEU A 281 5.85 -12.60 14.00
CA LEU A 281 4.99 -12.39 15.17
C LEU A 281 3.74 -11.54 14.92
N PHE A 282 3.62 -10.91 13.74
CA PHE A 282 2.53 -9.94 13.56
C PHE A 282 1.16 -10.58 13.47
N ASN A 283 0.20 -9.98 14.15
CA ASN A 283 -1.21 -10.36 14.01
C ASN A 283 -2.16 -9.17 14.17
N ASN A 284 -1.68 -7.97 13.85
CA ASN A 284 -2.47 -6.74 13.91
C ASN A 284 -1.81 -5.73 12.97
N PRO A 285 -2.59 -5.09 12.07
CA PRO A 285 -1.96 -4.21 11.10
C PRO A 285 -1.21 -3.01 11.70
N ALA A 286 -1.53 -2.64 12.93
CA ALA A 286 -0.84 -1.53 13.59
C ALA A 286 0.61 -1.88 13.82
N GLU A 287 0.92 -3.18 13.81
CA GLU A 287 2.29 -3.64 13.98
C GLU A 287 3.18 -3.43 12.77
N TRP A 288 2.59 -3.46 11.57
CA TRP A 288 3.37 -3.38 10.33
C TRP A 288 3.29 -2.05 9.59
N HIS A 289 2.22 -1.28 9.80
CA HIS A 289 2.00 -0.07 8.97
C HIS A 289 3.19 0.89 9.02
N ASP A 290 3.51 1.37 10.22
CA ASP A 290 4.61 2.32 10.35
C ASP A 290 5.98 1.80 9.88
N LEU A 291 6.32 0.55 10.15
CA LEU A 291 7.64 0.08 9.75
CA LEU A 291 7.61 -0.01 9.74
C LEU A 291 7.74 -0.05 8.22
N ILE A 292 6.63 -0.37 7.55
CA ILE A 292 6.65 -0.43 6.09
C ILE A 292 6.79 0.98 5.52
N VAL A 293 5.94 1.90 6.00
CA VAL A 293 5.87 3.25 5.47
C VAL A 293 7.17 4.00 5.65
N ASN A 294 7.93 3.62 6.67
CA ASN A 294 9.19 4.27 6.93
C ASN A 294 10.40 3.45 6.46
N ARG A 295 10.12 2.37 5.70
CA ARG A 295 11.16 1.59 5.02
C ARG A 295 12.21 1.05 6.03
N ARG A 296 11.69 0.64 7.19
CA ARG A 296 12.49 0.19 8.32
C ARG A 296 12.85 -1.28 8.21
N ILE A 297 12.28 -1.95 7.20
CA ILE A 297 12.59 -3.36 6.93
C ILE A 297 12.74 -3.57 5.43
N ASP A 298 13.47 -4.63 5.07
CA ASP A 298 13.72 -4.98 3.68
C ASP A 298 12.85 -6.16 3.24
N PHE A 299 12.52 -7.02 4.21
CA PHE A 299 11.71 -8.22 4.02
C PHE A 299 10.68 -8.24 5.13
N ILE A 300 9.42 -8.50 4.76
CA ILE A 300 8.36 -8.78 5.72
C ILE A 300 8.24 -10.31 5.92
N ARG A 301 8.06 -10.73 7.18
CA ARG A 301 8.11 -12.16 7.51
C ARG A 301 6.82 -12.73 8.05
N CYS A 302 5.69 -12.09 7.75
CA CYS A 302 4.40 -12.54 8.31
C CYS A 302 4.08 -14.02 8.05
N HIS A 303 3.46 -14.62 9.06
CA HIS A 303 2.88 -15.95 8.97
C HIS A 303 1.47 -15.72 8.47
N VAL A 304 1.17 -16.27 7.29
CA VAL A 304 -0.06 -15.92 6.60
C VAL A 304 -1.31 -16.16 7.46
N SER A 305 -1.36 -17.30 8.15
CA SER A 305 -2.53 -17.57 9.01
C SER A 305 -2.68 -16.60 10.21
N GLN A 306 -1.54 -16.05 10.67
CA GLN A 306 -1.51 -15.07 11.76
C GLN A 306 -2.11 -13.73 11.32
N ILE A 307 -2.11 -13.45 10.02
CA ILE A 307 -2.61 -12.13 9.57
C ILE A 307 -4.01 -12.26 8.95
N GLY A 308 -4.58 -13.45 9.11
CA GLY A 308 -5.95 -13.70 8.71
C GLY A 308 -6.16 -14.32 7.33
N GLY A 309 -5.10 -14.86 6.73
CA GLY A 309 -5.25 -15.67 5.52
C GLY A 309 -4.77 -15.03 4.20
N ILE A 310 -5.16 -15.65 3.08
CA ILE A 310 -4.75 -15.15 1.73
C ILE A 310 -5.29 -13.76 1.43
N THR A 311 -6.57 -13.52 1.72
CA THR A 311 -7.22 -12.25 1.43
C THR A 311 -6.42 -11.07 1.96
N PRO A 312 -6.07 -11.08 3.27
CA PRO A 312 -5.26 -9.95 3.75
C PRO A 312 -3.77 -10.01 3.33
N ALA A 313 -3.25 -11.20 3.07
CA ALA A 313 -1.83 -11.32 2.66
C ALA A 313 -1.58 -10.67 1.29
N LEU A 314 -2.56 -10.77 0.40
CA LEU A 314 -2.45 -10.13 -0.92
C LEU A 314 -2.37 -8.61 -0.79
N LYS A 315 -3.24 -8.04 0.06
CA LYS A 315 -3.26 -6.58 0.25
C LYS A 315 -1.95 -6.12 0.87
N LEU A 316 -1.46 -6.86 1.87
CA LEU A 316 -0.19 -6.55 2.58
C LEU A 316 0.98 -6.60 1.61
N ALA A 317 1.02 -7.66 0.78
CA ALA A 317 2.09 -7.80 -0.20
C ALA A 317 2.09 -6.58 -1.12
N HIS A 318 0.90 -6.09 -1.46
CA HIS A 318 0.77 -4.92 -2.32
C HIS A 318 1.15 -3.61 -1.67
N LEU A 319 0.86 -3.49 -0.37
CA LEU A 319 1.37 -2.35 0.41
C LEU A 319 2.90 -2.38 0.43
N CYS A 320 3.47 -3.54 0.74
CA CYS A 320 4.93 -3.72 0.71
C CYS A 320 5.54 -3.30 -0.65
N GLN A 321 4.93 -3.76 -1.73
CA GLN A 321 5.43 -3.46 -3.06
C GLN A 321 5.58 -1.96 -3.26
N ALA A 322 4.61 -1.17 -2.75
CA ALA A 322 4.59 0.27 -2.96
C ALA A 322 5.75 0.99 -2.31
N PHE A 323 6.32 0.32 -1.32
CA PHE A 323 7.45 0.87 -0.58
C PHE A 323 8.76 0.11 -0.83
N GLY A 324 8.74 -0.82 -1.79
CA GLY A 324 9.94 -1.58 -2.15
C GLY A 324 10.34 -2.67 -1.18
N VAL A 325 9.41 -3.07 -0.32
CA VAL A 325 9.65 -4.12 0.68
C VAL A 325 9.36 -5.47 0.05
N ARG A 326 10.26 -6.44 0.26
CA ARG A 326 10.13 -7.78 -0.33
CA ARG A 326 10.14 -7.79 -0.33
C ARG A 326 9.49 -8.78 0.64
N LEU A 327 9.03 -9.92 0.12
CA LEU A 327 8.30 -10.93 0.92
C LEU A 327 9.14 -12.16 1.31
N ALA A 328 9.07 -12.54 2.59
CA ALA A 328 9.69 -13.78 3.05
C ALA A 328 8.76 -14.38 4.11
N TRP A 329 7.58 -14.82 3.65
CA TRP A 329 6.55 -15.34 4.59
C TRP A 329 7.11 -16.43 5.54
N HIS A 330 6.63 -16.43 6.78
CA HIS A 330 7.05 -17.45 7.76
C HIS A 330 6.70 -18.83 7.22
N GLY A 331 7.65 -19.76 7.27
CA GLY A 331 7.40 -21.15 6.88
C GLY A 331 8.05 -22.16 7.81
N PRO A 332 7.60 -22.19 9.09
CA PRO A 332 8.23 -23.10 10.02
C PRO A 332 7.57 -24.50 9.94
N GLY A 333 8.13 -25.46 10.68
CA GLY A 333 7.49 -26.76 10.81
C GLY A 333 6.09 -26.72 11.43
N ASP A 334 5.82 -25.67 12.22
CA ASP A 334 4.49 -25.50 12.83
C ASP A 334 3.50 -24.80 11.89
N MET A 335 3.08 -25.53 10.87
CA MET A 335 2.17 -25.03 9.83
C MET A 335 1.88 -26.25 9.02
N THR A 336 0.64 -26.39 8.56
CA THR A 336 0.29 -27.54 7.74
C THR A 336 0.94 -27.42 6.38
N PRO A 337 1.05 -28.55 5.68
CA PRO A 337 1.49 -28.51 4.29
C PRO A 337 0.55 -27.66 3.42
N ILE A 338 -0.70 -27.49 3.88
CA ILE A 338 -1.61 -26.56 3.18
C ILE A 338 -1.02 -25.15 3.18
N GLY A 339 -0.47 -24.74 4.32
CA GLY A 339 0.09 -23.42 4.50
C GLY A 339 1.37 -23.28 3.70
N VAL A 340 2.15 -24.36 3.67
CA VAL A 340 3.33 -24.43 2.83
C VAL A 340 2.92 -24.14 1.39
N ALA A 341 1.87 -24.79 0.92
CA ALA A 341 1.41 -24.61 -0.47
C ALA A 341 0.96 -23.18 -0.74
N VAL A 342 0.18 -22.61 0.18
CA VAL A 342 -0.30 -21.23 0.06
C VAL A 342 0.87 -20.25 0.00
N ASN A 343 1.91 -20.49 0.81
CA ASN A 343 3.13 -19.65 0.71
C ASN A 343 3.68 -19.70 -0.72
N THR A 344 3.75 -20.91 -1.29
CA THR A 344 4.31 -21.13 -2.63
C THR A 344 3.49 -20.40 -3.70
N HIS A 345 2.17 -20.58 -3.68
CA HIS A 345 1.26 -19.88 -4.60
C HIS A 345 1.46 -18.38 -4.55
N LEU A 346 1.45 -17.83 -3.35
CA LEU A 346 1.73 -16.42 -3.17
C LEU A 346 3.10 -16.05 -3.71
N ASN A 347 4.09 -16.91 -3.48
CA ASN A 347 5.47 -16.61 -3.88
C ASN A 347 5.68 -16.68 -5.39
N ILE A 348 4.94 -17.56 -6.06
CA ILE A 348 5.08 -17.67 -7.50
C ILE A 348 4.40 -16.48 -8.18
N HIS A 349 3.28 -16.02 -7.63
CA HIS A 349 2.56 -14.90 -8.24
C HIS A 349 3.15 -13.52 -7.94
N LEU A 350 3.38 -13.23 -6.66
CA LEU A 350 3.67 -11.85 -6.24
C LEU A 350 5.06 -11.39 -6.69
N HIS A 351 5.12 -10.27 -7.40
CA HIS A 351 6.39 -9.81 -8.00
C HIS A 351 7.53 -9.54 -7.00
N ASN A 352 7.16 -8.99 -5.84
CA ASN A 352 8.11 -8.65 -4.76
C ASN A 352 8.42 -9.82 -3.79
N ALA A 353 8.00 -11.04 -4.12
CA ALA A 353 8.34 -12.21 -3.29
C ALA A 353 9.83 -12.43 -3.47
N ALA A 354 10.54 -12.80 -2.39
CA ALA A 354 11.99 -12.98 -2.46
C ALA A 354 12.44 -14.42 -2.19
N ILE A 355 11.85 -15.04 -1.16
CA ILE A 355 12.38 -16.32 -0.69
C ILE A 355 11.34 -17.10 0.13
N GLN A 356 11.43 -18.41 0.03
CA GLN A 356 10.60 -19.32 0.82
C GLN A 356 11.42 -20.11 1.83
N GLU A 357 11.30 -19.70 3.10
CA GLU A 357 11.70 -20.53 4.22
C GLU A 357 11.00 -21.89 4.07
N PHE A 358 11.79 -22.95 4.05
CA PHE A 358 11.27 -24.30 3.85
C PHE A 358 11.91 -25.27 4.85
N ILE A 359 11.06 -26.00 5.56
CA ILE A 359 11.46 -27.04 6.48
C ILE A 359 10.94 -28.38 5.96
N PRO A 360 11.83 -29.40 5.82
CA PRO A 360 11.38 -30.67 5.25
C PRO A 360 10.28 -31.34 6.10
N ARG A 361 9.46 -32.16 5.45
CA ARG A 361 8.34 -32.84 6.10
C ARG A 361 8.57 -34.35 6.12
N SER A 362 8.11 -35.02 7.17
CA SER A 362 8.22 -36.46 7.27
C SER A 362 7.18 -37.15 6.37
N ALA A 363 7.37 -38.44 6.12
CA ALA A 363 6.42 -39.24 5.36
C ALA A 363 4.98 -39.13 5.91
N THR A 364 4.83 -39.19 7.24
CA THR A 364 3.50 -39.22 7.86
C THR A 364 2.78 -37.90 7.63
N THR A 365 3.53 -36.81 7.77
CA THR A 365 3.00 -35.47 7.51
C THR A 365 2.48 -35.39 6.08
N ASN A 366 3.27 -35.89 5.12
CA ASN A 366 2.87 -35.88 3.72
C ASN A 366 1.69 -36.77 3.39
N ASP A 367 1.54 -37.86 4.13
CA ASP A 367 0.42 -38.77 3.94
C ASP A 367 -0.87 -38.17 4.45
N VAL A 368 -0.80 -37.41 5.54
CA VAL A 368 -1.96 -36.74 6.09
C VAL A 368 -2.42 -35.58 5.19
N PHE A 369 -1.46 -34.89 4.59
CA PHE A 369 -1.74 -33.72 3.76
C PHE A 369 -1.00 -33.84 2.41
N PRO A 370 -1.49 -34.72 1.52
CA PRO A 370 -0.71 -35.01 0.29
C PRO A 370 -0.76 -33.89 -0.74
N GLY A 371 0.35 -33.71 -1.49
CA GLY A 371 0.38 -32.80 -2.63
C GLY A 371 1.10 -31.48 -2.45
N ALA A 372 1.63 -31.23 -1.26
CA ALA A 372 2.34 -29.98 -0.98
C ALA A 372 3.68 -29.90 -1.73
N PRO A 373 4.10 -28.66 -2.07
CA PRO A 373 5.34 -28.44 -2.82
C PRO A 373 6.58 -29.06 -2.19
N GLU A 374 7.53 -29.45 -3.03
CA GLU A 374 8.84 -29.93 -2.60
C GLU A 374 9.88 -28.91 -3.02
N VAL A 375 11.02 -28.90 -2.34
CA VAL A 375 12.17 -28.11 -2.78
C VAL A 375 13.04 -28.98 -3.69
N LYS A 376 13.44 -28.39 -4.81
CA LYS A 376 14.33 -29.06 -5.74
C LYS A 376 15.51 -28.17 -6.04
N GLU A 377 16.71 -28.58 -5.59
CA GLU A 377 17.94 -27.80 -5.80
C GLU A 377 17.75 -26.31 -5.46
N GLY A 378 17.19 -26.03 -4.30
CA GLY A 378 17.05 -24.67 -3.81
C GLY A 378 15.89 -23.85 -4.36
N PHE A 379 15.02 -24.49 -5.14
CA PHE A 379 13.88 -23.82 -5.76
C PHE A 379 12.58 -24.54 -5.44
N VAL A 380 11.50 -23.78 -5.31
CA VAL A 380 10.15 -24.36 -5.27
C VAL A 380 9.39 -23.90 -6.51
N TYR A 381 8.76 -24.85 -7.21
CA TYR A 381 8.18 -24.61 -8.52
C TYR A 381 6.67 -24.35 -8.47
N PRO A 382 6.10 -23.74 -9.54
CA PRO A 382 4.64 -23.51 -9.59
C PRO A 382 3.81 -24.79 -9.40
N PRO A 383 2.87 -24.80 -8.42
CA PRO A 383 1.98 -25.97 -8.30
C PRO A 383 1.13 -26.11 -9.56
N VAL A 384 0.64 -27.32 -9.84
CA VAL A 384 -0.03 -27.56 -11.11
C VAL A 384 -1.50 -27.98 -10.96
N GLN A 385 -1.90 -28.45 -9.77
CA GLN A 385 -3.29 -28.90 -9.56
C GLN A 385 -4.19 -27.69 -9.32
N PRO A 386 -5.51 -27.83 -9.57
CA PRO A 386 -6.43 -26.72 -9.25
C PRO A 386 -6.50 -26.48 -7.74
N GLY A 387 -6.77 -25.22 -7.37
CA GLY A 387 -6.85 -24.80 -5.96
C GLY A 387 -5.50 -24.76 -5.28
N ILE A 388 -5.48 -25.00 -3.97
CA ILE A 388 -4.25 -25.07 -3.21
C ILE A 388 -3.44 -26.31 -3.61
N GLY A 389 -4.14 -27.41 -3.89
CA GLY A 389 -3.48 -28.66 -4.33
C GLY A 389 -2.99 -29.55 -3.21
N VAL A 390 -3.58 -29.40 -2.03
CA VAL A 390 -3.21 -30.19 -0.86
C VAL A 390 -4.50 -30.77 -0.27
N GLY A 391 -4.52 -32.09 -0.11
CA GLY A 391 -5.67 -32.78 0.44
C GLY A 391 -5.54 -32.95 1.94
N PHE A 392 -6.45 -33.75 2.51
CA PHE A 392 -6.49 -34.02 3.94
C PHE A 392 -7.08 -35.38 4.18
N ASN A 393 -6.21 -36.30 4.58
CA ASN A 393 -6.56 -37.69 4.85
C ASN A 393 -7.08 -37.72 6.30
N GLU A 394 -8.39 -37.55 6.43
CA GLU A 394 -9.05 -37.50 7.75
C GLU A 394 -8.79 -38.72 8.65
N ALA A 395 -8.87 -39.93 8.08
CA ALA A 395 -8.62 -41.15 8.86
C ALA A 395 -7.18 -41.21 9.39
N LEU A 396 -6.20 -40.85 8.58
CA LEU A 396 -4.83 -40.86 9.08
C LEU A 396 -4.62 -39.72 10.11
N ALA A 397 -5.33 -38.61 9.93
CA ALA A 397 -5.29 -37.50 10.88
C ALA A 397 -5.83 -37.89 12.28
N LEU A 398 -6.96 -38.60 12.32
CA LEU A 398 -7.54 -39.04 13.59
C LEU A 398 -6.63 -40.04 14.32
N ALA A 399 -5.74 -40.70 13.58
CA ALA A 399 -4.74 -41.61 14.14
C ALA A 399 -3.57 -40.88 14.80
N HIS A 400 -3.47 -39.57 14.56
CA HIS A 400 -2.42 -38.74 15.15
C HIS A 400 -3.06 -37.55 15.88
N PRO A 401 -3.58 -37.79 17.09
CA PRO A 401 -4.30 -36.70 17.76
C PRO A 401 -3.36 -35.69 18.42
N VAL A 402 -3.95 -34.59 18.88
CA VAL A 402 -3.25 -33.54 19.60
C VAL A 402 -2.54 -34.11 20.82
N LEU A 403 -1.37 -33.53 21.12
CA LEU A 403 -0.60 -33.85 22.33
C LEU A 403 -0.22 -32.55 23.01
N TYR A 404 -0.55 -32.40 24.28
CA TYR A 404 -0.18 -31.21 25.02
C TYR A 404 1.34 -31.13 25.11
N ARG A 405 1.89 -29.95 24.85
CA ARG A 405 3.32 -29.71 24.94
C ARG A 405 3.61 -28.46 25.78
N PRO A 406 4.64 -28.52 26.64
CA PRO A 406 4.90 -27.39 27.55
C PRO A 406 5.65 -26.19 26.91
N HIS A 407 6.28 -26.39 25.75
CA HIS A 407 7.03 -25.32 25.05
C HIS A 407 7.91 -24.50 26.00
N GLU A 408 8.80 -25.19 26.73
CA GLU A 408 9.55 -24.59 27.82
C GLU A 408 10.36 -23.37 27.37
N TRP A 409 10.75 -23.36 26.11
CA TRP A 409 11.56 -22.26 25.55
C TRP A 409 10.88 -20.88 25.58
N THR A 410 9.55 -20.84 25.67
CA THR A 410 8.88 -19.53 25.73
C THR A 410 9.04 -18.83 27.08
N GLN A 411 9.60 -19.56 28.06
CA GLN A 411 9.89 -18.99 29.37
C GLN A 411 11.35 -18.53 29.44
N SER A 412 11.70 -17.63 28.54
CA SER A 412 13.08 -17.21 28.32
C SER A 412 13.50 -16.19 29.38
N ARG A 413 14.62 -16.46 30.04
CA ARG A 413 15.10 -15.60 31.12
C ARG A 413 16.56 -15.22 30.93
N LEU A 414 16.86 -13.96 31.27
CA LEU A 414 18.20 -13.40 31.22
C LEU A 414 18.99 -13.82 32.46
N PRO A 415 20.29 -13.48 32.53
CA PRO A 415 21.11 -14.03 33.63
C PRO A 415 20.71 -13.57 35.05
N ASP A 416 19.82 -12.58 35.17
CA ASP A 416 19.28 -12.20 36.49
C ASP A 416 17.86 -12.77 36.77
N GLY A 417 17.32 -13.53 35.82
CA GLY A 417 15.98 -14.09 35.95
C GLY A 417 14.85 -13.36 35.23
N THR A 418 15.18 -12.23 34.61
CA THR A 418 14.16 -11.42 33.94
C THR A 418 13.56 -12.17 32.74
N ILE A 419 12.22 -12.18 32.66
CA ILE A 419 11.57 -12.63 31.41
C ILE A 419 12.00 -11.75 30.25
N HIS A 420 12.37 -12.39 29.14
CA HIS A 420 12.62 -11.67 27.92
C HIS A 420 11.71 -12.23 26.84
N THR A 421 11.42 -11.40 25.83
CA THR A 421 10.65 -11.84 24.67
C THR A 421 11.35 -13.05 24.04
N PRO A 422 10.65 -14.21 23.96
CA PRO A 422 11.25 -15.49 23.62
C PRO A 422 11.50 -15.68 22.11
N MET B 24 11.10 43.57 -34.74
CA MET B 24 11.00 42.10 -35.04
C MET B 24 9.56 41.73 -35.35
N THR B 25 9.39 40.88 -36.36
CA THR B 25 8.08 40.50 -36.90
C THR B 25 7.76 39.02 -36.63
N PRO B 26 6.46 38.64 -36.72
CA PRO B 26 6.08 37.25 -36.45
C PRO B 26 6.74 36.30 -37.44
N VAL B 27 7.21 35.18 -36.89
CA VAL B 27 7.84 34.16 -37.70
C VAL B 27 6.85 32.99 -37.69
N ILE B 28 6.21 32.79 -38.83
CA ILE B 28 5.04 31.92 -38.96
C ILE B 28 5.44 30.51 -39.41
N ILE B 29 5.05 29.52 -38.59
CA ILE B 29 5.29 28.10 -38.85
C ILE B 29 4.54 27.69 -40.12
N LYS B 30 5.30 27.14 -41.06
CA LYS B 30 4.78 26.69 -42.35
C LYS B 30 4.48 25.19 -42.30
N ASN B 31 5.42 24.41 -41.78
CA ASN B 31 5.20 22.97 -41.64
C ASN B 31 5.98 22.42 -40.46
N ILE B 32 5.63 21.20 -40.03
CA ILE B 32 6.41 20.44 -39.05
C ILE B 32 6.51 18.98 -39.55
N GLU B 33 7.73 18.50 -39.69
CA GLU B 33 8.01 17.17 -40.20
C GLU B 33 8.78 16.34 -39.18
N CYS B 34 8.64 15.03 -39.28
CA CYS B 34 9.36 14.10 -38.43
C CYS B 34 10.00 13.03 -39.30
N PHE B 35 11.28 12.78 -39.05
CA PHE B 35 12.06 11.79 -39.79
C PHE B 35 12.66 10.81 -38.80
N ILE B 36 12.64 9.53 -39.19
CA ILE B 36 13.35 8.50 -38.46
C ILE B 36 14.49 8.02 -39.35
N THR B 37 15.70 8.02 -38.81
CA THR B 37 16.88 7.62 -39.56
C THR B 37 17.84 6.84 -38.71
N ARG B 38 18.47 5.85 -39.32
CA ARG B 38 19.41 5.00 -38.62
C ARG B 38 20.72 4.98 -39.39
N PRO B 39 21.54 6.04 -39.24
CA PRO B 39 22.79 6.08 -40.01
C PRO B 39 23.81 5.09 -39.46
N ASP B 40 23.58 4.62 -38.23
CA ASP B 40 24.52 3.72 -37.59
C ASP B 40 23.78 2.59 -36.85
N ARG B 41 23.79 2.62 -35.51
CA ARG B 41 23.22 1.55 -34.70
C ARG B 41 21.81 1.87 -34.18
N HIS B 42 21.50 3.16 -34.01
CA HIS B 42 20.29 3.54 -33.31
C HIS B 42 19.31 4.23 -34.22
N ASN B 43 18.03 3.91 -34.05
CA ASN B 43 16.94 4.69 -34.66
C ASN B 43 16.83 6.07 -34.01
N LEU B 44 17.09 7.10 -34.82
CA LEU B 44 17.09 8.46 -34.34
C LEU B 44 15.86 9.18 -34.90
N VAL B 45 15.33 10.13 -34.16
CA VAL B 45 14.15 10.86 -34.58
C VAL B 45 14.42 12.37 -34.52
N THR B 46 14.16 13.03 -35.64
N THR B 46 14.22 13.03 -35.66
CA THR B 46 14.40 14.47 -35.76
CA THR B 46 14.37 14.48 -35.73
C THR B 46 13.18 15.24 -36.27
C THR B 46 13.04 15.15 -36.09
N VAL B 47 12.91 16.40 -35.67
CA VAL B 47 11.77 17.23 -36.06
C VAL B 47 12.33 18.43 -36.82
N ARG B 48 11.72 18.75 -37.96
CA ARG B 48 12.10 19.89 -38.77
C ARG B 48 10.94 20.85 -38.79
N VAL B 49 11.17 22.08 -38.33
CA VAL B 49 10.16 23.13 -38.38
C VAL B 49 10.58 24.14 -39.42
N THR B 50 9.73 24.30 -40.42
CA THR B 50 9.95 25.27 -41.50
C THR B 50 9.03 26.47 -41.29
N THR B 51 9.45 27.63 -41.78
CA THR B 51 8.71 28.87 -41.54
C THR B 51 8.45 29.57 -42.86
N GLU B 52 7.46 30.46 -42.87
CA GLU B 52 7.11 31.21 -44.07
C GLU B 52 8.28 32.13 -44.48
N GLN B 53 9.06 32.54 -43.47
CA GLN B 53 10.23 33.41 -43.61
C GLN B 53 11.45 32.66 -44.12
N GLY B 54 11.37 31.33 -44.15
CA GLY B 54 12.43 30.50 -44.72
C GLY B 54 13.52 30.13 -43.74
N ILE B 55 13.24 30.31 -42.45
CA ILE B 55 14.22 29.92 -41.45
C ILE B 55 13.81 28.56 -40.92
N THR B 56 14.72 27.59 -41.07
CA THR B 56 14.43 26.21 -40.71
C THR B 56 15.13 25.82 -39.42
N GLY B 57 14.38 25.17 -38.53
CA GLY B 57 14.94 24.69 -37.26
C GLY B 57 14.84 23.17 -37.18
N HIS B 58 15.78 22.57 -36.46
CA HIS B 58 15.79 21.11 -36.25
C HIS B 58 15.88 20.77 -34.76
N GLY B 59 15.15 19.73 -34.36
CA GLY B 59 15.10 19.32 -32.97
C GLY B 59 15.24 17.82 -32.83
N CYS B 60 15.57 17.38 -31.61
CA CYS B 60 15.67 15.94 -31.29
C CYS B 60 14.42 15.45 -30.58
N ALA B 61 13.88 14.34 -31.09
CA ALA B 61 12.73 13.67 -30.48
C ALA B 61 13.06 12.19 -30.30
N THR B 62 14.32 11.88 -30.07
CA THR B 62 14.75 10.49 -30.11
C THR B 62 14.37 9.69 -28.84
N PHE B 63 13.40 8.80 -28.99
CA PHE B 63 13.06 7.77 -28.00
C PHE B 63 13.29 6.51 -28.81
N GLN B 64 14.51 5.95 -28.72
CA GLN B 64 14.94 4.94 -29.73
C GLN B 64 14.09 3.67 -29.79
N GLN B 65 13.49 3.30 -28.65
CA GLN B 65 12.72 2.07 -28.56
C GLN B 65 11.33 2.17 -29.13
N ARG B 66 10.82 3.39 -29.31
CA ARG B 66 9.46 3.58 -29.84
C ARG B 66 9.33 4.70 -30.91
N PRO B 67 10.27 4.75 -31.89
CA PRO B 67 10.34 5.90 -32.77
C PRO B 67 9.09 6.14 -33.63
N LEU B 68 8.43 5.05 -34.08
CA LEU B 68 7.28 5.19 -34.98
C LEU B 68 6.15 5.95 -34.31
N ALA B 69 5.96 5.68 -33.02
CA ALA B 69 4.94 6.35 -32.23
C ALA B 69 5.21 7.84 -32.07
N VAL B 70 6.49 8.20 -31.91
CA VAL B 70 6.88 9.62 -31.84
C VAL B 70 6.50 10.31 -33.15
N LYS B 71 6.82 9.65 -34.26
CA LYS B 71 6.47 10.15 -35.59
C LYS B 71 4.95 10.33 -35.74
N THR B 72 4.17 9.31 -35.35
CA THR B 72 2.71 9.46 -35.37
C THR B 72 2.27 10.72 -34.61
N LEU B 73 2.81 10.93 -33.41
CA LEU B 73 2.43 12.12 -32.63
C LEU B 73 2.72 13.41 -33.37
N VAL B 74 3.90 13.52 -33.94
CA VAL B 74 4.29 14.74 -34.66
C VAL B 74 3.50 14.94 -35.96
N ASP B 75 3.38 13.90 -36.77
CA ASP B 75 2.68 14.01 -38.06
C ASP B 75 1.17 14.19 -37.92
N GLU B 76 0.55 13.47 -36.99
CA GLU B 76 -0.92 13.45 -36.87
C GLU B 76 -1.50 14.46 -35.90
N TYR B 77 -0.68 14.98 -34.97
CA TYR B 77 -1.22 15.85 -33.92
C TYR B 77 -0.57 17.21 -33.78
N LEU B 78 0.76 17.25 -33.71
CA LEU B 78 1.45 18.52 -33.45
C LEU B 78 1.52 19.33 -34.75
N GLN B 79 1.67 18.66 -35.90
CA GLN B 79 1.67 19.41 -37.16
C GLN B 79 0.37 20.23 -37.34
N PRO B 80 -0.82 19.56 -37.32
CA PRO B 80 -2.02 20.39 -37.51
C PRO B 80 -2.29 21.41 -36.41
N LEU B 81 -1.94 21.08 -35.18
CA LEU B 81 -2.01 22.06 -34.08
C LEU B 81 -1.19 23.33 -34.35
N MET B 82 0.01 23.14 -34.90
CA MET B 82 1.05 24.19 -34.83
C MET B 82 1.17 25.09 -36.07
N ILE B 83 0.80 24.59 -37.24
CA ILE B 83 0.95 25.38 -38.47
C ILE B 83 0.18 26.70 -38.39
N GLY B 84 0.86 27.78 -38.77
CA GLY B 84 0.22 29.09 -38.76
C GLY B 84 0.53 29.92 -37.54
N ARG B 85 1.05 29.28 -36.48
CA ARG B 85 1.36 30.00 -35.24
C ARG B 85 2.70 30.74 -35.31
N ASP B 86 2.87 31.73 -34.44
CA ASP B 86 4.09 32.53 -34.39
C ASP B 86 5.19 31.83 -33.57
N ALA B 87 6.24 31.41 -34.27
CA ALA B 87 7.37 30.67 -33.68
C ALA B 87 8.18 31.42 -32.63
N ASN B 88 8.04 32.75 -32.61
CA ASN B 88 8.82 33.58 -31.72
C ASN B 88 8.51 33.27 -30.26
N ASN B 89 7.25 32.92 -29.99
CA ASN B 89 6.76 32.79 -28.64
C ASN B 89 6.90 31.35 -28.14
N ILE B 90 8.15 30.96 -27.90
CA ILE B 90 8.45 29.57 -27.56
C ILE B 90 7.77 29.20 -26.24
N GLU B 91 7.77 30.13 -25.30
CA GLU B 91 7.20 29.83 -24.00
C GLU B 91 5.69 29.54 -24.11
N ASP B 92 4.93 30.37 -24.81
CA ASP B 92 3.49 30.09 -24.89
C ASP B 92 3.23 28.77 -25.60
N LEU B 93 3.99 28.54 -26.67
CA LEU B 93 3.81 27.35 -27.47
C LEU B 93 4.17 26.09 -26.70
N TRP B 94 5.27 26.13 -25.95
CA TRP B 94 5.61 25.01 -25.05
C TRP B 94 4.48 24.74 -24.04
N GLN B 95 4.01 25.79 -23.36
CA GLN B 95 2.94 25.61 -22.35
C GLN B 95 1.67 25.01 -22.98
N MET B 96 1.30 25.52 -24.15
CA MET B 96 0.13 25.08 -24.89
C MET B 96 0.27 23.62 -25.36
N MET B 97 1.38 23.30 -26.03
CA MET B 97 1.61 21.92 -26.48
C MET B 97 1.61 20.97 -25.28
N ASN B 98 2.16 21.42 -24.15
CA ASN B 98 2.34 20.53 -23.00
C ASN B 98 1.01 19.99 -22.48
N VAL B 99 -0.01 20.85 -22.46
CA VAL B 99 -1.34 20.49 -21.94
C VAL B 99 -2.37 20.14 -23.02
N ASN B 100 -1.94 20.17 -24.28
CA ASN B 100 -2.86 20.06 -25.41
C ASN B 100 -3.68 18.77 -25.52
N ALA B 101 -3.15 17.66 -25.01
CA ALA B 101 -3.90 16.39 -25.04
C ALA B 101 -4.58 16.11 -23.71
N TYR B 102 -4.65 17.15 -22.87
CA TYR B 102 -5.14 17.10 -21.50
C TYR B 102 -4.19 16.25 -20.67
N TRP B 103 -4.23 14.92 -20.84
CA TRP B 103 -3.19 14.04 -20.29
C TRP B 103 -1.84 14.45 -20.90
N ARG B 104 -0.76 14.35 -20.12
CA ARG B 104 0.54 14.92 -20.54
C ARG B 104 1.69 14.23 -19.80
N ASN B 105 2.90 14.73 -19.99
CA ASN B 105 4.11 14.02 -19.53
C ASN B 105 4.29 12.65 -20.19
N GLY B 106 5.38 11.97 -19.86
CA GLY B 106 5.67 10.65 -20.38
C GLY B 106 6.60 10.71 -21.57
N PRO B 107 7.27 9.60 -21.90
CA PRO B 107 8.35 9.59 -22.88
C PRO B 107 7.95 9.99 -24.29
N LEU B 108 6.81 9.48 -24.78
CA LEU B 108 6.36 9.82 -26.13
C LEU B 108 5.92 11.27 -26.27
N MET B 109 5.05 11.70 -25.37
CA MET B 109 4.47 13.04 -25.41
C MET B 109 5.57 14.07 -25.30
N ASN B 110 6.49 13.84 -24.36
CA ASN B 110 7.58 14.78 -24.14
C ASN B 110 8.61 14.84 -25.29
N ASN B 111 8.94 13.69 -25.87
CA ASN B 111 9.84 13.69 -27.03
C ASN B 111 9.25 14.43 -28.24
N ALA B 112 7.97 14.24 -28.51
CA ALA B 112 7.31 14.95 -29.60
C ALA B 112 7.43 16.46 -29.41
N ILE B 113 7.07 16.93 -28.22
CA ILE B 113 7.17 18.35 -27.91
C ILE B 113 8.63 18.85 -27.93
N SER B 114 9.56 18.06 -27.36
CA SER B 114 11.00 18.37 -27.46
C SER B 114 11.42 18.71 -28.88
N GLY B 115 11.05 17.85 -29.84
CA GLY B 115 11.48 18.07 -31.21
C GLY B 115 11.13 19.47 -31.69
N VAL B 116 9.89 19.88 -31.44
CA VAL B 116 9.38 21.18 -31.84
C VAL B 116 10.07 22.27 -31.02
N ASP B 117 10.14 22.10 -29.69
CA ASP B 117 10.73 23.12 -28.83
C ASP B 117 12.18 23.45 -29.24
N MET B 118 13.00 22.42 -29.45
CA MET B 118 14.39 22.61 -29.86
C MET B 118 14.48 23.34 -31.21
N ALA B 119 13.66 22.88 -32.17
CA ALA B 119 13.61 23.53 -33.49
C ALA B 119 13.26 25.02 -33.38
N LEU B 120 12.32 25.36 -32.49
CA LEU B 120 11.95 26.76 -32.24
C LEU B 120 13.08 27.61 -31.62
N TRP B 121 13.87 26.99 -30.74
CA TRP B 121 15.05 27.67 -30.18
C TRP B 121 16.12 27.81 -31.26
N ASP B 122 16.19 26.83 -32.16
CA ASP B 122 17.13 26.83 -33.29
C ASP B 122 16.81 28.03 -34.18
N ILE B 123 15.52 28.21 -34.44
CA ILE B 123 15.03 29.35 -35.22
C ILE B 123 15.38 30.70 -34.56
N LYS B 124 15.20 30.80 -33.26
CA LYS B 124 15.48 32.04 -32.53
C LYS B 124 16.96 32.43 -32.54
N GLY B 125 17.85 31.44 -32.39
CA GLY B 125 19.28 31.68 -32.53
C GLY B 125 19.65 32.19 -33.91
N GLN B 126 19.10 31.56 -34.94
CA GLN B 126 19.39 32.00 -36.29
C GLN B 126 18.90 33.44 -36.51
N LEU B 127 17.70 33.73 -36.04
N LEU B 127 17.69 33.73 -36.06
CA LEU B 127 17.10 35.07 -36.17
CA LEU B 127 17.11 35.09 -36.16
C LEU B 127 17.92 36.12 -35.41
C LEU B 127 18.00 36.11 -35.45
N ALA B 128 18.52 35.72 -34.29
CA ALA B 128 19.33 36.60 -33.48
C ALA B 128 20.76 36.70 -34.01
N GLY B 129 21.17 35.74 -34.84
CA GLY B 129 22.57 35.62 -35.27
C GLY B 129 23.52 35.21 -34.14
N MET B 130 23.04 34.37 -33.24
CA MET B 130 23.77 33.97 -32.03
C MET B 130 23.69 32.47 -31.82
N PRO B 131 24.81 31.85 -31.38
CA PRO B 131 24.69 30.47 -30.91
C PRO B 131 23.66 30.37 -29.78
N LEU B 132 22.96 29.24 -29.71
CA LEU B 132 21.92 29.06 -28.71
C LEU B 132 22.35 29.51 -27.29
N TYR B 133 23.52 29.07 -26.83
CA TYR B 133 23.93 29.36 -25.46
C TYR B 133 24.13 30.87 -25.21
N GLN B 134 24.42 31.63 -26.27
CA GLN B 134 24.50 33.09 -26.17
C GLN B 134 23.14 33.75 -25.92
N LEU B 135 22.07 33.13 -26.45
CA LEU B 135 20.70 33.58 -26.17
C LEU B 135 20.38 33.51 -24.71
N PHE B 136 20.84 32.43 -24.07
CA PHE B 136 20.54 32.12 -22.66
C PHE B 136 21.21 33.12 -21.73
N GLY B 137 22.18 33.86 -22.27
CA GLY B 137 23.01 34.75 -21.48
C GLY B 137 24.51 34.47 -21.55
N GLY B 138 24.93 33.56 -22.43
CA GLY B 138 26.37 33.37 -22.73
C GLY B 138 27.06 32.40 -21.78
N LYS B 139 28.41 32.37 -21.84
CA LYS B 139 29.24 31.34 -21.17
C LYS B 139 29.31 31.46 -19.64
N SER B 140 29.42 30.29 -18.96
CA SER B 140 29.75 30.17 -17.54
C SER B 140 31.12 29.52 -17.32
N ARG B 141 31.69 29.01 -18.41
CA ARG B 141 32.94 28.23 -18.40
C ARG B 141 33.61 28.33 -19.77
N ASP B 142 34.87 27.94 -19.87
CA ASP B 142 35.54 27.97 -21.17
C ASP B 142 35.28 26.72 -22.03
N ALA B 143 34.93 25.62 -21.38
CA ALA B 143 34.65 24.33 -22.01
C ALA B 143 34.03 23.45 -20.95
N ILE B 144 33.24 22.47 -21.37
CA ILE B 144 32.64 21.54 -20.40
C ILE B 144 33.47 20.26 -20.39
N PRO B 145 33.78 19.71 -19.18
CA PRO B 145 34.48 18.44 -19.22
C PRO B 145 33.59 17.35 -19.83
N ALA B 146 34.21 16.32 -20.39
CA ALA B 146 33.47 15.22 -20.99
C ALA B 146 33.94 13.90 -20.40
N TYR B 147 33.02 12.94 -20.33
CA TYR B 147 33.40 11.55 -20.10
C TYR B 147 32.88 10.62 -21.19
N SER B 148 33.51 9.47 -21.33
CA SER B 148 32.95 8.45 -22.19
C SER B 148 33.04 7.09 -21.52
N HIS B 149 32.55 6.07 -22.25
CA HIS B 149 32.33 4.75 -21.72
C HIS B 149 33.49 3.80 -22.02
N ALA B 150 33.96 3.11 -20.98
CA ALA B 150 34.92 2.00 -21.09
C ALA B 150 34.27 0.73 -20.53
N SER B 151 34.48 -0.40 -21.17
CA SER B 151 33.95 -1.65 -20.65
C SER B 151 34.80 -2.84 -21.08
N GLY B 152 34.64 -3.96 -20.37
CA GLY B 152 35.33 -5.19 -20.75
C GLY B 152 34.84 -6.32 -19.89
N GLU B 153 34.85 -7.52 -20.44
CA GLU B 153 34.37 -8.66 -19.67
C GLU B 153 35.43 -9.19 -18.70
N THR B 154 36.70 -8.88 -18.99
CA THR B 154 37.81 -9.14 -18.09
C THR B 154 38.49 -7.82 -17.75
N LEU B 155 39.31 -7.81 -16.69
CA LEU B 155 40.09 -6.62 -16.37
C LEU B 155 41.04 -6.24 -17.50
N GLU B 156 41.68 -7.23 -18.11
CA GLU B 156 42.59 -6.97 -19.23
C GLU B 156 41.87 -6.19 -20.34
N ALA B 157 40.66 -6.62 -20.69
CA ALA B 157 39.84 -5.96 -21.70
C ALA B 157 39.42 -4.58 -21.23
N LEU B 158 38.92 -4.49 -19.99
CA LEU B 158 38.59 -3.16 -19.45
C LEU B 158 39.80 -2.20 -19.50
N PHE B 159 40.97 -2.70 -19.10
CA PHE B 159 42.17 -1.86 -19.07
C PHE B 159 42.56 -1.33 -20.45
N ALA B 160 42.49 -2.19 -21.47
CA ALA B 160 42.77 -1.77 -22.84
C ALA B 160 41.81 -0.66 -23.26
N SER B 161 40.55 -0.80 -22.86
CA SER B 161 39.49 0.15 -23.21
C SER B 161 39.73 1.47 -22.47
N VAL B 162 40.08 1.39 -21.18
CA VAL B 162 40.44 2.59 -20.42
C VAL B 162 41.70 3.28 -20.96
N ASP B 163 42.75 2.52 -21.25
CA ASP B 163 43.96 3.07 -21.83
C ASP B 163 43.69 3.88 -23.09
N ALA B 164 42.81 3.37 -23.97
CA ALA B 164 42.46 4.08 -25.22
C ALA B 164 41.85 5.46 -24.96
N LEU B 165 40.88 5.52 -24.02
CA LEU B 165 40.25 6.80 -23.66
C LEU B 165 41.23 7.74 -22.97
N ILE B 166 42.15 7.21 -22.17
CA ILE B 166 43.20 8.05 -21.57
C ILE B 166 44.14 8.62 -22.67
N ALA B 167 44.47 7.80 -23.66
CA ALA B 167 45.28 8.25 -24.80
C ALA B 167 44.57 9.35 -25.62
N GLN B 168 43.23 9.34 -25.59
CA GLN B 168 42.39 10.34 -26.25
CA GLN B 168 42.42 10.36 -26.26
C GLN B 168 42.30 11.64 -25.44
N GLY B 169 42.81 11.61 -24.21
CA GLY B 169 42.83 12.80 -23.36
C GLY B 169 41.69 12.91 -22.37
N TYR B 170 40.91 11.85 -22.22
CA TYR B 170 39.83 11.85 -21.21
C TYR B 170 40.39 11.76 -19.80
N ARG B 171 39.85 12.57 -18.89
CA ARG B 171 40.21 12.57 -17.47
C ARG B 171 39.09 11.96 -16.63
N HIS B 172 37.96 11.69 -17.30
CA HIS B 172 36.76 11.15 -16.67
C HIS B 172 36.36 9.97 -17.51
N ILE B 173 36.25 8.79 -16.91
CA ILE B 173 35.88 7.58 -17.66
C ILE B 173 34.88 6.77 -16.87
N ARG B 174 33.80 6.38 -17.55
CA ARG B 174 32.78 5.53 -16.95
C ARG B 174 33.13 4.09 -17.22
N CYS B 175 33.35 3.30 -16.16
CA CYS B 175 33.89 1.94 -16.32
C CYS B 175 32.92 0.86 -15.86
N GLN B 176 32.85 -0.20 -16.65
CA GLN B 176 32.10 -1.41 -16.29
C GLN B 176 32.93 -2.67 -16.51
N LEU B 177 32.91 -3.55 -15.51
CA LEU B 177 33.57 -4.85 -15.59
C LEU B 177 32.51 -5.94 -15.67
N GLY B 178 32.61 -6.75 -16.73
CA GLY B 178 31.67 -7.83 -16.96
C GLY B 178 30.50 -7.35 -17.78
N PHE B 179 29.71 -8.31 -18.27
CA PHE B 179 28.46 -8.03 -18.95
C PHE B 179 27.36 -8.84 -18.29
N TYR B 180 26.18 -8.25 -18.22
CA TYR B 180 25.09 -8.76 -17.40
C TYR B 180 23.80 -8.85 -18.19
N GLY B 181 23.39 -10.09 -18.45
CA GLY B 181 22.18 -10.36 -19.19
C GLY B 181 22.45 -11.29 -20.35
N GLY B 182 22.39 -12.59 -20.09
CA GLY B 182 22.54 -13.58 -21.14
C GLY B 182 21.64 -14.77 -20.88
N THR B 183 22.08 -15.95 -21.30
CA THR B 183 21.28 -17.16 -21.17
C THR B 183 21.20 -17.58 -19.70
N PRO B 184 20.04 -18.14 -19.28
CA PRO B 184 19.83 -18.57 -17.90
C PRO B 184 20.72 -19.75 -17.53
N SER B 185 21.18 -20.52 -18.52
CA SER B 185 22.03 -21.68 -18.29
C SER B 185 23.44 -21.32 -17.76
N ALA B 186 23.77 -20.03 -17.79
CA ALA B 186 25.04 -19.53 -17.25
C ALA B 186 25.00 -19.35 -15.73
N LEU B 187 23.78 -19.40 -15.18
CA LEU B 187 23.53 -19.20 -13.75
C LEU B 187 22.88 -20.46 -13.18
N HIS B 188 22.67 -20.48 -11.86
CA HIS B 188 21.79 -21.49 -11.25
C HIS B 188 20.36 -21.00 -11.42
N ALA B 189 19.77 -21.35 -12.57
CA ALA B 189 18.42 -20.93 -12.90
C ALA B 189 17.48 -22.10 -12.71
N PRO B 190 16.17 -21.82 -12.56
CA PRO B 190 15.19 -22.89 -12.45
C PRO B 190 15.05 -23.69 -13.76
N ASP B 191 14.52 -24.90 -13.65
CA ASP B 191 14.12 -25.67 -14.83
C ASP B 191 13.10 -24.89 -15.64
N ASN B 192 13.12 -25.09 -16.96
CA ASN B 192 12.21 -24.41 -17.90
C ASN B 192 12.20 -22.89 -17.77
N PRO B 193 13.38 -22.25 -17.82
CA PRO B 193 13.46 -20.81 -17.58
C PRO B 193 12.76 -20.00 -18.69
N THR B 194 12.10 -18.89 -18.32
CA THR B 194 11.48 -18.01 -19.30
C THR B 194 12.56 -17.24 -20.05
N PRO B 195 12.43 -17.10 -21.39
CA PRO B 195 13.44 -16.33 -22.13
C PRO B 195 13.59 -14.89 -21.61
N GLY B 196 14.83 -14.39 -21.63
CA GLY B 196 15.14 -13.01 -21.23
C GLY B 196 16.64 -12.83 -21.07
N ALA B 197 17.04 -11.66 -20.59
CA ALA B 197 18.45 -11.35 -20.32
C ALA B 197 18.72 -11.58 -18.82
N TRP B 198 19.24 -12.77 -18.47
CA TRP B 198 19.37 -13.22 -17.09
C TRP B 198 20.67 -12.75 -16.49
N PHE B 199 20.63 -12.28 -15.24
CA PHE B 199 21.84 -11.90 -14.52
C PHE B 199 21.72 -12.11 -13.00
N ASP B 200 22.85 -11.98 -12.31
CA ASP B 200 22.95 -12.25 -10.90
C ASP B 200 23.46 -10.97 -10.22
N GLN B 201 22.64 -10.38 -9.36
CA GLN B 201 22.99 -9.10 -8.71
C GLN B 201 24.26 -9.22 -7.84
N GLN B 202 24.41 -10.36 -7.17
CA GLN B 202 25.57 -10.60 -6.31
C GLN B 202 26.88 -10.60 -7.10
N GLU B 203 26.85 -11.23 -8.28
CA GLU B 203 27.97 -11.26 -9.22
C GLU B 203 28.30 -9.86 -9.72
N TYR B 204 27.27 -9.16 -10.19
CA TYR B 204 27.41 -7.77 -10.61
C TYR B 204 28.05 -6.90 -9.51
N MET B 205 27.52 -6.99 -8.29
CA MET B 205 28.05 -6.20 -7.15
C MET B 205 29.51 -6.48 -6.87
N SER B 206 29.86 -7.76 -6.69
CA SER B 206 31.23 -8.11 -6.34
C SER B 206 32.24 -7.80 -7.46
N ASN B 207 31.81 -7.98 -8.72
CA ASN B 207 32.67 -7.59 -9.85
C ASN B 207 32.95 -6.09 -9.87
N THR B 208 31.93 -5.30 -9.53
CA THR B 208 32.03 -3.83 -9.55
C THR B 208 32.98 -3.35 -8.44
N VAL B 209 32.89 -3.95 -7.26
CA VAL B 209 33.79 -3.64 -6.16
C VAL B 209 35.23 -3.99 -6.56
N GLU B 210 35.41 -5.21 -7.08
CA GLU B 210 36.71 -5.70 -7.56
CA GLU B 210 36.73 -5.66 -7.52
C GLU B 210 37.29 -4.74 -8.61
N MET B 211 36.41 -4.27 -9.50
CA MET B 211 36.80 -3.36 -10.58
C MET B 211 37.42 -2.05 -10.07
N PHE B 212 36.69 -1.38 -9.16
CA PHE B 212 37.18 -0.13 -8.56
C PHE B 212 38.52 -0.33 -7.86
N HIS B 213 38.66 -1.42 -7.10
CA HIS B 213 39.94 -1.71 -6.45
C HIS B 213 41.08 -1.87 -7.47
N ALA B 214 40.83 -2.65 -8.52
CA ALA B 214 41.83 -2.90 -9.54
C ALA B 214 42.20 -1.66 -10.35
N LEU B 215 41.21 -0.79 -10.61
CA LEU B 215 41.45 0.45 -11.34
C LEU B 215 42.29 1.45 -10.56
N ARG B 216 42.06 1.53 -9.25
CA ARG B 216 42.88 2.36 -8.36
C ARG B 216 44.32 1.84 -8.25
N GLU B 217 44.47 0.52 -8.15
CA GLU B 217 45.81 -0.09 -8.16
C GLU B 217 46.57 0.20 -9.46
N LYS B 218 45.89 0.14 -10.59
CA LYS B 218 46.53 0.34 -11.89
C LYS B 218 46.77 1.80 -12.26
N TYR B 219 45.73 2.64 -12.11
CA TYR B 219 45.77 4.03 -12.59
C TYR B 219 45.97 5.12 -11.53
N GLY B 220 45.87 4.76 -10.25
CA GLY B 220 46.05 5.74 -9.19
C GLY B 220 44.79 6.53 -8.92
N TRP B 221 44.95 7.67 -8.24
CA TRP B 221 43.81 8.33 -7.57
C TRP B 221 43.35 9.67 -8.17
N LYS B 222 43.96 10.07 -9.28
CA LYS B 222 43.59 11.30 -9.97
C LYS B 222 42.50 11.06 -11.02
N LEU B 223 42.58 9.92 -11.70
CA LEU B 223 41.54 9.54 -12.67
C LEU B 223 40.15 9.61 -12.04
N HIS B 224 39.26 10.34 -12.70
CA HIS B 224 37.86 10.38 -12.29
C HIS B 224 37.14 9.15 -12.88
N ILE B 225 36.62 8.29 -12.00
CA ILE B 225 36.05 7.02 -12.44
C ILE B 225 34.56 7.05 -12.12
N LEU B 226 33.74 6.85 -13.14
CA LEU B 226 32.27 6.85 -12.99
C LEU B 226 31.76 5.43 -13.15
N HIS B 227 30.61 5.14 -12.55
CA HIS B 227 30.03 3.82 -12.71
C HIS B 227 28.52 3.88 -12.72
N ASP B 228 27.94 3.19 -13.70
CA ASP B 228 26.48 3.16 -13.91
C ASP B 228 25.87 1.83 -13.42
N VAL B 229 25.16 1.92 -12.29
CA VAL B 229 24.49 0.77 -11.72
C VAL B 229 23.28 0.35 -12.58
N HIS B 230 22.71 1.31 -13.31
CA HIS B 230 21.65 1.06 -14.30
C HIS B 230 20.47 0.29 -13.66
N GLU B 231 20.12 0.69 -12.43
CA GLU B 231 18.95 0.18 -11.69
C GLU B 231 18.93 -1.34 -11.50
N ARG B 232 20.12 -1.94 -11.48
CA ARG B 232 20.26 -3.38 -11.33
C ARG B 232 19.90 -3.95 -9.95
N LEU B 233 19.74 -3.09 -8.94
CA LEU B 233 19.73 -3.56 -7.53
C LEU B 233 18.43 -3.32 -6.78
N PHE B 234 18.19 -4.12 -5.74
CA PHE B 234 17.15 -3.80 -4.78
C PHE B 234 17.67 -2.76 -3.78
N PRO B 235 16.76 -2.14 -2.99
CA PRO B 235 17.21 -1.01 -2.15
C PRO B 235 18.40 -1.26 -1.21
N GLN B 236 18.38 -2.33 -0.41
CA GLN B 236 19.49 -2.65 0.49
C GLN B 236 20.77 -2.91 -0.28
N GLN B 237 20.68 -3.54 -1.44
CA GLN B 237 21.86 -3.79 -2.29
C GLN B 237 22.53 -2.51 -2.73
N ALA B 238 21.72 -1.50 -3.00
CA ALA B 238 22.19 -0.18 -3.41
C ALA B 238 22.90 0.44 -2.23
N VAL B 239 22.28 0.33 -1.05
CA VAL B 239 22.90 0.89 0.15
C VAL B 239 24.26 0.23 0.39
N GLN B 240 24.29 -1.09 0.32
CA GLN B 240 25.52 -1.86 0.53
C GLN B 240 26.59 -1.51 -0.47
N LEU B 241 26.21 -1.47 -1.75
CA LEU B 241 27.20 -1.21 -2.80
C LEU B 241 27.79 0.19 -2.65
N ALA B 242 26.96 1.19 -2.35
CA ALA B 242 27.43 2.56 -2.09
C ALA B 242 28.52 2.60 -1.01
N LYS B 243 28.33 1.85 0.08
CA LYS B 243 29.32 1.79 1.16
C LYS B 243 30.59 1.09 0.68
N GLN B 244 30.41 0.02 -0.08
CA GLN B 244 31.57 -0.75 -0.54
C GLN B 244 32.43 0.02 -1.54
N LEU B 245 31.81 0.95 -2.27
CA LEU B 245 32.53 1.69 -3.31
C LEU B 245 33.13 3.01 -2.80
N GLU B 246 32.67 3.47 -1.66
CA GLU B 246 33.17 4.69 -1.01
C GLU B 246 34.70 4.87 -0.93
N PRO B 247 35.44 3.82 -0.48
CA PRO B 247 36.90 3.99 -0.37
C PRO B 247 37.59 4.31 -1.69
N PHE B 248 36.94 4.02 -2.81
CA PHE B 248 37.59 4.18 -4.11
C PHE B 248 37.29 5.53 -4.75
N GLN B 249 36.56 6.38 -4.02
CA GLN B 249 36.30 7.78 -4.44
C GLN B 249 35.76 7.93 -5.90
N PRO B 250 34.64 7.28 -6.23
CA PRO B 250 34.03 7.46 -7.56
C PRO B 250 33.62 8.91 -7.79
N TYR B 251 33.59 9.33 -9.06
CA TYR B 251 33.19 10.68 -9.45
C TYR B 251 31.68 10.80 -9.40
N PHE B 252 31.01 9.75 -9.84
CA PHE B 252 29.64 9.49 -9.39
C PHE B 252 29.25 8.01 -9.55
N ILE B 253 28.21 7.63 -8.82
CA ILE B 253 27.59 6.31 -8.94
C ILE B 253 26.16 6.60 -9.41
N GLU B 254 25.81 6.08 -10.56
CA GLU B 254 24.65 6.53 -11.28
C GLU B 254 23.56 5.47 -11.26
N ASP B 255 22.32 5.95 -11.14
CA ASP B 255 21.10 5.13 -11.16
C ASP B 255 21.21 3.93 -10.23
N ILE B 256 21.60 4.22 -8.99
CA ILE B 256 21.73 3.20 -7.96
C ILE B 256 20.39 2.54 -7.58
N LEU B 257 19.28 3.23 -7.86
CA LEU B 257 17.92 2.79 -7.60
C LEU B 257 17.04 3.20 -8.79
N PRO B 258 15.98 2.43 -9.11
CA PRO B 258 15.01 2.83 -10.15
C PRO B 258 14.17 4.00 -9.63
N PRO B 259 13.51 4.78 -10.52
CA PRO B 259 12.76 5.95 -10.05
C PRO B 259 11.77 5.65 -8.92
N GLN B 260 11.06 4.52 -9.01
CA GLN B 260 10.03 4.19 -8.03
C GLN B 260 10.52 3.85 -6.63
N GLN B 261 11.83 3.66 -6.47
CA GLN B 261 12.40 3.43 -5.15
C GLN B 261 13.33 4.54 -4.70
N SER B 262 13.25 5.70 -5.35
CA SER B 262 14.12 6.84 -5.02
C SER B 262 14.04 7.31 -3.57
N ALA B 263 12.92 7.07 -2.88
CA ALA B 263 12.84 7.44 -1.45
C ALA B 263 13.95 6.74 -0.66
N TRP B 264 14.37 5.57 -1.11
CA TRP B 264 15.42 4.82 -0.42
C TRP B 264 16.79 5.51 -0.53
N LEU B 265 16.92 6.53 -1.37
CA LEU B 265 18.16 7.32 -1.39
C LEU B 265 18.46 7.95 -0.02
N GLU B 266 17.40 8.19 0.77
CA GLU B 266 17.57 8.65 2.14
C GLU B 266 18.48 7.69 2.93
N GLN B 267 18.31 6.38 2.71
N GLN B 267 18.31 6.37 2.76
CA GLN B 267 19.14 5.39 3.39
CA GLN B 267 19.19 5.44 3.47
C GLN B 267 20.55 5.30 2.84
C GLN B 267 20.58 5.33 2.85
N VAL B 268 20.69 5.49 1.53
CA VAL B 268 21.99 5.51 0.89
C VAL B 268 22.80 6.66 1.46
N ARG B 269 22.16 7.84 1.55
CA ARG B 269 22.79 9.02 2.14
C ARG B 269 23.22 8.78 3.58
N GLN B 270 22.44 8.01 4.34
CA GLN B 270 22.77 7.80 5.76
C GLN B 270 24.05 6.98 5.90
N GLN B 271 24.40 6.23 4.85
CA GLN B 271 25.41 5.17 4.95
C GLN B 271 26.66 5.42 4.12
N SER B 272 26.66 6.45 3.28
CA SER B 272 27.75 6.65 2.31
C SER B 272 27.83 8.08 1.80
N CYS B 273 29.06 8.56 1.61
CA CYS B 273 29.31 9.87 0.98
C CYS B 273 29.57 9.82 -0.54
N VAL B 274 29.34 8.66 -1.19
CA VAL B 274 29.58 8.61 -2.64
C VAL B 274 28.71 9.62 -3.38
N PRO B 275 29.23 10.21 -4.49
CA PRO B 275 28.37 11.10 -5.25
C PRO B 275 27.34 10.27 -6.03
N LEU B 276 26.12 10.79 -6.09
CA LEU B 276 24.99 10.07 -6.63
C LEU B 276 24.41 10.83 -7.81
N ALA B 277 24.24 10.12 -8.92
CA ALA B 277 23.66 10.68 -10.12
C ALA B 277 22.40 9.89 -10.46
N LEU B 278 21.35 10.57 -10.88
CA LEU B 278 20.10 9.92 -11.22
C LEU B 278 19.29 10.76 -12.17
N GLY B 279 18.48 10.10 -12.99
CA GLY B 279 17.42 10.79 -13.70
C GLY B 279 17.34 10.62 -15.20
N GLU B 280 18.19 9.80 -15.81
CA GLU B 280 18.04 9.63 -17.29
C GLU B 280 16.64 9.09 -17.66
N LEU B 281 16.04 8.37 -16.73
CA LEU B 281 14.71 7.79 -16.93
C LEU B 281 13.56 8.77 -16.75
N PHE B 282 13.84 9.98 -16.27
CA PHE B 282 12.73 10.87 -15.90
C PHE B 282 11.97 11.43 -17.09
N ASN B 283 10.64 11.46 -16.96
CA ASN B 283 9.78 12.14 -17.93
C ASN B 283 8.50 12.67 -17.28
N ASN B 284 8.61 13.03 -16.02
CA ASN B 284 7.49 13.60 -15.25
C ASN B 284 8.10 14.34 -14.07
N PRO B 285 7.71 15.61 -13.83
CA PRO B 285 8.29 16.40 -12.75
C PRO B 285 8.13 15.80 -11.35
N ALA B 286 7.14 14.94 -11.18
CA ALA B 286 6.93 14.27 -9.89
C ALA B 286 8.08 13.31 -9.56
N GLU B 287 8.81 12.88 -10.58
CA GLU B 287 9.98 12.03 -10.37
C GLU B 287 11.21 12.75 -9.78
N TRP B 288 11.34 14.04 -10.05
CA TRP B 288 12.54 14.76 -9.63
C TRP B 288 12.32 15.71 -8.46
N HIS B 289 11.09 16.19 -8.26
CA HIS B 289 10.84 17.27 -7.29
C HIS B 289 11.38 16.96 -5.90
N ASP B 290 10.85 15.92 -5.27
CA ASP B 290 11.23 15.60 -3.90
C ASP B 290 12.72 15.22 -3.77
N LEU B 291 13.25 14.56 -4.78
CA LEU B 291 14.64 14.14 -4.77
C LEU B 291 15.62 15.33 -4.77
N ILE B 292 15.25 16.38 -5.50
CA ILE B 292 16.06 17.60 -5.53
C ILE B 292 15.93 18.36 -4.22
N VAL B 293 14.67 18.55 -3.79
CA VAL B 293 14.34 19.36 -2.62
C VAL B 293 14.99 18.78 -1.36
N ASN B 294 15.13 17.46 -1.32
CA ASN B 294 15.74 16.80 -0.17
C ASN B 294 17.21 16.48 -0.37
N ARG B 295 17.79 17.03 -1.44
CA ARG B 295 19.24 16.95 -1.70
C ARG B 295 19.72 15.49 -1.73
N ARG B 296 18.91 14.63 -2.35
CA ARG B 296 19.14 13.19 -2.37
C ARG B 296 20.04 12.75 -3.52
N ILE B 297 20.40 13.70 -4.37
CA ILE B 297 21.32 13.49 -5.48
C ILE B 297 22.30 14.66 -5.56
N ASP B 298 23.45 14.36 -6.16
CA ASP B 298 24.48 15.37 -6.40
C ASP B 298 24.49 15.86 -7.85
N PHE B 299 24.14 14.96 -8.77
CA PHE B 299 24.01 15.25 -10.20
C PHE B 299 22.66 14.77 -10.73
N ILE B 300 22.00 15.61 -11.51
CA ILE B 300 20.80 15.19 -12.24
C ILE B 300 21.19 14.72 -13.64
N ARG B 301 20.54 13.66 -14.11
CA ARG B 301 20.96 12.98 -15.35
C ARG B 301 19.96 12.99 -16.48
N CYS B 302 18.95 13.86 -16.40
CA CYS B 302 17.85 13.86 -17.39
C CYS B 302 18.29 13.92 -18.86
N HIS B 303 17.53 13.18 -19.67
CA HIS B 303 17.64 13.21 -21.14
C HIS B 303 16.76 14.38 -21.55
N VAL B 304 17.36 15.42 -22.11
CA VAL B 304 16.63 16.69 -22.37
C VAL B 304 15.31 16.44 -23.16
N SER B 305 15.36 15.58 -24.18
CA SER B 305 14.14 15.31 -24.97
C SER B 305 13.06 14.57 -24.16
N GLN B 306 13.48 13.75 -23.20
CA GLN B 306 12.54 13.04 -22.32
C GLN B 306 11.78 14.01 -21.40
N ILE B 307 12.31 15.21 -21.14
CA ILE B 307 11.63 16.11 -20.20
C ILE B 307 10.93 17.27 -20.92
N GLY B 308 10.88 17.17 -22.25
CA GLY B 308 10.12 18.13 -23.06
C GLY B 308 10.91 19.22 -23.75
N GLY B 309 12.24 19.09 -23.78
CA GLY B 309 13.10 20.01 -24.58
C GLY B 309 13.85 21.07 -23.76
N ILE B 310 14.32 22.13 -24.45
CA ILE B 310 15.21 23.15 -23.85
C ILE B 310 14.43 23.96 -22.81
N THR B 311 13.22 24.39 -23.18
CA THR B 311 12.37 25.20 -22.30
C THR B 311 12.27 24.64 -20.87
N PRO B 312 11.87 23.35 -20.73
CA PRO B 312 11.80 22.85 -19.34
C PRO B 312 13.16 22.52 -18.73
N ALA B 313 14.13 22.17 -19.56
CA ALA B 313 15.46 21.86 -19.06
C ALA B 313 16.11 23.11 -18.39
N LEU B 314 15.87 24.30 -18.94
CA LEU B 314 16.36 25.55 -18.30
C LEU B 314 15.77 25.74 -16.90
N LYS B 315 14.46 25.55 -16.75
CA LYS B 315 13.80 25.73 -15.47
C LYS B 315 14.28 24.68 -14.46
N LEU B 316 14.43 23.43 -14.92
CA LEU B 316 14.96 22.34 -14.10
C LEU B 316 16.39 22.64 -13.64
N ALA B 317 17.22 23.15 -14.56
CA ALA B 317 18.61 23.45 -14.24
C ALA B 317 18.64 24.47 -13.11
N HIS B 318 17.72 25.43 -13.18
CA HIS B 318 17.66 26.49 -12.18
C HIS B 318 17.09 26.00 -10.86
N LEU B 319 16.12 25.11 -10.92
CA LEU B 319 15.64 24.46 -9.70
C LEU B 319 16.78 23.68 -9.02
N CYS B 320 17.52 22.91 -9.82
CA CYS B 320 18.72 22.22 -9.30
C CYS B 320 19.72 23.18 -8.65
N GLN B 321 19.99 24.29 -9.33
CA GLN B 321 20.93 25.30 -8.81
C GLN B 321 20.57 25.76 -7.40
N ALA B 322 19.28 26.00 -7.15
CA ALA B 322 18.84 26.54 -5.85
C ALA B 322 19.13 25.58 -4.68
N PHE B 323 19.30 24.30 -5.03
CA PHE B 323 19.60 23.25 -4.06
C PHE B 323 21.03 22.68 -4.14
N GLY B 324 21.90 23.34 -4.92
CA GLY B 324 23.29 22.89 -5.09
C GLY B 324 23.49 21.60 -5.86
N VAL B 325 22.45 21.17 -6.59
CA VAL B 325 22.56 20.00 -7.49
C VAL B 325 23.18 20.42 -8.84
N ARG B 326 24.12 19.60 -9.33
CA ARG B 326 24.84 19.86 -10.57
CA ARG B 326 24.86 19.85 -10.57
C ARG B 326 24.26 19.06 -11.74
N LEU B 327 24.60 19.44 -12.96
CA LEU B 327 24.01 18.82 -14.16
C LEU B 327 24.95 17.87 -14.88
N ALA B 328 24.40 16.72 -15.27
CA ALA B 328 25.11 15.77 -16.15
C ALA B 328 24.08 15.16 -17.09
N TRP B 329 23.55 15.99 -17.98
CA TRP B 329 22.48 15.51 -18.92
C TRP B 329 22.86 14.20 -19.61
N HIS B 330 21.89 13.30 -19.82
CA HIS B 330 22.10 12.04 -20.55
C HIS B 330 22.63 12.33 -21.94
N GLY B 331 23.70 11.65 -22.34
CA GLY B 331 24.23 11.76 -23.71
C GLY B 331 24.62 10.44 -24.38
N PRO B 332 23.64 9.54 -24.59
CA PRO B 332 23.96 8.24 -25.14
C PRO B 332 24.06 8.29 -26.66
N GLY B 333 24.39 7.16 -27.30
CA GLY B 333 24.40 7.08 -28.77
C GLY B 333 23.00 7.20 -29.36
N ASP B 334 21.98 6.86 -28.56
CA ASP B 334 20.57 6.98 -28.97
C ASP B 334 20.02 8.40 -28.74
N MET B 335 20.56 9.33 -29.54
CA MET B 335 20.23 10.74 -29.50
C MET B 335 20.86 11.33 -30.76
N THR B 336 20.14 12.20 -31.47
CA THR B 336 20.71 12.83 -32.66
C THR B 336 21.86 13.75 -32.23
N PRO B 337 22.78 14.04 -33.15
CA PRO B 337 23.81 15.04 -32.91
C PRO B 337 23.22 16.43 -32.58
N ILE B 338 21.97 16.67 -32.98
CA ILE B 338 21.23 17.89 -32.61
C ILE B 338 21.14 17.92 -31.09
N GLY B 339 20.78 16.77 -30.52
CA GLY B 339 20.67 16.56 -29.09
C GLY B 339 22.01 16.71 -28.39
N VAL B 340 23.07 16.17 -28.99
CA VAL B 340 24.43 16.34 -28.48
C VAL B 340 24.72 17.84 -28.38
N ALA B 341 24.44 18.57 -29.46
CA ALA B 341 24.71 20.01 -29.54
C ALA B 341 23.96 20.79 -28.47
N VAL B 342 22.67 20.48 -28.31
CA VAL B 342 21.85 21.11 -27.28
C VAL B 342 22.39 20.85 -25.85
N ASN B 343 22.82 19.62 -25.57
CA ASN B 343 23.51 19.35 -24.28
C ASN B 343 24.64 20.34 -24.11
N THR B 344 25.47 20.48 -25.15
CA THR B 344 26.61 21.40 -25.11
C THR B 344 26.23 22.88 -24.84
N HIS B 345 25.27 23.41 -25.59
CA HIS B 345 24.81 24.79 -25.38
C HIS B 345 24.40 25.00 -23.94
N LEU B 346 23.60 24.07 -23.43
CA LEU B 346 23.18 24.11 -22.05
C LEU B 346 24.36 24.03 -21.09
N ASN B 347 25.33 23.19 -21.44
CA ASN B 347 26.49 22.94 -20.59
C ASN B 347 27.45 24.14 -20.55
N ILE B 348 27.49 24.88 -21.64
CA ILE B 348 28.39 26.04 -21.69
C ILE B 348 27.79 27.20 -20.92
N HIS B 349 26.46 27.31 -20.97
CA HIS B 349 25.78 28.40 -20.30
C HIS B 349 25.55 28.19 -18.81
N LEU B 350 24.95 27.07 -18.45
CA LEU B 350 24.41 26.90 -17.08
C LEU B 350 25.53 26.77 -16.06
N HIS B 351 25.53 27.65 -15.06
CA HIS B 351 26.63 27.71 -14.09
C HIS B 351 26.87 26.39 -13.32
N ASN B 352 25.78 25.65 -13.07
CA ASN B 352 25.85 24.39 -12.32
C ASN B 352 26.04 23.12 -13.19
N ALA B 353 26.35 23.29 -14.47
CA ALA B 353 26.65 22.14 -15.32
C ALA B 353 27.96 21.54 -14.84
N ALA B 354 28.08 20.22 -14.88
CA ALA B 354 29.27 19.51 -14.37
C ALA B 354 30.06 18.81 -15.45
N ILE B 355 29.36 18.00 -16.25
CA ILE B 355 30.04 17.12 -17.17
C ILE B 355 29.13 16.72 -18.32
N GLN B 356 29.72 16.43 -19.47
CA GLN B 356 29.00 15.95 -20.63
C GLN B 356 29.43 14.53 -20.96
N GLU B 357 28.52 13.60 -20.70
CA GLU B 357 28.62 12.26 -21.25
C GLU B 357 28.70 12.38 -22.77
N PHE B 358 29.72 11.76 -23.37
CA PHE B 358 29.95 11.86 -24.79
C PHE B 358 30.26 10.50 -25.42
N ILE B 359 29.50 10.13 -26.44
CA ILE B 359 29.75 8.89 -27.20
C ILE B 359 30.14 9.25 -28.64
N PRO B 360 31.29 8.74 -29.13
CA PRO B 360 31.73 9.14 -30.48
C PRO B 360 30.74 8.69 -31.56
N ARG B 361 30.75 9.41 -32.67
CA ARG B 361 29.78 9.23 -33.74
C ARG B 361 30.49 8.78 -35.01
N SER B 362 29.83 7.94 -35.82
CA SER B 362 30.37 7.50 -37.10
C SER B 362 30.40 8.63 -38.15
N ALA B 363 31.16 8.41 -39.22
CA ALA B 363 31.20 9.36 -40.34
C ALA B 363 29.79 9.62 -40.90
N THR B 364 29.05 8.54 -41.11
CA THR B 364 27.68 8.59 -41.64
C THR B 364 26.76 9.41 -40.73
N THR B 365 26.83 9.18 -39.44
CA THR B 365 26.03 9.97 -38.49
C THR B 365 26.33 11.47 -38.65
N ASN B 366 27.62 11.81 -38.71
CA ASN B 366 28.04 13.19 -38.93
C ASN B 366 27.61 13.76 -40.29
N ASP B 367 27.57 12.89 -41.30
CA ASP B 367 27.13 13.29 -42.63
C ASP B 367 25.65 13.63 -42.66
N VAL B 368 24.84 12.87 -41.92
CA VAL B 368 23.40 13.12 -41.86
C VAL B 368 23.09 14.38 -41.04
N PHE B 369 23.84 14.58 -39.95
CA PHE B 369 23.63 15.70 -39.04
C PHE B 369 24.91 16.52 -38.85
N PRO B 370 25.33 17.30 -39.87
CA PRO B 370 26.63 17.98 -39.80
C PRO B 370 26.67 19.16 -38.81
N GLY B 371 27.81 19.34 -38.14
CA GLY B 371 28.04 20.51 -37.27
C GLY B 371 28.08 20.29 -35.78
N ALA B 372 27.79 19.07 -35.31
CA ALA B 372 27.76 18.76 -33.89
C ALA B 372 29.14 18.82 -33.24
N PRO B 373 29.18 19.20 -31.95
CA PRO B 373 30.42 19.36 -31.19
C PRO B 373 31.29 18.10 -31.15
N GLU B 374 32.60 18.29 -31.07
N GLU B 374 32.61 18.32 -31.12
CA GLU B 374 33.53 17.17 -30.92
CA GLU B 374 33.61 17.28 -30.92
C GLU B 374 34.32 17.39 -29.64
C GLU B 374 34.11 17.37 -29.49
N VAL B 375 34.70 16.29 -29.00
CA VAL B 375 35.49 16.34 -27.77
C VAL B 375 36.96 16.50 -28.17
N LYS B 376 37.66 17.41 -27.50
CA LYS B 376 39.07 17.61 -27.72
C LYS B 376 39.77 17.55 -26.36
N GLU B 377 40.61 16.53 -26.16
CA GLU B 377 41.35 16.33 -24.91
C GLU B 377 40.46 16.48 -23.68
N GLY B 378 39.31 15.83 -23.71
CA GLY B 378 38.43 15.73 -22.57
C GLY B 378 37.50 16.91 -22.33
N PHE B 379 37.48 17.85 -23.29
CA PHE B 379 36.64 19.06 -23.21
C PHE B 379 35.76 19.23 -24.44
N VAL B 380 34.56 19.78 -24.24
CA VAL B 380 33.75 20.20 -25.37
C VAL B 380 33.60 21.71 -25.30
N TYR B 381 33.81 22.38 -26.43
CA TYR B 381 33.98 23.84 -26.47
C TYR B 381 32.70 24.56 -26.91
N PRO B 382 32.60 25.88 -26.65
CA PRO B 382 31.40 26.62 -27.09
C PRO B 382 31.18 26.56 -28.61
N PRO B 383 29.96 26.20 -29.05
CA PRO B 383 29.64 26.23 -30.48
C PRO B 383 29.69 27.65 -31.00
N VAL B 384 29.92 27.83 -32.29
CA VAL B 384 30.14 29.16 -32.82
C VAL B 384 29.10 29.62 -33.83
N GLN B 385 28.39 28.68 -34.46
CA GLN B 385 27.37 29.04 -35.46
C GLN B 385 26.09 29.53 -34.79
N PRO B 386 25.25 30.30 -35.52
CA PRO B 386 23.96 30.68 -34.93
C PRO B 386 23.00 29.49 -34.73
N GLY B 387 22.14 29.57 -33.70
CA GLY B 387 21.21 28.48 -33.38
C GLY B 387 21.90 27.28 -32.76
N ILE B 388 21.36 26.10 -33.04
CA ILE B 388 21.95 24.85 -32.52
C ILE B 388 23.28 24.54 -33.22
N GLY B 389 23.33 24.84 -34.52
CA GLY B 389 24.54 24.64 -35.32
C GLY B 389 24.66 23.27 -35.93
N VAL B 390 23.53 22.55 -36.05
CA VAL B 390 23.51 21.20 -36.59
C VAL B 390 22.47 21.15 -37.68
N GLY B 391 22.88 20.66 -38.85
CA GLY B 391 21.98 20.56 -40.01
C GLY B 391 21.36 19.17 -40.12
N PHE B 392 20.66 18.91 -41.23
CA PHE B 392 20.00 17.64 -41.47
C PHE B 392 19.95 17.41 -42.96
N ASN B 393 20.79 16.47 -43.40
CA ASN B 393 20.90 16.07 -44.78
C ASN B 393 19.75 15.07 -45.01
N GLU B 394 18.62 15.59 -45.49
CA GLU B 394 17.43 14.80 -45.76
C GLU B 394 17.65 13.62 -46.71
N ALA B 395 18.32 13.85 -47.84
CA ALA B 395 18.53 12.77 -48.81
C ALA B 395 19.38 11.64 -48.22
N LEU B 396 20.44 12.00 -47.50
CA LEU B 396 21.23 10.96 -46.81
C LEU B 396 20.43 10.27 -45.69
N ALA B 397 19.57 11.03 -45.01
CA ALA B 397 18.65 10.47 -44.01
C ALA B 397 17.71 9.40 -44.60
N LEU B 398 17.09 9.71 -45.74
CA LEU B 398 16.19 8.77 -46.41
C LEU B 398 16.91 7.48 -46.87
N ALA B 399 18.22 7.58 -47.09
CA ALA B 399 19.06 6.43 -47.45
C ALA B 399 19.32 5.48 -46.28
N HIS B 400 18.95 5.90 -45.06
CA HIS B 400 19.19 5.13 -43.86
C HIS B 400 17.90 5.02 -43.05
N PRO B 401 16.95 4.19 -43.51
CA PRO B 401 15.63 4.16 -42.89
C PRO B 401 15.60 3.42 -41.55
N VAL B 402 14.47 3.56 -40.87
CA VAL B 402 14.22 2.90 -39.61
C VAL B 402 14.37 1.38 -39.77
N LEU B 403 14.93 0.75 -38.76
CA LEU B 403 15.01 -0.70 -38.69
C LEU B 403 14.41 -1.17 -37.36
N TYR B 404 13.49 -2.12 -37.41
CA TYR B 404 12.95 -2.69 -36.17
C TYR B 404 14.04 -3.40 -35.38
N ARG B 405 14.12 -3.12 -34.08
CA ARG B 405 15.08 -3.81 -33.21
C ARG B 405 14.41 -4.39 -31.96
N PRO B 406 14.79 -5.62 -31.56
CA PRO B 406 14.11 -6.26 -30.42
C PRO B 406 14.53 -5.74 -29.04
N HIS B 407 15.71 -5.10 -28.93
CA HIS B 407 16.21 -4.56 -27.65
C HIS B 407 16.08 -5.58 -26.50
N GLU B 408 16.65 -6.77 -26.71
CA GLU B 408 16.40 -7.89 -25.81
C GLU B 408 16.85 -7.67 -24.36
N TRP B 409 17.83 -6.79 -24.18
CA TRP B 409 18.29 -6.43 -22.83
C TRP B 409 17.21 -5.82 -21.92
N THR B 410 16.15 -5.24 -22.50
CA THR B 410 15.09 -4.69 -21.64
C THR B 410 14.26 -5.78 -20.92
N GLN B 411 14.48 -7.05 -21.29
CA GLN B 411 13.75 -8.14 -20.66
C GLN B 411 14.65 -8.77 -19.60
N SER B 412 14.96 -7.96 -18.60
CA SER B 412 15.99 -8.28 -17.64
C SER B 412 15.39 -9.16 -16.54
N ARG B 413 16.01 -10.32 -16.32
CA ARG B 413 15.52 -11.30 -15.34
C ARG B 413 16.59 -11.68 -14.32
N LEU B 414 16.17 -11.82 -13.06
CA LEU B 414 17.01 -12.26 -11.97
C LEU B 414 17.15 -13.79 -11.97
N PRO B 415 17.95 -14.35 -11.05
CA PRO B 415 18.26 -15.79 -11.16
C PRO B 415 17.06 -16.72 -10.95
N ASP B 416 15.94 -16.18 -10.45
CA ASP B 416 14.72 -17.00 -10.33
C ASP B 416 13.72 -16.75 -11.46
N GLY B 417 14.08 -15.87 -12.39
CA GLY B 417 13.18 -15.53 -13.50
C GLY B 417 12.44 -14.21 -13.37
N THR B 418 12.58 -13.54 -12.22
CA THR B 418 11.84 -12.29 -11.99
C THR B 418 12.27 -11.17 -12.92
N ILE B 419 11.31 -10.47 -13.52
CA ILE B 419 11.61 -9.23 -14.21
C ILE B 419 12.15 -8.20 -13.21
N HIS B 420 13.23 -7.56 -13.62
CA HIS B 420 13.79 -6.44 -12.87
C HIS B 420 13.86 -5.21 -13.76
N THR B 421 13.83 -4.02 -13.16
CA THR B 421 13.97 -2.79 -13.90
C THR B 421 15.32 -2.85 -14.64
N PRO B 422 15.30 -2.72 -16.00
CA PRO B 422 16.46 -3.00 -16.86
C PRO B 422 17.44 -1.81 -16.97
N MET C 24 6.99 -12.55 55.20
CA MET C 24 6.05 -12.88 54.10
C MET C 24 6.53 -14.14 53.37
N THR C 25 5.61 -15.08 53.19
CA THR C 25 5.91 -16.40 52.59
C THR C 25 5.20 -16.60 51.25
N PRO C 26 5.71 -17.54 50.42
CA PRO C 26 5.07 -17.84 49.14
C PRO C 26 3.59 -18.16 49.27
N VAL C 27 2.80 -17.67 48.31
CA VAL C 27 1.39 -17.98 48.23
C VAL C 27 1.22 -18.84 46.97
N ILE C 28 1.00 -20.13 47.18
CA ILE C 28 1.11 -21.11 46.10
C ILE C 28 -0.24 -21.31 45.39
N ILE C 29 -0.26 -21.15 44.08
CA ILE C 29 -1.46 -21.39 43.26
C ILE C 29 -1.83 -22.88 43.29
N LYS C 30 -3.09 -23.13 43.68
CA LYS C 30 -3.61 -24.50 43.81
C LYS C 30 -4.40 -24.87 42.55
N ASN C 31 -5.22 -23.95 42.06
CA ASN C 31 -6.02 -24.18 40.86
C ASN C 31 -6.44 -22.86 40.24
N ILE C 32 -6.81 -22.93 38.95
CA ILE C 32 -7.36 -21.81 38.23
C ILE C 32 -8.58 -22.34 37.49
N GLU C 33 -9.74 -21.71 37.72
CA GLU C 33 -10.98 -22.12 37.12
C GLU C 33 -11.57 -20.98 36.32
N CYS C 34 -12.44 -21.33 35.39
CA CYS C 34 -13.11 -20.36 34.53
C CYS C 34 -14.60 -20.69 34.45
N PHE C 35 -15.44 -19.67 34.65
CA PHE C 35 -16.89 -19.84 34.62
C PHE C 35 -17.49 -18.85 33.64
N ILE C 36 -18.42 -19.33 32.82
CA ILE C 36 -19.23 -18.44 31.97
C ILE C 36 -20.62 -18.41 32.60
N THR C 37 -21.10 -17.21 32.89
CA THR C 37 -22.40 -17.05 33.52
CA THR C 37 -22.38 -17.01 33.58
C THR C 37 -23.18 -15.93 32.85
N ARG C 38 -24.50 -16.13 32.71
CA ARG C 38 -25.35 -15.17 32.03
C ARG C 38 -26.51 -14.77 32.93
N PRO C 39 -26.25 -13.99 34.01
CA PRO C 39 -27.35 -13.65 34.93
C PRO C 39 -28.42 -12.75 34.32
N ASP C 40 -28.02 -11.91 33.36
CA ASP C 40 -28.94 -10.95 32.74
C ASP C 40 -28.86 -11.14 31.21
N ARG C 41 -28.19 -10.22 30.53
CA ARG C 41 -28.22 -10.15 29.07
C ARG C 41 -26.94 -10.65 28.40
N HIS C 42 -25.82 -10.58 29.11
CA HIS C 42 -24.51 -10.86 28.52
C HIS C 42 -23.83 -12.06 29.13
N ASN C 43 -23.15 -12.84 28.29
CA ASN C 43 -22.25 -13.89 28.74
C ASN C 43 -21.02 -13.27 29.38
N LEU C 44 -20.90 -13.51 30.69
CA LEU C 44 -19.81 -12.98 31.50
C LEU C 44 -18.82 -14.10 31.74
N VAL C 45 -17.53 -13.76 31.80
CA VAL C 45 -16.46 -14.74 32.03
C VAL C 45 -15.65 -14.32 33.27
N THR C 46 -15.57 -15.24 34.23
CA THR C 46 -14.87 -15.04 35.49
C THR C 46 -13.76 -16.08 35.64
N VAL C 47 -12.61 -15.64 36.16
CA VAL C 47 -11.53 -16.55 36.49
C VAL C 47 -11.40 -16.60 38.02
N ARG C 48 -11.32 -17.82 38.56
CA ARG C 48 -11.08 -17.99 40.00
C ARG C 48 -9.71 -18.64 40.24
N VAL C 49 -8.87 -17.96 41.02
CA VAL C 49 -7.58 -18.49 41.42
C VAL C 49 -7.64 -18.87 42.91
N THR C 50 -7.43 -20.15 43.20
CA THR C 50 -7.37 -20.63 44.59
C THR C 50 -5.93 -20.94 44.97
N THR C 51 -5.62 -20.87 46.26
CA THR C 51 -4.25 -21.04 46.72
C THR C 51 -4.19 -22.09 47.82
N GLU C 52 -2.99 -22.64 48.06
CA GLU C 52 -2.82 -23.65 49.11
C GLU C 52 -3.15 -23.07 50.48
N GLN C 53 -2.93 -21.76 50.60
CA GLN C 53 -3.16 -20.99 51.84
C GLN C 53 -4.63 -20.66 52.07
N GLY C 54 -5.47 -20.93 51.07
CA GLY C 54 -6.91 -20.71 51.20
C GLY C 54 -7.39 -19.31 50.89
N ILE C 55 -6.53 -18.47 50.30
CA ILE C 55 -6.93 -17.13 49.83
C ILE C 55 -7.33 -17.25 48.36
N THR C 56 -8.57 -16.87 48.06
CA THR C 56 -9.13 -17.01 46.73
C THR C 56 -9.27 -15.64 46.08
N GLY C 57 -8.89 -15.56 44.80
CA GLY C 57 -9.03 -14.32 44.04
C GLY C 57 -9.94 -14.52 42.84
N HIS C 58 -10.61 -13.45 42.41
CA HIS C 58 -11.45 -13.50 41.22
C HIS C 58 -11.07 -12.41 40.23
N GLY C 59 -11.19 -12.74 38.94
CA GLY C 59 -10.87 -11.78 37.89
C GLY C 59 -11.87 -11.77 36.78
N CYS C 60 -11.81 -10.74 35.95
CA CYS C 60 -12.70 -10.66 34.80
C CYS C 60 -11.95 -11.01 33.54
N ALA C 61 -12.57 -11.86 32.72
CA ALA C 61 -12.00 -12.28 31.45
C ALA C 61 -13.09 -12.18 30.36
N THR C 62 -14.00 -11.22 30.53
CA THR C 62 -15.18 -11.09 29.67
C THR C 62 -14.92 -10.52 28.29
N PHE C 63 -14.94 -11.42 27.31
CA PHE C 63 -15.04 -11.12 25.89
C PHE C 63 -16.38 -11.77 25.50
N GLN C 64 -17.44 -10.99 25.56
CA GLN C 64 -18.80 -11.56 25.53
C GLN C 64 -19.12 -12.31 24.25
N GLN C 65 -18.53 -11.89 23.13
CA GLN C 65 -18.82 -12.49 21.82
C GLN C 65 -18.10 -13.83 21.58
N ARG C 66 -17.08 -14.15 22.38
CA ARG C 66 -16.31 -15.41 22.18
C ARG C 66 -15.93 -16.09 23.51
N PRO C 67 -16.90 -16.22 24.44
CA PRO C 67 -16.59 -16.65 25.81
C PRO C 67 -16.08 -18.08 25.91
N LEU C 68 -16.56 -18.98 25.05
CA LEU C 68 -16.13 -20.38 25.14
C LEU C 68 -14.63 -20.55 24.80
N ALA C 69 -14.11 -19.67 23.95
CA ALA C 69 -12.67 -19.69 23.61
C ALA C 69 -11.81 -19.17 24.76
N VAL C 70 -12.30 -18.18 25.48
CA VAL C 70 -11.62 -17.68 26.67
C VAL C 70 -11.52 -18.83 27.67
N LYS C 71 -12.61 -19.56 27.86
CA LYS C 71 -12.62 -20.67 28.82
C LYS C 71 -11.65 -21.78 28.39
N THR C 72 -11.61 -22.08 27.09
CA THR C 72 -10.61 -23.02 26.57
C THR C 72 -9.18 -22.61 26.94
N LEU C 73 -8.85 -21.32 26.78
CA LEU C 73 -7.50 -20.83 27.13
C LEU C 73 -7.17 -21.00 28.60
N VAL C 74 -8.11 -20.61 29.46
CA VAL C 74 -7.90 -20.76 30.90
C VAL C 74 -7.76 -22.24 31.31
N ASP C 75 -8.74 -23.06 30.96
CA ASP C 75 -8.77 -24.48 31.37
C ASP C 75 -7.64 -25.32 30.78
N GLU C 76 -7.34 -25.10 29.50
CA GLU C 76 -6.42 -26.00 28.79
C GLU C 76 -4.96 -25.55 28.79
N TYR C 77 -4.73 -24.25 29.07
CA TYR C 77 -3.38 -23.69 28.92
C TYR C 77 -2.86 -22.95 30.15
N LEU C 78 -3.62 -21.96 30.63
CA LEU C 78 -3.19 -21.18 31.78
C LEU C 78 -3.20 -21.99 33.08
N GLN C 79 -4.19 -22.86 33.27
CA GLN C 79 -4.20 -23.67 34.49
C GLN C 79 -2.97 -24.57 34.61
N PRO C 80 -2.68 -25.42 33.59
CA PRO C 80 -1.48 -26.28 33.73
C PRO C 80 -0.16 -25.50 33.79
N LEU C 81 -0.12 -24.34 33.17
CA LEU C 81 1.06 -23.47 33.24
C LEU C 81 1.31 -22.93 34.67
N MET C 82 0.24 -22.57 35.37
CA MET C 82 0.33 -21.71 36.55
C MET C 82 0.30 -22.39 37.91
N ILE C 83 -0.34 -23.56 38.00
N ILE C 83 -0.33 -23.57 37.98
CA ILE C 83 -0.46 -24.26 39.29
CA ILE C 83 -0.41 -24.33 39.24
C ILE C 83 0.92 -24.57 39.89
C ILE C 83 0.97 -24.51 39.86
N GLY C 84 1.06 -24.29 41.17
CA GLY C 84 2.33 -24.49 41.88
C GLY C 84 3.21 -23.25 41.96
N ARG C 85 2.90 -22.23 41.17
CA ARG C 85 3.69 -20.99 41.18
C ARG C 85 3.29 -20.07 42.32
N ASP C 86 4.22 -19.20 42.68
CA ASP C 86 4.04 -18.24 43.76
C ASP C 86 3.29 -17.00 43.27
N ALA C 87 2.03 -16.89 43.70
CA ALA C 87 1.13 -15.80 43.31
C ALA C 87 1.56 -14.39 43.73
N ASN C 88 2.44 -14.28 44.73
CA ASN C 88 2.90 -12.96 45.17
C ASN C 88 3.53 -12.12 44.04
N ASN C 89 4.24 -12.80 43.14
CA ASN C 89 4.99 -12.12 42.09
C ASN C 89 4.19 -11.93 40.83
N ILE C 90 3.21 -11.02 40.94
CA ILE C 90 2.31 -10.74 39.85
C ILE C 90 3.05 -10.27 38.60
N GLU C 91 4.07 -9.44 38.80
CA GLU C 91 4.80 -8.84 37.68
C GLU C 91 5.49 -9.89 36.83
N ASP C 92 6.28 -10.77 37.45
CA ASP C 92 6.92 -11.86 36.70
C ASP C 92 5.88 -12.75 36.03
N LEU C 93 4.86 -13.14 36.77
CA LEU C 93 3.84 -14.03 36.23
C LEU C 93 3.15 -13.37 35.03
N TRP C 94 2.83 -12.08 35.12
CA TRP C 94 2.23 -11.37 33.97
C TRP C 94 3.17 -11.41 32.74
N GLN C 95 4.43 -11.02 32.95
CA GLN C 95 5.39 -10.99 31.85
C GLN C 95 5.56 -12.38 31.25
N MET C 96 5.57 -13.40 32.11
CA MET C 96 5.71 -14.79 31.67
C MET C 96 4.48 -15.25 30.88
N MET C 97 3.28 -15.07 31.44
CA MET C 97 2.05 -15.45 30.73
C MET C 97 1.92 -14.72 29.39
N ASN C 98 2.18 -13.43 29.40
CA ASN C 98 2.04 -12.61 28.17
C ASN C 98 2.76 -13.20 26.95
N VAL C 99 4.00 -13.67 27.14
CA VAL C 99 4.79 -14.23 26.01
C VAL C 99 4.76 -15.76 25.91
N ASN C 100 3.96 -16.43 26.73
CA ASN C 100 4.05 -17.89 26.87
C ASN C 100 3.69 -18.72 25.63
N ALA C 101 2.88 -18.15 24.75
CA ALA C 101 2.44 -18.85 23.54
C ALA C 101 3.24 -18.35 22.32
N TYR C 102 4.30 -17.60 22.61
CA TYR C 102 5.14 -16.93 21.61
C TYR C 102 4.38 -15.79 20.93
N TRP C 103 3.44 -16.13 20.05
CA TRP C 103 2.45 -15.15 19.56
C TRP C 103 1.59 -14.70 20.75
N ARG C 104 1.17 -13.45 20.71
CA ARG C 104 0.61 -12.77 21.88
C ARG C 104 -0.24 -11.58 21.46
N ASN C 105 -0.72 -10.84 22.46
CA ASN C 105 -1.72 -9.77 22.28
C ASN C 105 -2.99 -10.38 21.70
N GLY C 106 -4.02 -9.56 21.49
CA GLY C 106 -5.29 -10.06 20.96
C GLY C 106 -6.35 -10.16 22.03
N PRO C 107 -7.62 -10.09 21.62
CA PRO C 107 -8.76 -10.09 22.56
C PRO C 107 -8.88 -11.35 23.43
N LEU C 108 -8.63 -12.53 22.85
CA LEU C 108 -8.72 -13.77 23.62
C LEU C 108 -7.51 -14.02 24.55
N MET C 109 -6.30 -13.95 24.01
CA MET C 109 -5.07 -14.08 24.81
C MET C 109 -5.10 -13.12 26.01
N ASN C 110 -5.42 -11.87 25.73
CA ASN C 110 -5.36 -10.82 26.77
C ASN C 110 -6.46 -11.02 27.80
N ASN C 111 -7.64 -11.44 27.36
CA ASN C 111 -8.74 -11.69 28.31
C ASN C 111 -8.41 -12.81 29.28
N ALA C 112 -7.83 -13.90 28.77
CA ALA C 112 -7.45 -15.05 29.60
C ALA C 112 -6.47 -14.63 30.69
N ILE C 113 -5.39 -13.95 30.27
CA ILE C 113 -4.39 -13.42 31.21
C ILE C 113 -5.01 -12.46 32.22
N SER C 114 -5.90 -11.59 31.74
CA SER C 114 -6.53 -10.60 32.61
C SER C 114 -7.24 -11.21 33.78
N GLY C 115 -8.02 -12.27 33.52
CA GLY C 115 -8.70 -12.95 34.62
C GLY C 115 -7.75 -13.41 35.70
N VAL C 116 -6.63 -13.98 35.29
CA VAL C 116 -5.63 -14.45 36.23
C VAL C 116 -4.98 -13.27 36.94
N ASP C 117 -4.54 -12.27 36.17
CA ASP C 117 -3.87 -11.09 36.72
C ASP C 117 -4.74 -10.39 37.74
N MET C 118 -5.99 -10.12 37.39
CA MET C 118 -6.90 -9.46 38.34
C MET C 118 -7.09 -10.32 39.59
N ALA C 119 -7.22 -11.64 39.44
CA ALA C 119 -7.34 -12.53 40.61
C ALA C 119 -6.14 -12.50 41.53
N LEU C 120 -4.94 -12.45 40.97
CA LEU C 120 -3.71 -12.31 41.77
C LEU C 120 -3.65 -10.98 42.55
N TRP C 121 -4.05 -9.89 41.91
CA TRP C 121 -4.16 -8.60 42.60
C TRP C 121 -5.18 -8.66 43.72
N ASP C 122 -6.30 -9.34 43.47
CA ASP C 122 -7.32 -9.59 44.50
C ASP C 122 -6.70 -10.32 45.72
N ILE C 123 -5.91 -11.35 45.45
CA ILE C 123 -5.21 -12.11 46.49
C ILE C 123 -4.25 -11.22 47.31
N LYS C 124 -3.49 -10.39 46.61
CA LYS C 124 -2.50 -9.51 47.26
C LYS C 124 -3.17 -8.51 48.18
N GLY C 125 -4.27 -7.91 47.72
CA GLY C 125 -5.06 -7.00 48.56
C GLY C 125 -5.60 -7.65 49.81
N GLN C 126 -6.13 -8.87 49.66
CA GLN C 126 -6.61 -9.64 50.80
C GLN C 126 -5.48 -9.94 51.79
N LEU C 127 -4.32 -10.34 51.26
CA LEU C 127 -3.17 -10.63 52.10
C LEU C 127 -2.70 -9.36 52.85
N ALA C 128 -2.75 -8.22 52.17
CA ALA C 128 -2.36 -6.94 52.75
C ALA C 128 -3.41 -6.36 53.73
N GLY C 129 -4.64 -6.87 53.65
CA GLY C 129 -5.75 -6.29 54.42
C GLY C 129 -6.14 -4.91 53.91
N MET C 130 -5.98 -4.69 52.61
CA MET C 130 -6.20 -3.39 51.98
C MET C 130 -7.03 -3.48 50.71
N PRO C 131 -7.95 -2.52 50.51
CA PRO C 131 -8.61 -2.41 49.20
C PRO C 131 -7.54 -2.28 48.12
N LEU C 132 -7.84 -2.79 46.93
CA LEU C 132 -6.90 -2.74 45.82
C LEU C 132 -6.29 -1.36 45.57
N TYR C 133 -7.12 -0.30 45.52
CA TYR C 133 -6.62 1.04 45.19
C TYR C 133 -5.64 1.55 46.29
N GLN C 134 -5.73 0.99 47.49
CA GLN C 134 -4.79 1.33 48.54
C GLN C 134 -3.41 0.69 48.33
N LEU C 135 -3.37 -0.52 47.76
CA LEU C 135 -2.06 -1.09 47.39
C LEU C 135 -1.36 -0.17 46.41
N PHE C 136 -2.13 0.43 45.49
CA PHE C 136 -1.52 1.21 44.41
C PHE C 136 -0.83 2.48 44.94
N GLY C 137 -1.23 2.94 46.13
CA GLY C 137 -0.79 4.21 46.68
C GLY C 137 -1.91 5.10 47.18
N GLY C 138 -3.12 4.56 47.24
CA GLY C 138 -4.24 5.28 47.84
C GLY C 138 -4.95 6.23 46.90
N LYS C 139 -5.88 7.00 47.45
CA LYS C 139 -6.70 7.84 46.60
C LYS C 139 -6.02 9.10 46.08
N SER C 140 -6.50 9.57 44.92
CA SER C 140 -6.18 10.90 44.42
C SER C 140 -7.46 11.73 44.18
N ARG C 141 -8.61 11.21 44.63
CA ARG C 141 -9.88 11.94 44.61
C ARG C 141 -10.80 11.34 45.67
N ASP C 142 -11.90 12.02 45.95
CA ASP C 142 -12.86 11.54 46.95
C ASP C 142 -13.88 10.56 46.35
N ALA C 143 -14.10 10.68 45.04
CA ALA C 143 -14.96 9.78 44.30
C ALA C 143 -14.72 10.07 42.82
N ILE C 144 -15.00 9.09 41.97
CA ILE C 144 -14.91 9.31 40.51
C ILE C 144 -16.31 9.67 39.95
N PRO C 145 -16.39 10.71 39.11
CA PRO C 145 -17.67 10.98 38.44
C PRO C 145 -18.10 9.80 37.55
N ALA C 146 -19.40 9.60 37.40
CA ALA C 146 -19.92 8.56 36.51
C ALA C 146 -20.79 9.14 35.41
N TYR C 147 -20.80 8.46 34.26
CA TYR C 147 -21.83 8.71 33.24
C TYR C 147 -22.56 7.42 32.91
N SER C 148 -23.80 7.55 32.44
CA SER C 148 -24.54 6.41 31.89
C SER C 148 -25.18 6.72 30.53
N HIS C 149 -25.85 5.72 29.97
CA HIS C 149 -26.33 5.79 28.59
C HIS C 149 -27.80 6.21 28.49
N ALA C 150 -28.07 7.22 27.66
CA ALA C 150 -29.43 7.60 27.30
C ALA C 150 -29.61 7.40 25.81
N SER C 151 -30.76 6.88 25.41
CA SER C 151 -31.07 6.67 24.02
C SER C 151 -32.56 6.80 23.74
N GLY C 152 -32.87 7.10 22.49
CA GLY C 152 -34.25 7.15 22.04
C GLY C 152 -34.29 7.18 20.53
N GLU C 153 -35.32 6.60 19.94
CA GLU C 153 -35.48 6.66 18.50
C GLU C 153 -35.95 8.04 18.06
N THR C 154 -36.71 8.70 18.93
CA THR C 154 -37.24 10.04 18.68
C THR C 154 -36.68 10.93 19.78
N LEU C 155 -36.76 12.24 19.59
CA LEU C 155 -36.36 13.18 20.63
C LEU C 155 -37.15 12.99 21.95
N GLU C 156 -38.46 12.80 21.84
CA GLU C 156 -39.31 12.53 23.01
C GLU C 156 -38.82 11.35 23.87
N ALA C 157 -38.55 10.22 23.23
CA ALA C 157 -38.00 9.05 23.90
C ALA C 157 -36.63 9.35 24.50
N LEU C 158 -35.75 9.98 23.72
CA LEU C 158 -34.44 10.37 24.26
C LEU C 158 -34.52 11.28 25.48
N PHE C 159 -35.37 12.31 25.40
CA PHE C 159 -35.53 13.26 26.51
C PHE C 159 -36.01 12.56 27.78
N ALA C 160 -36.92 11.59 27.62
CA ALA C 160 -37.39 10.79 28.75
C ALA C 160 -36.24 10.02 29.41
N SER C 161 -35.38 9.43 28.56
CA SER C 161 -34.23 8.66 28.99
C SER C 161 -33.24 9.54 29.77
N VAL C 162 -33.00 10.75 29.22
CA VAL C 162 -32.13 11.74 29.87
C VAL C 162 -32.75 12.19 31.18
N ASP C 163 -34.05 12.50 31.16
CA ASP C 163 -34.77 12.96 32.35
C ASP C 163 -34.60 11.95 33.48
N ALA C 164 -34.75 10.66 33.17
CA ALA C 164 -34.62 9.59 34.17
C ALA C 164 -33.21 9.58 34.78
N LEU C 165 -32.18 9.74 33.95
CA LEU C 165 -30.80 9.83 34.44
C LEU C 165 -30.53 11.09 35.28
N ILE C 166 -31.03 12.24 34.84
CA ILE C 166 -30.94 13.47 35.65
C ILE C 166 -31.60 13.30 37.04
N ALA C 167 -32.76 12.64 37.07
CA ALA C 167 -33.48 12.35 38.33
C ALA C 167 -32.65 11.49 39.28
N GLN C 168 -31.80 10.64 38.70
CA GLN C 168 -30.90 9.79 39.49
C GLN C 168 -29.66 10.55 39.96
N GLY C 169 -29.46 11.75 39.45
CA GLY C 169 -28.35 12.59 39.89
C GLY C 169 -27.12 12.53 39.00
N TYR C 170 -27.24 11.98 37.79
CA TYR C 170 -26.14 12.05 36.82
C TYR C 170 -25.95 13.48 36.30
N ARG C 171 -24.69 13.94 36.25
CA ARG C 171 -24.34 15.23 35.66
C ARG C 171 -23.67 15.03 34.30
N HIS C 172 -23.43 13.77 33.94
CA HIS C 172 -22.79 13.39 32.69
C HIS C 172 -23.61 12.29 32.05
N ILE C 173 -24.00 12.48 30.79
CA ILE C 173 -24.89 11.53 30.11
C ILE C 173 -24.45 11.33 28.67
N ARG C 174 -24.31 10.06 28.25
CA ARG C 174 -23.97 9.72 26.87
C ARG C 174 -25.27 9.55 26.10
N CYS C 175 -25.46 10.37 25.07
CA CYS C 175 -26.75 10.47 24.37
C CYS C 175 -26.67 9.97 22.92
N GLN C 176 -27.66 9.17 22.52
CA GLN C 176 -27.82 8.74 21.13
C GLN C 176 -29.25 8.96 20.67
N LEU C 177 -29.39 9.59 19.51
CA LEU C 177 -30.70 9.73 18.86
C LEU C 177 -30.79 8.85 17.62
N GLY C 178 -31.86 8.06 17.54
CA GLY C 178 -32.07 7.12 16.43
C GLY C 178 -31.41 5.79 16.69
N PHE C 179 -31.83 4.78 15.94
CA PHE C 179 -31.18 3.48 16.01
C PHE C 179 -30.68 3.10 14.63
N TYR C 180 -29.51 2.49 14.58
CA TYR C 180 -28.78 2.30 13.33
C TYR C 180 -28.43 0.85 13.13
N GLY C 181 -29.04 0.25 12.11
CA GLY C 181 -28.82 -1.15 11.81
C GLY C 181 -30.12 -1.92 11.83
N GLY C 182 -30.85 -1.85 10.72
CA GLY C 182 -32.08 -2.64 10.54
C GLY C 182 -32.12 -3.31 9.19
N THR C 183 -33.34 -3.48 8.68
CA THR C 183 -33.55 -4.14 7.40
C THR C 183 -33.15 -3.21 6.24
N PRO C 184 -32.61 -3.79 5.16
CA PRO C 184 -32.25 -3.01 3.99
C PRO C 184 -33.43 -2.26 3.34
N SER C 185 -34.64 -2.81 3.46
CA SER C 185 -35.82 -2.20 2.84
C SER C 185 -36.18 -0.81 3.41
N ALA C 186 -35.64 -0.50 4.59
CA ALA C 186 -35.83 0.82 5.21
C ALA C 186 -34.92 1.90 4.60
N LEU C 187 -34.00 1.46 3.74
CA LEU C 187 -33.07 2.35 3.04
C LEU C 187 -33.36 2.27 1.55
N HIS C 188 -32.69 3.10 0.75
CA HIS C 188 -32.67 2.90 -0.69
C HIS C 188 -31.49 1.95 -0.98
N ALA C 189 -31.76 0.66 -0.83
CA ALA C 189 -30.73 -0.37 -0.94
C ALA C 189 -30.82 -1.04 -2.32
N PRO C 190 -29.75 -1.75 -2.73
CA PRO C 190 -29.78 -2.50 -3.98
C PRO C 190 -30.76 -3.67 -3.93
N ASP C 191 -31.18 -4.12 -5.11
CA ASP C 191 -31.94 -5.37 -5.28
C ASP C 191 -31.16 -6.55 -4.70
N ASN C 192 -31.91 -7.51 -4.14
CA ASN C 192 -31.32 -8.72 -3.55
C ASN C 192 -30.26 -8.44 -2.48
N PRO C 193 -30.58 -7.56 -1.50
CA PRO C 193 -29.59 -7.15 -0.52
C PRO C 193 -29.12 -8.31 0.35
N THR C 194 -27.84 -8.29 0.72
CA THR C 194 -27.26 -9.30 1.60
C THR C 194 -27.73 -9.02 3.04
N PRO C 195 -28.15 -10.06 3.79
CA PRO C 195 -28.58 -9.81 5.16
C PRO C 195 -27.50 -9.13 6.03
N GLY C 196 -27.96 -8.31 6.96
CA GLY C 196 -27.08 -7.59 7.89
C GLY C 196 -27.84 -6.51 8.63
N ALA C 197 -27.11 -5.70 9.39
CA ALA C 197 -27.67 -4.54 10.06
C ALA C 197 -27.34 -3.29 9.25
N TRP C 198 -28.28 -2.87 8.39
CA TRP C 198 -28.05 -1.81 7.42
C TRP C 198 -28.32 -0.41 8.02
N PHE C 199 -27.46 0.55 7.69
CA PHE C 199 -27.69 1.93 8.10
C PHE C 199 -27.08 2.93 7.11
N ASP C 200 -27.41 4.21 7.31
CA ASP C 200 -27.01 5.32 6.45
C ASP C 200 -26.19 6.32 7.26
N GLN C 201 -24.91 6.47 6.93
CA GLN C 201 -24.00 7.35 7.68
C GLN C 201 -24.48 8.79 7.67
N GLN C 202 -25.03 9.23 6.54
CA GLN C 202 -25.57 10.59 6.38
C GLN C 202 -26.71 10.90 7.35
N GLU C 203 -27.66 9.96 7.45
CA GLU C 203 -28.76 10.04 8.40
C GLU C 203 -28.26 10.04 9.84
N TYR C 204 -27.33 9.13 10.15
CA TYR C 204 -26.74 9.07 11.48
C TYR C 204 -26.09 10.41 11.85
N MET C 205 -25.30 10.96 10.93
CA MET C 205 -24.60 12.25 11.16
C MET C 205 -25.58 13.40 11.39
N SER C 206 -26.55 13.56 10.49
N SER C 206 -26.54 13.54 10.49
CA SER C 206 -27.51 14.66 10.60
CA SER C 206 -27.52 14.64 10.60
C SER C 206 -28.41 14.53 11.83
C SER C 206 -28.41 14.53 11.83
N ASN C 207 -28.81 13.31 12.18
CA ASN C 207 -29.55 13.06 13.42
C ASN C 207 -28.74 13.44 14.67
N THR C 208 -27.43 13.18 14.64
CA THR C 208 -26.57 13.47 15.77
C THR C 208 -26.39 14.97 16.00
N VAL C 209 -26.17 15.71 14.91
CA VAL C 209 -26.08 17.17 15.00
C VAL C 209 -27.39 17.74 15.56
N GLU C 210 -28.51 17.32 14.98
N GLU C 210 -28.52 17.32 14.99
CA GLU C 210 -29.85 17.74 15.45
CA GLU C 210 -29.85 17.75 15.45
C GLU C 210 -30.04 17.42 16.94
C GLU C 210 -30.06 17.40 16.92
N MET C 211 -29.56 16.24 17.34
CA MET C 211 -29.63 15.80 18.74
C MET C 211 -28.93 16.78 19.70
N PHE C 212 -27.66 17.07 19.42
CA PHE C 212 -26.94 18.04 20.26
C PHE C 212 -27.64 19.40 20.34
N HIS C 213 -28.09 19.92 19.20
CA HIS C 213 -28.79 21.19 19.19
C HIS C 213 -30.03 21.13 20.09
N ALA C 214 -30.81 20.05 19.95
CA ALA C 214 -32.06 19.88 20.70
C ALA C 214 -31.79 19.69 22.19
N LEU C 215 -30.74 18.94 22.50
CA LEU C 215 -30.34 18.75 23.89
C LEU C 215 -29.95 20.07 24.56
N ARG C 216 -29.19 20.91 23.83
CA ARG C 216 -28.77 22.20 24.39
C ARG C 216 -29.96 23.15 24.58
N GLU C 217 -30.85 23.21 23.59
CA GLU C 217 -32.08 24.00 23.73
C GLU C 217 -32.91 23.58 24.95
N LYS C 218 -32.99 22.28 25.21
CA LYS C 218 -33.84 21.77 26.30
C LYS C 218 -33.17 21.82 27.67
N TYR C 219 -31.93 21.36 27.77
CA TYR C 219 -31.29 21.18 29.07
C TYR C 219 -30.27 22.24 29.46
N GLY C 220 -29.90 23.09 28.52
CA GLY C 220 -28.94 24.14 28.81
C GLY C 220 -27.50 23.64 28.71
N TRP C 221 -26.58 24.45 29.21
CA TRP C 221 -25.17 24.30 28.87
C TRP C 221 -24.29 23.77 30.01
N LYS C 222 -24.90 23.41 31.13
CA LYS C 222 -24.17 22.82 32.27
C LYS C 222 -24.06 21.31 32.20
N LEU C 223 -25.14 20.66 31.75
CA LEU C 223 -25.13 19.22 31.55
C LEU C 223 -23.96 18.75 30.67
N HIS C 224 -23.22 17.74 31.11
CA HIS C 224 -22.14 17.18 30.28
C HIS C 224 -22.71 16.12 29.35
N ILE C 225 -22.61 16.36 28.04
CA ILE C 225 -23.18 15.46 27.02
C ILE C 225 -22.08 14.77 26.25
N LEU C 226 -22.08 13.44 26.36
CA LEU C 226 -21.14 12.58 25.63
C LEU C 226 -21.82 11.93 24.44
N HIS C 227 -21.05 11.54 23.43
CA HIS C 227 -21.62 10.82 22.29
C HIS C 227 -20.63 9.84 21.68
N ASP C 228 -21.12 8.63 21.43
CA ASP C 228 -20.32 7.54 20.93
C ASP C 228 -20.61 7.33 19.44
N VAL C 229 -19.63 7.69 18.60
CA VAL C 229 -19.75 7.52 17.14
C VAL C 229 -19.66 6.05 16.77
N HIS C 230 -18.96 5.26 17.60
CA HIS C 230 -18.91 3.80 17.45
C HIS C 230 -18.41 3.35 16.07
N GLU C 231 -17.37 4.03 15.59
CA GLU C 231 -16.70 3.76 14.29
C GLU C 231 -17.61 3.66 13.08
N ARG C 232 -18.76 4.33 13.16
CA ARG C 232 -19.71 4.32 12.07
C ARG C 232 -19.23 5.04 10.80
N LEU C 233 -18.13 5.79 10.85
CA LEU C 233 -17.83 6.75 9.77
C LEU C 233 -16.52 6.52 9.03
N PHE C 234 -16.48 7.07 7.80
CA PHE C 234 -15.25 7.18 7.02
C PHE C 234 -14.48 8.40 7.48
N PRO C 235 -13.19 8.50 7.12
CA PRO C 235 -12.39 9.54 7.74
C PRO C 235 -12.88 10.99 7.53
N GLN C 236 -13.20 11.39 6.30
CA GLN C 236 -13.69 12.77 6.08
C GLN C 236 -15.00 13.03 6.85
N GLN C 237 -15.81 11.98 7.01
CA GLN C 237 -17.07 12.10 7.73
C GLN C 237 -16.81 12.39 9.22
N ALA C 238 -15.77 11.78 9.78
CA ALA C 238 -15.33 12.05 11.14
C ALA C 238 -14.87 13.49 11.29
N VAL C 239 -14.11 13.99 10.32
CA VAL C 239 -13.64 15.35 10.40
C VAL C 239 -14.84 16.28 10.38
N GLN C 240 -15.75 16.03 9.45
CA GLN C 240 -16.92 16.87 9.28
C GLN C 240 -17.76 16.88 10.55
N LEU C 241 -18.07 15.69 11.05
CA LEU C 241 -18.90 15.56 12.25
C LEU C 241 -18.27 16.25 13.45
N ALA C 242 -16.96 16.07 13.66
CA ALA C 242 -16.26 16.80 14.74
C ALA C 242 -16.50 18.32 14.66
N LYS C 243 -16.41 18.89 13.44
CA LYS C 243 -16.63 20.34 13.26
C LYS C 243 -18.07 20.76 13.55
N GLN C 244 -19.02 19.92 13.13
CA GLN C 244 -20.44 20.18 13.27
C GLN C 244 -20.92 20.11 14.71
N LEU C 245 -20.25 19.30 15.52
CA LEU C 245 -20.64 19.11 16.92
C LEU C 245 -19.91 20.08 17.85
N GLU C 246 -18.82 20.70 17.36
CA GLU C 246 -18.04 21.64 18.19
C GLU C 246 -18.85 22.74 18.92
N PRO C 247 -19.82 23.39 18.23
CA PRO C 247 -20.54 24.46 18.91
C PRO C 247 -21.31 23.98 20.15
N PHE C 248 -21.62 22.70 20.21
CA PHE C 248 -22.46 22.18 21.28
C PHE C 248 -21.68 21.75 22.53
N GLN C 249 -20.35 21.79 22.44
CA GLN C 249 -19.44 21.57 23.59
C GLN C 249 -19.60 20.19 24.23
N PRO C 250 -19.43 19.13 23.43
CA PRO C 250 -19.51 17.78 23.98
C PRO C 250 -18.43 17.52 25.02
N TYR C 251 -18.76 16.70 26.02
CA TYR C 251 -17.78 16.27 27.02
C TYR C 251 -16.71 15.35 26.39
N PHE C 252 -17.14 14.37 25.60
CA PHE C 252 -16.27 13.80 24.57
C PHE C 252 -17.06 13.20 23.43
N ILE C 253 -16.38 13.06 22.29
CA ILE C 253 -16.91 12.38 21.13
C ILE C 253 -16.04 11.15 21.00
N GLU C 254 -16.68 10.00 21.12
CA GLU C 254 -16.00 8.75 21.32
C GLU C 254 -15.93 7.93 20.02
N ASP C 255 -14.80 7.26 19.81
CA ASP C 255 -14.60 6.36 18.66
C ASP C 255 -15.05 6.94 17.33
N ILE C 256 -14.56 8.15 17.05
CA ILE C 256 -14.90 8.87 15.83
C ILE C 256 -14.32 8.16 14.60
N LEU C 257 -13.26 7.37 14.82
CA LEU C 257 -12.63 6.57 13.78
C LEU C 257 -12.35 5.16 14.29
N PRO C 258 -12.31 4.17 13.38
CA PRO C 258 -11.86 2.84 13.80
C PRO C 258 -10.35 2.82 14.07
N PRO C 259 -9.85 1.79 14.79
CA PRO C 259 -8.42 1.83 15.16
C PRO C 259 -7.47 1.88 13.99
N GLN C 260 -7.80 1.19 12.90
CA GLN C 260 -6.93 1.21 11.71
C GLN C 260 -6.88 2.52 10.94
N GLN C 261 -7.75 3.47 11.28
CA GLN C 261 -7.72 4.78 10.64
C GLN C 261 -7.40 5.90 11.63
N SER C 262 -6.80 5.54 12.77
CA SER C 262 -6.49 6.52 13.83
C SER C 262 -5.51 7.63 13.40
N ALA C 263 -4.72 7.40 12.34
CA ALA C 263 -3.80 8.44 11.82
C ALA C 263 -4.58 9.65 11.35
N TRP C 264 -5.83 9.41 10.94
CA TRP C 264 -6.69 10.48 10.45
C TRP C 264 -7.12 11.44 11.57
N LEU C 265 -6.92 11.04 12.84
CA LEU C 265 -7.16 11.96 13.97
C LEU C 265 -6.35 13.26 13.87
N GLU C 266 -5.19 13.20 13.22
CA GLU C 266 -4.42 14.44 12.95
C GLU C 266 -5.30 15.45 12.22
N GLN C 267 -6.11 14.99 11.25
CA GLN C 267 -6.99 15.91 10.48
C GLN C 267 -8.16 16.39 11.31
N VAL C 268 -8.74 15.49 12.09
CA VAL C 268 -9.79 15.85 13.03
C VAL C 268 -9.29 16.96 13.97
N ARG C 269 -8.09 16.77 14.52
CA ARG C 269 -7.44 17.77 15.42
C ARG C 269 -7.23 19.12 14.72
N GLN C 270 -6.82 19.10 13.44
CA GLN C 270 -6.62 20.32 12.63
C GLN C 270 -7.88 21.17 12.50
N GLN C 271 -9.03 20.51 12.51
CA GLN C 271 -10.31 21.15 12.17
C GLN C 271 -11.25 21.44 13.34
N SER C 272 -11.00 20.82 14.50
CA SER C 272 -11.95 20.87 15.63
C SER C 272 -11.31 20.73 17.03
N CYS C 273 -11.92 21.36 18.01
CA CYS C 273 -11.43 21.30 19.38
C CYS C 273 -12.28 20.37 20.27
N VAL C 274 -13.16 19.55 19.68
CA VAL C 274 -13.99 18.63 20.47
C VAL C 274 -13.08 17.64 21.20
N PRO C 275 -13.39 17.33 22.46
CA PRO C 275 -12.59 16.32 23.17
C PRO C 275 -12.84 14.96 22.52
N LEU C 276 -11.76 14.22 22.33
CA LEU C 276 -11.79 12.94 21.62
C LEU C 276 -11.46 11.81 22.57
N ALA C 277 -12.29 10.78 22.55
CA ALA C 277 -12.06 9.56 23.33
C ALA C 277 -11.97 8.39 22.38
N LEU C 278 -11.02 7.49 22.63
CA LEU C 278 -10.83 6.32 21.79
C LEU C 278 -10.18 5.20 22.58
N GLY C 279 -10.41 3.95 22.16
CA GLY C 279 -9.64 2.82 22.69
C GLY C 279 -10.37 1.59 23.23
N GLU C 280 -11.71 1.57 23.30
CA GLU C 280 -12.37 0.38 23.83
C GLU C 280 -12.02 -0.88 23.04
N LEU C 281 -11.69 -0.71 21.77
CA LEU C 281 -11.36 -1.86 20.92
C LEU C 281 -9.91 -2.36 21.03
N PHE C 282 -9.07 -1.64 21.78
CA PHE C 282 -7.63 -1.91 21.76
C PHE C 282 -7.24 -3.21 22.47
N ASN C 283 -6.37 -3.98 21.84
CA ASN C 283 -5.82 -5.17 22.49
C ASN C 283 -4.39 -5.48 22.03
N ASN C 284 -3.71 -4.44 21.57
CA ASN C 284 -2.31 -4.50 21.19
C ASN C 284 -1.74 -3.09 21.40
N PRO C 285 -0.59 -2.95 22.09
CA PRO C 285 -0.02 -1.64 22.36
C PRO C 285 0.32 -0.83 21.10
N ALA C 286 0.54 -1.51 19.98
CA ALA C 286 0.82 -0.82 18.71
C ALA C 286 -0.36 0.05 18.35
N GLU C 287 -1.52 -0.28 18.92
CA GLU C 287 -2.72 0.47 18.63
C GLU C 287 -2.78 1.81 19.35
N TRP C 288 -2.20 1.91 20.57
CA TRP C 288 -2.25 3.15 21.38
C TRP C 288 -0.99 4.03 21.39
N HIS C 289 0.16 3.47 21.07
CA HIS C 289 1.41 4.20 21.32
C HIS C 289 1.46 5.50 20.54
N ASP C 290 1.35 5.45 19.21
CA ASP C 290 1.42 6.66 18.38
C ASP C 290 0.32 7.68 18.74
N LEU C 291 -0.89 7.17 18.96
CA LEU C 291 -2.07 7.95 19.38
CA LEU C 291 -2.05 7.97 19.36
C LEU C 291 -1.73 8.84 20.58
N ILE C 292 -1.20 8.22 21.62
CA ILE C 292 -0.89 8.92 22.87
C ILE C 292 0.26 9.87 22.67
N VAL C 293 1.36 9.39 22.06
CA VAL C 293 2.58 10.19 21.91
C VAL C 293 2.38 11.45 21.05
N ASN C 294 1.36 11.42 20.21
CA ASN C 294 1.08 12.57 19.37
C ASN C 294 -0.15 13.35 19.85
N ARG C 295 -0.62 13.03 21.06
CA ARG C 295 -1.72 13.79 21.73
C ARG C 295 -2.99 13.88 20.84
N ARG C 296 -3.26 12.77 20.17
N ARG C 296 -3.27 12.77 20.16
CA ARG C 296 -4.35 12.65 19.21
CA ARG C 296 -4.38 12.72 19.21
C ARG C 296 -5.70 12.41 19.90
C ARG C 296 -5.70 12.32 19.88
N ILE C 297 -5.64 12.02 21.18
CA ILE C 297 -6.84 11.80 21.99
C ILE C 297 -6.73 12.51 23.31
N ASP C 298 -7.88 12.78 23.91
CA ASP C 298 -7.97 13.41 25.22
C ASP C 298 -8.26 12.42 26.32
N PHE C 299 -8.98 11.37 25.97
CA PHE C 299 -9.38 10.31 26.91
C PHE C 299 -9.09 8.99 26.24
N ILE C 300 -8.45 8.08 26.97
CA ILE C 300 -8.25 6.70 26.53
C ILE C 300 -9.39 5.87 27.11
N ARG C 301 -9.88 4.91 26.31
CA ARG C 301 -11.12 4.18 26.60
C ARG C 301 -10.94 2.67 26.75
N CYS C 302 -9.71 2.23 27.00
CA CYS C 302 -9.42 0.80 26.98
C CYS C 302 -10.32 0.01 27.92
N HIS C 303 -10.57 -1.22 27.50
CA HIS C 303 -11.29 -2.19 28.30
C HIS C 303 -10.18 -2.95 29.00
N VAL C 304 -10.17 -2.92 30.34
CA VAL C 304 -9.00 -3.40 31.09
C VAL C 304 -8.67 -4.87 30.75
N SER C 305 -9.67 -5.73 30.70
CA SER C 305 -9.38 -7.13 30.36
C SER C 305 -8.87 -7.37 28.91
N GLN C 306 -9.23 -6.47 27.98
CA GLN C 306 -8.75 -6.53 26.59
C GLN C 306 -7.27 -6.19 26.45
N ILE C 307 -6.75 -5.43 27.42
CA ILE C 307 -5.34 -5.05 27.40
C ILE C 307 -4.50 -5.88 28.36
N GLY C 308 -5.14 -6.90 28.94
CA GLY C 308 -4.41 -7.90 29.72
C GLY C 308 -4.40 -7.70 31.21
N GLY C 309 -5.24 -6.79 31.71
CA GLY C 309 -5.50 -6.71 33.15
C GLY C 309 -4.93 -5.50 33.87
N ILE C 310 -4.92 -5.54 35.20
CA ILE C 310 -4.46 -4.42 36.03
C ILE C 310 -2.99 -4.05 35.79
N THR C 311 -2.14 -5.07 35.77
CA THR C 311 -0.70 -4.86 35.59
C THR C 311 -0.34 -3.95 34.38
N PRO C 312 -0.83 -4.28 33.18
CA PRO C 312 -0.62 -3.38 32.06
C PRO C 312 -1.47 -2.10 32.09
N ALA C 313 -2.62 -2.13 32.75
CA ALA C 313 -3.48 -0.93 32.83
C ALA C 313 -2.77 0.19 33.61
N LEU C 314 -2.12 -0.18 34.71
CA LEU C 314 -1.34 0.77 35.50
C LEU C 314 -0.23 1.42 34.67
N LYS C 315 0.52 0.61 33.93
CA LYS C 315 1.57 1.16 33.06
C LYS C 315 1.00 2.11 31.98
N LEU C 316 -0.09 1.68 31.35
CA LEU C 316 -0.75 2.48 30.28
C LEU C 316 -1.22 3.80 30.86
N ALA C 317 -1.82 3.74 32.05
CA ALA C 317 -2.30 4.95 32.70
C ALA C 317 -1.13 5.90 32.91
N HIS C 318 0.03 5.37 33.28
CA HIS C 318 1.21 6.23 33.50
C HIS C 318 1.82 6.80 32.24
N LEU C 319 1.77 6.03 31.15
CA LEU C 319 2.19 6.54 29.84
C LEU C 319 1.28 7.70 29.50
N CYS C 320 -0.04 7.49 29.61
CA CYS C 320 -1.04 8.53 29.36
C CYS C 320 -0.80 9.83 30.17
N GLN C 321 -0.51 9.67 31.45
CA GLN C 321 -0.25 10.82 32.32
C GLN C 321 0.90 11.68 31.80
N ALA C 322 1.95 11.06 31.27
CA ALA C 322 3.13 11.78 30.77
C ALA C 322 2.83 12.69 29.59
N PHE C 323 1.73 12.41 28.90
CA PHE C 323 1.32 13.18 27.72
C PHE C 323 0.03 13.95 27.97
N GLY C 324 -0.45 13.94 29.22
CA GLY C 324 -1.64 14.72 29.62
C GLY C 324 -2.96 14.11 29.17
N VAL C 325 -2.94 12.81 28.87
CA VAL C 325 -4.14 12.09 28.44
C VAL C 325 -4.87 11.54 29.66
N ARG C 326 -6.19 11.69 29.70
CA ARG C 326 -7.01 11.28 30.85
C ARG C 326 -7.66 9.92 30.63
N LEU C 327 -8.15 9.30 31.70
CA LEU C 327 -8.65 7.90 31.68
C LEU C 327 -10.18 7.82 31.71
N ALA C 328 -10.73 7.03 30.77
CA ALA C 328 -12.14 6.72 30.77
C ALA C 328 -12.33 5.25 30.35
N TRP C 329 -12.00 4.33 31.27
CA TRP C 329 -11.96 2.92 30.87
C TRP C 329 -13.35 2.44 30.46
N HIS C 330 -13.39 1.44 29.60
CA HIS C 330 -14.65 0.94 29.07
C HIS C 330 -15.38 0.26 30.20
N GLY C 331 -16.67 0.58 30.38
CA GLY C 331 -17.48 -0.02 31.42
C GLY C 331 -18.87 -0.36 30.93
N PRO C 332 -18.96 -1.29 29.96
CA PRO C 332 -20.26 -1.72 29.43
C PRO C 332 -20.92 -2.75 30.35
N GLY C 333 -22.19 -3.10 30.03
CA GLY C 333 -22.86 -4.22 30.66
C GLY C 333 -22.14 -5.55 30.42
N ASP C 334 -21.44 -5.67 29.29
CA ASP C 334 -20.66 -6.90 29.03
C ASP C 334 -19.33 -6.92 29.77
N MET C 335 -19.42 -7.05 31.08
CA MET C 335 -18.26 -7.03 31.96
C MET C 335 -18.80 -7.49 33.29
N THR C 336 -18.03 -8.30 34.00
CA THR C 336 -18.48 -8.76 35.31
C THR C 336 -18.43 -7.59 36.28
N PRO C 337 -19.22 -7.66 37.36
CA PRO C 337 -19.09 -6.69 38.46
C PRO C 337 -17.66 -6.65 39.04
N ILE C 338 -16.93 -7.76 38.91
CA ILE C 338 -15.49 -7.75 39.28
C ILE C 338 -14.74 -6.69 38.48
N GLY C 339 -15.01 -6.64 37.17
CA GLY C 339 -14.36 -5.69 36.28
C GLY C 339 -14.80 -4.27 36.57
N VAL C 340 -16.09 -4.10 36.88
CA VAL C 340 -16.62 -2.80 37.31
C VAL C 340 -15.83 -2.35 38.53
N ALA C 341 -15.70 -3.21 39.53
CA ALA C 341 -14.94 -2.89 40.74
C ALA C 341 -13.49 -2.47 40.42
N VAL C 342 -12.81 -3.27 39.58
CA VAL C 342 -11.44 -2.98 39.16
C VAL C 342 -11.32 -1.61 38.48
N ASN C 343 -12.27 -1.27 37.60
CA ASN C 343 -12.30 0.09 37.04
C ASN C 343 -12.31 1.11 38.17
N THR C 344 -13.20 0.91 39.15
CA THR C 344 -13.37 1.85 40.27
C THR C 344 -12.08 2.03 41.07
N HIS C 345 -11.42 0.92 41.42
CA HIS C 345 -10.11 0.95 42.09
C HIS C 345 -9.06 1.75 41.33
N LEU C 346 -8.90 1.46 40.05
CA LEU C 346 -8.06 2.26 39.18
C LEU C 346 -8.46 3.74 39.18
N ASN C 347 -9.76 4.01 39.11
CA ASN C 347 -10.24 5.41 39.00
C ASN C 347 -10.03 6.22 40.27
N ILE C 348 -10.17 5.57 41.42
CA ILE C 348 -9.96 6.26 42.68
C ILE C 348 -8.47 6.56 42.90
N HIS C 349 -7.60 5.65 42.44
CA HIS C 349 -6.16 5.87 42.66
C HIS C 349 -5.48 6.77 41.63
N LEU C 350 -5.69 6.51 40.34
CA LEU C 350 -4.89 7.20 39.32
C LEU C 350 -5.27 8.67 39.16
N HIS C 351 -4.28 9.55 39.27
CA HIS C 351 -4.53 11.00 39.23
C HIS C 351 -5.22 11.48 37.96
N ASN C 352 -4.83 10.90 36.82
CA ASN C 352 -5.39 11.28 35.53
C ASN C 352 -6.71 10.59 35.15
N ALA C 353 -7.33 9.88 36.09
CA ALA C 353 -8.66 9.31 35.83
C ALA C 353 -9.69 10.42 35.73
N ALA C 354 -10.61 10.32 34.76
CA ALA C 354 -11.60 11.36 34.55
C ALA C 354 -13.03 10.94 34.88
N ILE C 355 -13.43 9.74 34.48
CA ILE C 355 -14.86 9.38 34.52
C ILE C 355 -15.07 7.88 34.40
N GLN C 356 -16.07 7.37 35.11
CA GLN C 356 -16.45 5.96 35.02
C GLN C 356 -17.76 5.75 34.25
N GLU C 357 -17.67 5.23 33.04
CA GLU C 357 -18.84 4.71 32.34
C GLU C 357 -19.45 3.64 33.25
N PHE C 358 -20.74 3.74 33.48
CA PHE C 358 -21.43 2.85 34.42
C PHE C 358 -22.81 2.48 33.90
N ILE C 359 -23.05 1.18 33.84
CA ILE C 359 -24.33 0.65 33.45
C ILE C 359 -24.87 -0.12 34.65
N PRO C 360 -26.10 0.23 35.11
CA PRO C 360 -26.64 -0.43 36.31
C PRO C 360 -26.81 -1.94 36.14
N ARG C 361 -26.87 -2.65 37.27
CA ARG C 361 -26.91 -4.11 37.26
C ARG C 361 -28.23 -4.60 37.80
N SER C 362 -28.69 -5.75 37.32
CA SER C 362 -29.90 -6.37 37.84
C SER C 362 -29.61 -7.02 39.19
N ALA C 363 -30.67 -7.32 39.94
CA ALA C 363 -30.55 -8.04 41.20
C ALA C 363 -29.80 -9.37 41.03
N THR C 364 -30.12 -10.12 39.98
CA THR C 364 -29.50 -11.43 39.77
C THR C 364 -27.99 -11.31 39.58
N THR C 365 -27.58 -10.31 38.81
CA THR C 365 -26.16 -10.04 38.61
C THR C 365 -25.45 -9.74 39.93
N ASN C 366 -26.07 -8.90 40.77
CA ASN C 366 -25.50 -8.59 42.09
C ASN C 366 -25.46 -9.78 43.04
N ASP C 367 -26.45 -10.68 42.93
CA ASP C 367 -26.48 -11.90 43.72
C ASP C 367 -25.35 -12.88 43.33
N VAL C 368 -25.05 -12.98 42.03
CA VAL C 368 -23.93 -13.81 41.57
C VAL C 368 -22.56 -13.22 41.95
N PHE C 369 -22.44 -11.89 41.89
CA PHE C 369 -21.17 -11.18 42.15
C PHE C 369 -21.36 -10.08 43.21
N PRO C 370 -21.53 -10.47 44.49
CA PRO C 370 -21.87 -9.42 45.47
C PRO C 370 -20.70 -8.50 45.80
N GLY C 371 -21.01 -7.23 46.07
CA GLY C 371 -20.05 -6.29 46.62
C GLY C 371 -19.51 -5.23 45.67
N ALA C 372 -19.98 -5.24 44.42
CA ALA C 372 -19.46 -4.28 43.43
C ALA C 372 -19.97 -2.86 43.69
N PRO C 373 -19.19 -1.83 43.27
CA PRO C 373 -19.59 -0.44 43.54
C PRO C 373 -20.93 -0.04 42.93
N GLU C 374 -21.62 0.90 43.59
CA GLU C 374 -22.84 1.49 43.06
C GLU C 374 -22.60 2.97 42.79
N VAL C 375 -23.39 3.57 41.90
CA VAL C 375 -23.33 5.02 41.68
C VAL C 375 -24.27 5.69 42.67
N LYS C 376 -23.79 6.75 43.31
CA LYS C 376 -24.62 7.55 44.20
C LYS C 376 -24.55 9.00 43.75
N GLU C 377 -25.67 9.52 43.23
CA GLU C 377 -25.73 10.89 42.71
C GLU C 377 -24.55 11.26 41.81
N GLY C 378 -24.31 10.43 40.80
CA GLY C 378 -23.27 10.69 39.79
C GLY C 378 -21.82 10.40 40.21
N PHE C 379 -21.62 9.81 41.39
CA PHE C 379 -20.28 9.51 41.89
C PHE C 379 -20.17 8.04 42.28
N VAL C 380 -18.98 7.47 42.07
CA VAL C 380 -18.66 6.17 42.61
C VAL C 380 -17.56 6.32 43.66
N TYR C 381 -17.81 5.80 44.87
CA TYR C 381 -16.91 6.05 46.00
C TYR C 381 -15.82 4.97 46.19
N PRO C 382 -14.76 5.28 46.99
CA PRO C 382 -13.72 4.28 47.28
C PRO C 382 -14.26 2.99 47.90
N PRO C 383 -13.95 1.82 47.30
CA PRO C 383 -14.34 0.56 47.93
C PRO C 383 -13.64 0.36 49.27
N VAL C 384 -14.27 -0.37 50.19
CA VAL C 384 -13.75 -0.48 51.56
C VAL C 384 -13.19 -1.86 51.96
N GLN C 385 -13.61 -2.92 51.27
CA GLN C 385 -13.15 -4.27 51.62
C GLN C 385 -11.73 -4.55 51.10
N PRO C 386 -11.02 -5.53 51.70
CA PRO C 386 -9.71 -5.87 51.15
C PRO C 386 -9.83 -6.47 49.75
N GLY C 387 -8.79 -6.25 48.93
CA GLY C 387 -8.76 -6.77 47.57
C GLY C 387 -9.72 -6.05 46.66
N ILE C 388 -10.26 -6.78 45.68
CA ILE C 388 -11.21 -6.19 44.74
C ILE C 388 -12.55 -5.89 45.44
N GLY C 389 -12.97 -6.79 46.31
CA GLY C 389 -14.23 -6.62 47.08
C GLY C 389 -15.48 -7.19 46.43
N VAL C 390 -15.29 -8.08 45.46
CA VAL C 390 -16.40 -8.68 44.73
C VAL C 390 -16.28 -10.20 44.83
N GLY C 391 -17.36 -10.84 45.26
CA GLY C 391 -17.38 -12.29 45.40
C GLY C 391 -17.90 -12.97 44.14
N PHE C 392 -17.98 -14.29 44.19
CA PHE C 392 -18.55 -15.07 43.09
C PHE C 392 -19.29 -16.26 43.68
N ASN C 393 -20.61 -16.23 43.58
CA ASN C 393 -21.46 -17.29 44.10
C ASN C 393 -21.57 -18.39 43.05
N GLU C 394 -20.70 -19.40 43.15
CA GLU C 394 -20.60 -20.46 42.15
C GLU C 394 -21.91 -21.22 41.95
N ALA C 395 -22.57 -21.59 43.05
CA ALA C 395 -23.82 -22.34 42.99
C ALA C 395 -24.91 -21.58 42.22
N LEU C 396 -25.01 -20.27 42.46
CA LEU C 396 -25.98 -19.43 41.77
C LEU C 396 -25.57 -19.19 40.32
N ALA C 397 -24.26 -19.13 40.07
CA ALA C 397 -23.77 -19.02 38.69
C ALA C 397 -24.20 -20.20 37.82
N LEU C 398 -24.36 -21.39 38.43
CA LEU C 398 -24.86 -22.59 37.73
C LEU C 398 -26.29 -22.45 37.21
N ALA C 399 -27.11 -21.73 37.96
CA ALA C 399 -28.47 -21.44 37.56
C ALA C 399 -28.53 -20.58 36.31
N HIS C 400 -27.39 -19.98 35.94
CA HIS C 400 -27.35 -19.06 34.80
C HIS C 400 -26.24 -19.39 33.77
N PRO C 401 -26.38 -20.52 33.03
CA PRO C 401 -25.32 -20.94 32.11
C PRO C 401 -25.21 -20.06 30.88
N VAL C 402 -24.13 -20.28 30.14
CA VAL C 402 -23.91 -19.65 28.83
C VAL C 402 -25.06 -19.90 27.84
N LEU C 403 -25.41 -18.88 27.07
CA LEU C 403 -26.38 -19.02 25.97
C LEU C 403 -25.79 -18.41 24.70
N TYR C 404 -25.78 -19.19 23.61
CA TYR C 404 -25.28 -18.70 22.34
C TYR C 404 -26.14 -17.54 21.84
N ARG C 405 -25.48 -16.45 21.45
CA ARG C 405 -26.15 -15.27 20.88
C ARG C 405 -25.55 -14.87 19.53
N PRO C 406 -26.42 -14.51 18.56
CA PRO C 406 -25.96 -14.21 17.21
C PRO C 406 -25.28 -12.84 17.05
N HIS C 407 -25.54 -11.91 17.99
CA HIS C 407 -25.02 -10.52 17.91
C HIS C 407 -25.12 -9.93 16.50
N GLU C 408 -26.32 -9.87 15.97
CA GLU C 408 -26.50 -9.51 14.56
C GLU C 408 -25.96 -8.10 14.20
N TRP C 409 -25.87 -7.23 15.19
CA TRP C 409 -25.34 -5.86 15.00
C TRP C 409 -23.90 -5.77 14.49
N THR C 410 -23.09 -6.82 14.69
CA THR C 410 -21.68 -6.78 14.22
C THR C 410 -21.57 -6.96 12.68
N GLN C 411 -22.66 -7.39 12.06
CA GLN C 411 -22.75 -7.46 10.58
C GLN C 411 -23.31 -6.14 10.03
N SER C 412 -22.57 -5.06 10.27
CA SER C 412 -23.01 -3.72 9.95
C SER C 412 -22.75 -3.43 8.46
N ARG C 413 -23.80 -3.01 7.74
CA ARG C 413 -23.70 -2.77 6.31
C ARG C 413 -24.17 -1.36 5.90
N LEU C 414 -23.46 -0.77 4.94
CA LEU C 414 -23.76 0.57 4.42
C LEU C 414 -24.89 0.46 3.35
N PRO C 415 -25.40 1.59 2.84
CA PRO C 415 -26.56 1.51 1.92
C PRO C 415 -26.35 0.74 0.59
N ASP C 416 -25.10 0.44 0.23
CA ASP C 416 -24.81 -0.40 -0.95
C ASP C 416 -24.48 -1.84 -0.54
N GLY C 417 -24.50 -2.10 0.77
CA GLY C 417 -24.27 -3.44 1.30
C GLY C 417 -22.85 -3.72 1.76
N THR C 418 -22.00 -2.70 1.77
CA THR C 418 -20.61 -2.85 2.19
C THR C 418 -20.54 -3.10 3.71
N ILE C 419 -19.79 -4.11 4.13
CA ILE C 419 -19.44 -4.24 5.56
C ILE C 419 -18.68 -3.02 6.04
N HIS C 420 -19.08 -2.48 7.19
CA HIS C 420 -18.36 -1.42 7.80
C HIS C 420 -18.00 -1.87 9.21
N THR C 421 -16.93 -1.31 9.77
CA THR C 421 -16.54 -1.57 11.16
C THR C 421 -17.73 -1.28 12.09
N PRO C 422 -18.16 -2.27 12.89
CA PRO C 422 -19.42 -2.19 13.63
C PRO C 422 -19.34 -1.42 14.94
N MET D 24 -4.30 -27.43 -16.12
CA MET D 24 -4.23 -26.14 -16.87
C MET D 24 -3.02 -26.08 -17.79
N THR D 25 -3.25 -25.73 -19.05
CA THR D 25 -2.19 -25.68 -20.08
C THR D 25 -1.95 -24.25 -20.60
N PRO D 26 -0.78 -24.02 -21.24
CA PRO D 26 -0.47 -22.69 -21.76
C PRO D 26 -1.53 -22.20 -22.74
N VAL D 27 -1.88 -20.93 -22.62
CA VAL D 27 -2.82 -20.30 -23.52
C VAL D 27 -2.02 -19.30 -24.37
N ILE D 28 -1.80 -19.66 -25.62
CA ILE D 28 -0.78 -19.03 -26.43
C ILE D 28 -1.38 -17.90 -27.28
N ILE D 29 -0.82 -16.69 -27.13
CA ILE D 29 -1.22 -15.50 -27.85
C ILE D 29 -0.91 -15.67 -29.33
N LYS D 30 -1.94 -15.49 -30.16
CA LYS D 30 -1.88 -15.67 -31.60
C LYS D 30 -1.71 -14.33 -32.32
N ASN D 31 -2.48 -13.33 -31.90
CA ASN D 31 -2.37 -11.98 -32.45
C ASN D 31 -2.81 -10.93 -31.45
N ILE D 32 -2.40 -9.69 -31.69
CA ILE D 32 -2.89 -8.54 -30.93
C ILE D 32 -3.26 -7.43 -31.93
N GLU D 33 -4.51 -7.00 -31.88
CA GLU D 33 -5.01 -5.99 -32.80
C GLU D 33 -5.48 -4.78 -32.01
N CYS D 34 -5.52 -3.65 -32.70
CA CYS D 34 -5.97 -2.40 -32.13
C CYS D 34 -6.91 -1.73 -33.13
N PHE D 35 -8.06 -1.31 -32.63
CA PHE D 35 -9.07 -0.63 -33.42
C PHE D 35 -9.40 0.70 -32.79
N ILE D 36 -9.61 1.72 -33.64
CA ILE D 36 -10.14 3.01 -33.21
C ILE D 36 -11.54 3.13 -33.81
N THR D 37 -12.53 3.38 -32.96
CA THR D 37 -13.90 3.50 -33.43
CA THR D 37 -13.93 3.46 -33.39
C THR D 37 -14.60 4.67 -32.76
N ARG D 38 -15.42 5.35 -33.55
CA ARG D 38 -16.12 6.55 -33.09
C ARG D 38 -17.62 6.37 -33.31
N PRO D 39 -18.28 5.54 -32.47
CA PRO D 39 -19.72 5.30 -32.69
C PRO D 39 -20.59 6.50 -32.34
N ASP D 40 -20.09 7.36 -31.45
CA ASP D 40 -20.86 8.50 -30.96
C ASP D 40 -19.96 9.75 -31.07
N ARG D 41 -19.53 10.28 -29.92
CA ARG D 41 -18.81 11.55 -29.85
C ARG D 41 -17.29 11.40 -29.74
N HIS D 42 -16.83 10.28 -29.18
CA HIS D 42 -15.41 10.12 -28.85
C HIS D 42 -14.72 9.01 -29.64
N ASN D 43 -13.47 9.26 -30.03
CA ASN D 43 -12.59 8.22 -30.56
C ASN D 43 -12.19 7.24 -29.47
N LEU D 44 -12.65 6.01 -29.61
CA LEU D 44 -12.43 4.97 -28.61
C LEU D 44 -11.37 4.03 -29.16
N VAL D 45 -10.55 3.49 -28.28
CA VAL D 45 -9.49 2.54 -28.67
C VAL D 45 -9.65 1.20 -27.93
N THR D 46 -9.70 0.14 -28.73
CA THR D 46 -9.92 -1.22 -28.23
C THR D 46 -8.74 -2.10 -28.65
N VAL D 47 -8.30 -2.97 -27.75
CA VAL D 47 -7.29 -3.97 -28.08
C VAL D 47 -7.97 -5.34 -28.06
N ARG D 48 -7.74 -6.13 -29.12
CA ARG D 48 -8.20 -7.51 -29.17
C ARG D 48 -7.02 -8.48 -29.12
N VAL D 49 -7.02 -9.36 -28.13
CA VAL D 49 -6.02 -10.44 -28.04
C VAL D 49 -6.70 -11.75 -28.39
N THR D 50 -6.20 -12.39 -29.45
CA THR D 50 -6.67 -13.71 -29.88
C THR D 50 -5.63 -14.77 -29.49
N THR D 51 -6.10 -15.99 -29.27
CA THR D 51 -5.23 -17.07 -28.79
C THR D 51 -5.33 -18.28 -29.71
N GLU D 52 -4.34 -19.18 -29.60
CA GLU D 52 -4.32 -20.37 -30.42
C GLU D 52 -5.48 -21.29 -30.02
N GLN D 53 -5.91 -21.17 -28.78
CA GLN D 53 -7.02 -21.94 -28.18
C GLN D 53 -8.39 -21.41 -28.59
N GLY D 54 -8.42 -20.22 -29.20
CA GLY D 54 -9.68 -19.63 -29.68
C GLY D 54 -10.41 -18.79 -28.64
N ILE D 55 -9.71 -18.45 -27.55
CA ILE D 55 -10.32 -17.60 -26.54
C ILE D 55 -9.88 -16.17 -26.83
N THR D 56 -10.85 -15.30 -27.04
CA THR D 56 -10.55 -13.93 -27.41
C THR D 56 -10.84 -12.99 -26.25
N GLY D 57 -9.90 -12.09 -25.98
CA GLY D 57 -10.08 -11.06 -24.96
C GLY D 57 -10.08 -9.67 -25.55
N HIS D 58 -10.80 -8.75 -24.91
CA HIS D 58 -10.81 -7.34 -25.33
C HIS D 58 -10.43 -6.42 -24.17
N GLY D 59 -9.80 -5.30 -24.51
CA GLY D 59 -9.34 -4.35 -23.51
C GLY D 59 -9.52 -2.93 -23.98
N CYS D 60 -9.49 -2.00 -23.02
CA CYS D 60 -9.56 -0.57 -23.29
C CYS D 60 -8.18 0.08 -23.28
N ALA D 61 -7.92 0.87 -24.34
CA ALA D 61 -6.67 1.62 -24.45
C ALA D 61 -6.99 3.05 -24.86
N THR D 62 -8.14 3.53 -24.42
CA THR D 62 -8.67 4.79 -24.92
C THR D 62 -7.98 6.00 -24.30
N PHE D 63 -7.16 6.65 -25.11
CA PHE D 63 -6.62 7.98 -24.83
C PHE D 63 -7.20 8.81 -25.98
N GLN D 64 -8.36 9.42 -25.77
CA GLN D 64 -9.16 9.95 -26.88
C GLN D 64 -8.48 11.03 -27.69
N GLN D 65 -7.59 11.79 -27.07
CA GLN D 65 -6.92 12.90 -27.72
C GLN D 65 -5.75 12.48 -28.61
N ARG D 66 -5.25 11.26 -28.44
CA ARG D 66 -4.08 10.79 -29.23
C ARG D 66 -4.21 9.31 -29.67
N PRO D 67 -5.39 8.94 -30.25
CA PRO D 67 -5.70 7.52 -30.50
C PRO D 67 -4.78 6.84 -31.49
N LEU D 68 -4.31 7.57 -32.51
CA LEU D 68 -3.50 6.98 -33.59
C LEU D 68 -2.13 6.54 -33.08
N ALA D 69 -1.61 7.26 -32.09
CA ALA D 69 -0.33 6.91 -31.47
C ALA D 69 -0.46 5.66 -30.61
N VAL D 70 -1.61 5.50 -29.95
CA VAL D 70 -1.89 4.29 -29.17
C VAL D 70 -1.88 3.09 -30.11
N LYS D 71 -2.52 3.27 -31.27
CA LYS D 71 -2.58 2.20 -32.26
C LYS D 71 -1.19 1.89 -32.81
N THR D 72 -0.41 2.93 -33.09
CA THR D 72 1.00 2.69 -33.50
C THR D 72 1.75 1.82 -32.49
N LEU D 73 1.59 2.10 -31.20
CA LEU D 73 2.27 1.32 -30.15
C LEU D 73 1.88 -0.14 -30.13
N VAL D 74 0.58 -0.39 -30.18
CA VAL D 74 0.08 -1.76 -30.21
C VAL D 74 0.51 -2.50 -31.49
N ASP D 75 0.24 -1.91 -32.65
CA ASP D 75 0.52 -2.59 -33.92
C ASP D 75 2.02 -2.78 -34.21
N GLU D 76 2.81 -1.77 -33.88
CA GLU D 76 4.22 -1.81 -34.25
C GLU D 76 5.15 -2.37 -33.17
N TYR D 77 4.67 -2.41 -31.91
CA TYR D 77 5.57 -2.78 -30.80
C TYR D 77 5.12 -3.93 -29.93
N LEU D 78 3.89 -3.84 -29.42
CA LEU D 78 3.37 -4.84 -28.51
C LEU D 78 2.98 -6.12 -29.22
N GLN D 79 2.45 -5.98 -30.43
N GLN D 79 2.46 -6.02 -30.45
CA GLN D 79 2.12 -7.14 -31.26
CA GLN D 79 2.12 -7.23 -31.18
C GLN D 79 3.35 -8.03 -31.42
C GLN D 79 3.36 -8.09 -31.46
N PRO D 80 4.41 -7.52 -32.08
CA PRO D 80 5.61 -8.37 -32.29
C PRO D 80 6.28 -8.87 -31.00
N LEU D 81 6.26 -8.06 -29.95
CA LEU D 81 6.75 -8.49 -28.64
C LEU D 81 6.00 -9.71 -28.05
N MET D 82 4.68 -9.72 -28.21
CA MET D 82 3.81 -10.57 -27.39
C MET D 82 3.37 -11.92 -28.01
N ILE D 83 3.27 -11.95 -29.34
CA ILE D 83 2.79 -13.19 -30.00
C ILE D 83 3.62 -14.40 -29.61
N GLY D 84 2.93 -15.50 -29.33
CA GLY D 84 3.61 -16.72 -28.95
C GLY D 84 3.79 -16.90 -27.46
N ARG D 85 3.60 -15.83 -26.67
CA ARG D 85 3.71 -15.94 -25.20
C ARG D 85 2.47 -16.55 -24.54
N ASP D 86 2.67 -17.07 -23.34
CA ASP D 86 1.61 -17.69 -22.54
C ASP D 86 0.79 -16.63 -21.80
N ALA D 87 -0.44 -16.43 -22.25
CA ALA D 87 -1.36 -15.43 -21.70
C ALA D 87 -1.75 -15.64 -20.25
N ASN D 88 -1.57 -16.86 -19.76
CA ASN D 88 -1.98 -17.19 -18.38
C ASN D 88 -1.27 -16.31 -17.37
N ASN D 89 -0.02 -15.97 -17.69
CA ASN D 89 0.83 -15.30 -16.74
C ASN D 89 0.77 -13.81 -16.86
N ILE D 90 -0.39 -13.26 -16.47
CA ILE D 90 -0.62 -11.82 -16.61
C ILE D 90 0.44 -10.96 -15.89
N GLU D 91 0.80 -11.40 -14.69
CA GLU D 91 1.73 -10.64 -13.85
C GLU D 91 3.12 -10.49 -14.51
N ASP D 92 3.72 -11.58 -14.97
CA ASP D 92 5.02 -11.47 -15.64
C ASP D 92 4.91 -10.62 -16.89
N LEU D 93 3.85 -10.85 -17.66
CA LEU D 93 3.65 -10.14 -18.92
C LEU D 93 3.50 -8.65 -18.67
N TRP D 94 2.70 -8.29 -17.66
CA TRP D 94 2.54 -6.87 -17.26
C TRP D 94 3.91 -6.27 -16.91
N GLN D 95 4.64 -6.92 -16.00
CA GLN D 95 5.94 -6.43 -15.56
C GLN D 95 6.89 -6.31 -16.74
N MET D 96 6.85 -7.29 -17.65
CA MET D 96 7.74 -7.30 -18.79
C MET D 96 7.39 -6.16 -19.76
N MET D 97 6.12 -6.02 -20.11
CA MET D 97 5.67 -4.96 -21.01
C MET D 97 6.01 -3.59 -20.41
N ASN D 98 5.72 -3.41 -19.12
CA ASN D 98 5.94 -2.13 -18.44
C ASN D 98 7.33 -1.52 -18.65
N VAL D 99 8.38 -2.34 -18.52
CA VAL D 99 9.77 -1.87 -18.66
C VAL D 99 10.38 -2.11 -20.06
N ASN D 100 9.57 -2.63 -21.00
CA ASN D 100 10.11 -3.09 -22.29
C ASN D 100 10.79 -2.03 -23.16
N ALA D 101 10.37 -0.77 -23.06
CA ALA D 101 10.97 0.30 -23.86
C ALA D 101 12.00 1.05 -23.04
N TYR D 102 12.38 0.46 -21.91
CA TYR D 102 13.27 1.05 -20.91
C TYR D 102 12.55 2.25 -20.26
N TRP D 103 12.44 3.35 -21.01
CA TRP D 103 11.63 4.48 -20.54
C TRP D 103 10.19 3.97 -20.50
N ARG D 104 9.41 4.43 -19.55
CA ARG D 104 8.10 3.87 -19.24
C ARG D 104 7.16 4.90 -18.58
N ASN D 105 5.98 4.43 -18.15
CA ASN D 105 4.91 5.30 -17.65
C ASN D 105 4.47 6.27 -18.76
N GLY D 106 3.46 7.11 -18.49
CA GLY D 106 2.98 8.08 -19.48
C GLY D 106 1.66 7.60 -20.08
N PRO D 107 0.83 8.53 -20.53
CA PRO D 107 -0.49 8.23 -21.08
C PRO D 107 -0.51 7.22 -22.24
N LEU D 108 0.40 7.35 -23.21
CA LEU D 108 0.41 6.46 -24.36
C LEU D 108 0.93 5.05 -24.04
N MET D 109 2.09 4.98 -23.42
CA MET D 109 2.70 3.71 -23.01
C MET D 109 1.73 2.95 -22.16
N ASN D 110 1.18 3.61 -21.14
CA ASN D 110 0.26 2.94 -20.22
C ASN D 110 -1.05 2.49 -20.88
N ASN D 111 -1.59 3.31 -21.78
CA ASN D 111 -2.82 2.93 -22.46
C ASN D 111 -2.64 1.70 -23.34
N ALA D 112 -1.50 1.61 -24.04
CA ALA D 112 -1.20 0.44 -24.91
C ALA D 112 -1.14 -0.85 -24.12
N ILE D 113 -0.41 -0.80 -23.01
CA ILE D 113 -0.29 -1.93 -22.10
C ILE D 113 -1.64 -2.28 -21.49
N SER D 114 -2.40 -1.27 -21.06
CA SER D 114 -3.72 -1.51 -20.49
C SER D 114 -4.59 -2.34 -21.38
N GLY D 115 -4.68 -1.95 -22.66
CA GLY D 115 -5.49 -2.71 -23.61
C GLY D 115 -5.18 -4.20 -23.58
N VAL D 116 -3.91 -4.53 -23.64
CA VAL D 116 -3.45 -5.91 -23.58
C VAL D 116 -3.74 -6.53 -22.22
N ASP D 117 -3.38 -5.83 -21.14
CA ASP D 117 -3.58 -6.36 -19.79
C ASP D 117 -5.03 -6.68 -19.54
N MET D 118 -5.94 -5.76 -19.89
CA MET D 118 -7.36 -6.01 -19.70
C MET D 118 -7.82 -7.21 -20.52
N ALA D 119 -7.32 -7.32 -21.75
CA ALA D 119 -7.68 -8.42 -22.62
C ALA D 119 -7.25 -9.78 -22.04
N LEU D 120 -6.04 -9.84 -21.47
CA LEU D 120 -5.60 -11.08 -20.80
C LEU D 120 -6.43 -11.46 -19.57
N TRP D 121 -6.86 -10.46 -18.78
CA TRP D 121 -7.77 -10.71 -17.65
C TRP D 121 -9.11 -11.22 -18.13
N ASP D 122 -9.58 -10.65 -19.25
CA ASP D 122 -10.80 -11.12 -19.94
C ASP D 122 -10.68 -12.61 -20.32
N ILE D 123 -9.54 -12.98 -20.89
CA ILE D 123 -9.26 -14.38 -21.25
C ILE D 123 -9.27 -15.32 -20.03
N LYS D 124 -8.64 -14.87 -18.95
CA LYS D 124 -8.57 -15.65 -17.71
C LYS D 124 -9.96 -15.89 -17.12
N GLY D 125 -10.79 -14.84 -17.11
CA GLY D 125 -12.19 -14.95 -16.71
C GLY D 125 -12.96 -16.00 -17.52
N GLN D 126 -12.77 -15.97 -18.83
CA GLN D 126 -13.46 -16.92 -19.71
C GLN D 126 -13.00 -18.36 -19.44
N LEU D 127 -11.68 -18.54 -19.28
N LEU D 127 -11.68 -18.54 -19.30
CA LEU D 127 -11.10 -19.84 -19.02
CA LEU D 127 -11.08 -19.83 -19.00
C LEU D 127 -11.58 -20.41 -17.67
C LEU D 127 -11.62 -20.40 -17.68
N ALA D 128 -11.76 -19.52 -16.69
CA ALA D 128 -12.26 -19.88 -15.38
C ALA D 128 -13.77 -20.07 -15.33
N GLY D 129 -14.48 -19.56 -16.35
CA GLY D 129 -15.94 -19.54 -16.34
C GLY D 129 -16.52 -18.63 -15.25
N MET D 130 -15.80 -17.56 -14.95
CA MET D 130 -16.16 -16.65 -13.87
C MET D 130 -16.09 -15.21 -14.34
N PRO D 131 -17.04 -14.37 -13.89
CA PRO D 131 -16.93 -12.93 -14.09
C PRO D 131 -15.63 -12.44 -13.49
N LEU D 132 -14.99 -11.46 -14.14
CA LEU D 132 -13.74 -10.93 -13.65
C LEU D 132 -13.68 -10.71 -12.11
N TYR D 133 -14.66 -10.01 -11.56
CA TYR D 133 -14.62 -9.67 -10.12
C TYR D 133 -14.65 -10.93 -9.23
N GLN D 134 -15.20 -12.03 -9.74
CA GLN D 134 -15.16 -13.30 -9.02
C GLN D 134 -13.75 -13.91 -8.98
N LEU D 135 -12.95 -13.66 -10.02
CA LEU D 135 -11.52 -14.04 -9.99
C LEU D 135 -10.78 -13.35 -8.88
N PHE D 136 -11.10 -12.07 -8.67
CA PHE D 136 -10.41 -11.24 -7.69
C PHE D 136 -10.67 -11.70 -6.26
N GLY D 137 -11.76 -12.47 -6.09
CA GLY D 137 -12.21 -12.91 -4.78
C GLY D 137 -13.67 -12.60 -4.47
N GLY D 138 -14.42 -12.13 -5.47
CA GLY D 138 -15.88 -11.97 -5.32
C GLY D 138 -16.31 -10.65 -4.75
N LYS D 139 -17.60 -10.53 -4.42
CA LYS D 139 -18.25 -9.26 -4.03
C LYS D 139 -17.83 -8.79 -2.64
N SER D 140 -17.82 -7.48 -2.45
CA SER D 140 -17.81 -6.88 -1.11
C SER D 140 -18.97 -5.89 -0.91
N ARG D 141 -19.90 -5.89 -1.87
CA ARG D 141 -21.13 -5.10 -1.83
C ARG D 141 -22.14 -5.72 -2.81
N ASP D 142 -23.41 -5.33 -2.69
CA ASP D 142 -24.47 -5.85 -3.55
C ASP D 142 -24.58 -5.09 -4.88
N ALA D 143 -24.12 -3.83 -4.88
CA ALA D 143 -24.09 -2.96 -6.07
C ALA D 143 -23.25 -1.74 -5.72
N ILE D 144 -22.62 -1.13 -6.71
CA ILE D 144 -21.88 0.12 -6.49
C ILE D 144 -22.80 1.32 -6.78
N PRO D 145 -22.79 2.35 -5.90
CA PRO D 145 -23.55 3.54 -6.26
C PRO D 145 -22.95 4.21 -7.50
N ALA D 146 -23.78 4.92 -8.26
CA ALA D 146 -23.29 5.66 -9.41
C ALA D 146 -23.64 7.14 -9.29
N TYR D 147 -22.82 7.98 -9.92
CA TYR D 147 -23.21 9.37 -10.18
C TYR D 147 -23.14 9.68 -11.66
N SER D 148 -23.92 10.68 -12.09
CA SER D 148 -23.73 11.23 -13.43
C SER D 148 -23.64 12.74 -13.44
N HIS D 149 -23.45 13.30 -14.64
CA HIS D 149 -23.15 14.72 -14.78
C HIS D 149 -24.40 15.57 -15.06
N ALA D 150 -24.57 16.62 -14.28
CA ALA D 150 -25.57 17.68 -14.50
C ALA D 150 -24.87 19.00 -14.81
N SER D 151 -25.42 19.76 -15.74
CA SER D 151 -24.86 21.07 -16.04
C SER D 151 -25.88 22.04 -16.65
N GLY D 152 -25.59 23.32 -16.54
CA GLY D 152 -26.41 24.33 -17.16
C GLY D 152 -25.72 25.68 -17.07
N GLU D 153 -25.96 26.52 -18.06
CA GLU D 153 -25.37 27.86 -18.07
C GLU D 153 -26.05 28.77 -17.07
N THR D 154 -27.33 28.48 -16.80
CA THR D 154 -28.15 29.24 -15.87
C THR D 154 -28.63 28.24 -14.83
N LEU D 155 -29.11 28.73 -13.67
CA LEU D 155 -29.69 27.83 -12.66
C LEU D 155 -30.90 27.05 -13.19
N GLU D 156 -31.78 27.72 -13.94
CA GLU D 156 -32.96 27.06 -14.53
C GLU D 156 -32.58 25.83 -15.37
N ALA D 157 -31.58 26.00 -16.24
CA ALA D 157 -31.06 24.90 -17.05
C ALA D 157 -30.40 23.85 -16.18
N LEU D 158 -29.54 24.27 -15.24
CA LEU D 158 -28.93 23.30 -14.33
C LEU D 158 -29.99 22.48 -13.55
N PHE D 159 -31.01 23.17 -13.05
CA PHE D 159 -32.08 22.51 -12.29
C PHE D 159 -32.81 21.47 -13.11
N ALA D 160 -33.08 21.77 -14.38
CA ALA D 160 -33.72 20.83 -15.27
C ALA D 160 -32.87 19.58 -15.44
N SER D 161 -31.54 19.78 -15.52
CA SER D 161 -30.58 18.71 -15.71
C SER D 161 -30.55 17.80 -14.48
N VAL D 162 -30.50 18.43 -13.30
CA VAL D 162 -30.57 17.71 -12.04
C VAL D 162 -31.91 16.98 -11.90
N ASP D 163 -33.01 17.67 -12.22
CA ASP D 163 -34.33 17.06 -12.15
C ASP D 163 -34.42 15.78 -12.99
N ALA D 164 -33.84 15.80 -14.20
CA ALA D 164 -33.87 14.61 -15.07
C ALA D 164 -33.11 13.41 -14.45
N LEU D 165 -31.92 13.66 -13.90
CA LEU D 165 -31.14 12.63 -13.18
C LEU D 165 -31.84 12.12 -11.91
N ILE D 166 -32.49 13.00 -11.16
CA ILE D 166 -33.27 12.55 -9.99
C ILE D 166 -34.44 11.65 -10.40
N ALA D 167 -35.10 11.97 -11.52
CA ALA D 167 -36.19 11.15 -12.03
C ALA D 167 -35.72 9.78 -12.50
N GLN D 168 -34.44 9.68 -12.89
CA GLN D 168 -33.80 8.41 -13.23
C GLN D 168 -33.38 7.62 -11.98
N GLY D 169 -33.48 8.24 -10.81
CA GLY D 169 -33.16 7.56 -9.55
C GLY D 169 -31.73 7.74 -9.06
N TYR D 170 -30.99 8.70 -9.61
CA TYR D 170 -29.68 9.06 -9.04
C TYR D 170 -29.84 9.75 -7.68
N ARG D 171 -28.99 9.37 -6.73
CA ARG D 171 -28.89 9.99 -5.40
C ARG D 171 -27.59 10.80 -5.29
N HIS D 172 -26.74 10.64 -6.29
CA HIS D 172 -25.45 11.35 -6.36
C HIS D 172 -25.38 12.04 -7.72
N ILE D 173 -25.15 13.36 -7.71
CA ILE D 173 -25.11 14.12 -8.95
C ILE D 173 -23.97 15.13 -8.97
N ARG D 174 -23.21 15.14 -10.06
CA ARG D 174 -22.08 16.06 -10.21
C ARG D 174 -22.60 17.28 -10.92
N CYS D 175 -22.49 18.45 -10.29
CA CYS D 175 -23.15 19.65 -10.79
C CYS D 175 -22.17 20.76 -11.15
N GLN D 176 -22.41 21.35 -12.32
CA GLN D 176 -21.67 22.53 -12.77
C GLN D 176 -22.62 23.63 -13.22
N LEU D 177 -22.35 24.85 -12.75
CA LEU D 177 -23.07 26.03 -13.20
C LEU D 177 -22.18 26.95 -14.03
N GLY D 178 -22.64 27.25 -15.24
CA GLY D 178 -21.90 28.10 -16.17
C GLY D 178 -21.02 27.25 -17.06
N PHE D 179 -20.52 27.89 -18.11
CA PHE D 179 -19.55 27.26 -18.99
CA PHE D 179 -19.58 27.29 -19.06
C PHE D 179 -18.37 28.19 -19.10
N TYR D 180 -17.19 27.59 -19.15
CA TYR D 180 -15.92 28.31 -18.99
C TYR D 180 -14.99 27.98 -20.13
N GLY D 181 -14.74 28.98 -20.98
CA GLY D 181 -13.81 28.81 -22.09
C GLY D 181 -14.46 29.12 -23.41
N GLY D 182 -14.53 30.41 -23.73
CA GLY D 182 -15.03 30.84 -25.03
C GLY D 182 -14.19 31.99 -25.56
N THR D 183 -14.83 32.93 -26.25
CA THR D 183 -14.11 34.02 -26.90
C THR D 183 -13.57 35.02 -25.88
N PRO D 184 -12.36 35.57 -26.14
CA PRO D 184 -11.74 36.58 -25.29
C PRO D 184 -12.58 37.87 -25.19
N SER D 185 -13.41 38.15 -26.20
CA SER D 185 -14.26 39.35 -26.16
C SER D 185 -15.37 39.29 -25.10
N ALA D 186 -15.59 38.11 -24.51
CA ALA D 186 -16.61 37.92 -23.48
C ALA D 186 -16.15 38.40 -22.10
N LEU D 187 -14.86 38.70 -21.98
CA LEU D 187 -14.32 39.28 -20.75
C LEU D 187 -13.47 40.50 -21.07
N HIS D 188 -12.80 41.04 -20.06
CA HIS D 188 -11.89 42.17 -20.24
C HIS D 188 -10.51 41.64 -20.58
N ALA D 189 -10.34 41.23 -21.85
CA ALA D 189 -9.08 40.67 -22.32
C ALA D 189 -8.19 41.74 -22.93
N PRO D 190 -6.89 41.45 -23.10
CA PRO D 190 -6.00 42.39 -23.78
C PRO D 190 -6.35 42.54 -25.27
N ASP D 191 -5.88 43.64 -25.87
CA ASP D 191 -5.92 43.85 -27.33
C ASP D 191 -5.16 42.73 -28.02
N ASN D 192 -5.64 42.34 -29.20
CA ASN D 192 -5.04 41.26 -30.02
C ASN D 192 -4.86 39.94 -29.29
N PRO D 193 -5.93 39.44 -28.66
CA PRO D 193 -5.82 38.24 -27.83
C PRO D 193 -5.44 37.00 -28.65
N THR D 194 -4.63 36.11 -28.09
CA THR D 194 -4.26 34.85 -28.74
C THR D 194 -5.47 33.93 -28.71
N PRO D 195 -5.75 33.21 -29.81
CA PRO D 195 -6.89 32.29 -29.79
C PRO D 195 -6.77 31.22 -28.69
N GLY D 196 -7.91 30.79 -28.18
CA GLY D 196 -7.98 29.75 -27.16
C GLY D 196 -9.35 29.76 -26.49
N ALA D 197 -9.50 28.95 -25.45
CA ALA D 197 -10.73 28.90 -24.65
C ALA D 197 -10.53 29.75 -23.39
N TRP D 198 -11.00 31.00 -23.43
CA TRP D 198 -10.73 31.98 -22.38
C TRP D 198 -11.76 31.91 -21.26
N PHE D 199 -11.30 32.02 -20.01
CA PHE D 199 -12.19 32.12 -18.86
C PHE D 199 -11.60 32.94 -17.71
N ASP D 200 -12.45 33.19 -16.71
CA ASP D 200 -12.15 34.05 -15.55
C ASP D 200 -12.33 33.19 -14.29
N GLN D 201 -11.23 32.95 -13.56
CA GLN D 201 -11.28 32.07 -12.38
C GLN D 201 -12.22 32.61 -11.29
N GLN D 202 -12.24 33.93 -11.14
CA GLN D 202 -13.12 34.61 -10.18
C GLN D 202 -14.60 34.33 -10.45
N GLU D 203 -15.00 34.44 -11.71
CA GLU D 203 -16.36 34.17 -12.17
C GLU D 203 -16.71 32.72 -11.90
N TYR D 204 -15.82 31.81 -12.29
CA TYR D 204 -16.01 30.38 -12.03
C TYR D 204 -16.21 30.11 -10.54
N MET D 205 -15.35 30.69 -9.70
CA MET D 205 -15.42 30.50 -8.25
C MET D 205 -16.73 31.00 -7.64
N SER D 206 -17.11 32.25 -7.96
CA SER D 206 -18.33 32.79 -7.37
C SER D 206 -19.58 32.09 -7.90
N ASN D 207 -19.59 31.72 -9.17
CA ASN D 207 -20.72 30.95 -9.71
C ASN D 207 -20.88 29.60 -9.03
N THR D 208 -19.75 28.96 -8.69
CA THR D 208 -19.75 27.65 -8.05
C THR D 208 -20.31 27.73 -6.64
N VAL D 209 -19.92 28.76 -5.91
CA VAL D 209 -20.40 28.96 -4.53
C VAL D 209 -21.92 29.20 -4.58
N GLU D 210 -22.34 30.12 -5.45
N GLU D 210 -22.34 30.11 -5.46
CA GLU D 210 -23.76 30.42 -5.67
CA GLU D 210 -23.76 30.40 -5.67
C GLU D 210 -24.54 29.15 -6.05
C GLU D 210 -24.55 29.15 -6.06
N MET D 211 -23.93 28.31 -6.90
CA MET D 211 -24.56 27.04 -7.34
C MET D 211 -24.90 26.14 -6.14
N PHE D 212 -23.92 25.88 -5.28
CA PHE D 212 -24.15 25.04 -4.09
C PHE D 212 -25.23 25.59 -3.18
N HIS D 213 -25.17 26.89 -2.94
CA HIS D 213 -26.20 27.54 -2.13
C HIS D 213 -27.59 27.34 -2.74
N ALA D 214 -27.73 27.61 -4.03
CA ALA D 214 -29.04 27.46 -4.71
C ALA D 214 -29.49 26.00 -4.78
N LEU D 215 -28.55 25.07 -4.94
CA LEU D 215 -28.87 23.64 -4.97
C LEU D 215 -29.42 23.18 -3.61
N ARG D 216 -28.77 23.59 -2.52
CA ARG D 216 -29.24 23.23 -1.17
C ARG D 216 -30.61 23.84 -0.88
N GLU D 217 -30.81 25.10 -1.27
CA GLU D 217 -32.11 25.74 -1.13
C GLU D 217 -33.23 25.00 -1.86
N LYS D 218 -32.94 24.53 -3.08
CA LYS D 218 -33.97 23.89 -3.89
C LYS D 218 -34.21 22.43 -3.50
N TYR D 219 -33.10 21.68 -3.37
CA TYR D 219 -33.15 20.22 -3.23
C TYR D 219 -32.97 19.69 -1.81
N GLY D 220 -32.54 20.53 -0.87
CA GLY D 220 -32.32 20.08 0.49
C GLY D 220 -30.98 19.38 0.68
N TRP D 221 -30.86 18.67 1.80
CA TRP D 221 -29.55 18.27 2.31
C TRP D 221 -29.20 16.79 2.20
N LYS D 222 -30.09 15.99 1.60
CA LYS D 222 -29.84 14.57 1.45
C LYS D 222 -29.17 14.22 0.13
N LEU D 223 -29.48 14.99 -0.91
CA LEU D 223 -28.86 14.79 -2.21
C LEU D 223 -27.35 14.90 -2.11
N HIS D 224 -26.63 13.91 -2.64
CA HIS D 224 -25.17 13.99 -2.67
C HIS D 224 -24.73 14.83 -3.88
N ILE D 225 -24.11 15.99 -3.61
CA ILE D 225 -23.67 16.90 -4.67
C ILE D 225 -22.15 16.88 -4.85
N LEU D 226 -21.70 16.52 -6.04
CA LEU D 226 -20.27 16.49 -6.38
C LEU D 226 -19.93 17.67 -7.25
N HIS D 227 -18.68 18.10 -7.25
CA HIS D 227 -18.31 19.17 -8.16
C HIS D 227 -16.85 19.04 -8.61
N ASP D 228 -16.65 19.17 -9.91
CA ASP D 228 -15.33 19.02 -10.55
C ASP D 228 -14.71 20.40 -10.89
N VAL D 229 -13.67 20.75 -10.14
CA VAL D 229 -12.94 22.00 -10.34
C VAL D 229 -12.07 21.92 -11.60
N HIS D 230 -11.68 20.71 -11.97
CA HIS D 230 -11.00 20.45 -13.26
C HIS D 230 -9.76 21.32 -13.41
N GLU D 231 -8.99 21.42 -12.32
CA GLU D 231 -7.71 22.15 -12.25
C GLU D 231 -7.76 23.59 -12.78
N ARG D 232 -8.93 24.20 -12.72
CA ARG D 232 -9.11 25.59 -13.13
C ARG D 232 -8.41 26.66 -12.27
N LEU D 233 -7.88 26.30 -11.09
CA LEU D 233 -7.44 27.30 -10.09
C LEU D 233 -5.95 27.29 -9.72
N PHE D 234 -5.49 28.42 -9.20
CA PHE D 234 -4.18 28.54 -8.54
C PHE D 234 -4.27 28.08 -7.09
N PRO D 235 -3.12 27.78 -6.47
CA PRO D 235 -3.21 27.14 -5.15
C PRO D 235 -4.08 27.87 -4.10
N GLN D 236 -3.86 29.17 -3.88
CA GLN D 236 -4.67 29.92 -2.90
C GLN D 236 -6.14 29.94 -3.28
N GLN D 237 -6.42 29.95 -4.59
CA GLN D 237 -7.82 29.91 -5.04
C GLN D 237 -8.53 28.63 -4.63
N ALA D 238 -7.79 27.52 -4.68
CA ALA D 238 -8.27 26.20 -4.28
C ALA D 238 -8.53 26.17 -2.80
N VAL D 239 -7.61 26.79 -2.03
CA VAL D 239 -7.77 26.82 -0.60
C VAL D 239 -9.04 27.59 -0.30
N GLN D 240 -9.18 28.74 -0.96
CA GLN D 240 -10.31 29.62 -0.71
C GLN D 240 -11.63 28.96 -1.06
N LEU D 241 -11.70 28.38 -2.26
CA LEU D 241 -12.91 27.70 -2.72
C LEU D 241 -13.31 26.55 -1.81
N ALA D 242 -12.33 25.75 -1.38
CA ALA D 242 -12.60 24.66 -0.45
C ALA D 242 -13.32 25.15 0.82
N LYS D 243 -12.84 26.25 1.39
CA LYS D 243 -13.46 26.85 2.59
C LYS D 243 -14.85 27.34 2.30
N GLN D 244 -15.04 27.97 1.13
CA GLN D 244 -16.34 28.54 0.73
C GLN D 244 -17.41 27.49 0.46
N LEU D 245 -17.01 26.30 0.02
CA LEU D 245 -17.98 25.25 -0.31
C LEU D 245 -18.28 24.33 0.88
N GLU D 246 -17.46 24.40 1.92
CA GLU D 246 -17.64 23.54 3.10
C GLU D 246 -19.05 23.54 3.74
N PRO D 247 -19.68 24.73 3.90
CA PRO D 247 -21.01 24.79 4.49
C PRO D 247 -22.06 23.97 3.74
N PHE D 248 -21.83 23.74 2.45
CA PHE D 248 -22.81 23.06 1.59
C PHE D 248 -22.63 21.53 1.51
N GLN D 249 -21.63 21.01 2.23
CA GLN D 249 -21.43 19.56 2.43
C GLN D 249 -21.37 18.73 1.15
N PRO D 250 -20.42 19.09 0.26
CA PRO D 250 -20.25 18.33 -0.98
C PRO D 250 -19.80 16.90 -0.72
N TYR D 251 -20.17 16.00 -1.64
CA TYR D 251 -19.81 14.58 -1.54
C TYR D 251 -18.34 14.41 -1.90
N PHE D 252 -17.91 15.11 -2.94
CA PHE D 252 -16.49 15.47 -3.08
C PHE D 252 -16.30 16.71 -3.94
N ILE D 253 -15.11 17.30 -3.80
CA ILE D 253 -14.67 18.39 -4.66
C ILE D 253 -13.44 17.84 -5.37
N GLU D 254 -13.53 17.77 -6.68
CA GLU D 254 -12.65 16.97 -7.51
C GLU D 254 -11.65 17.87 -8.22
N ASP D 255 -10.40 17.39 -8.31
CA ASP D 255 -9.32 18.08 -9.04
C ASP D 255 -9.19 19.57 -8.70
N ILE D 256 -9.20 19.86 -7.42
CA ILE D 256 -9.09 21.22 -6.90
C ILE D 256 -7.76 21.89 -7.29
N LEU D 257 -6.75 21.07 -7.56
CA LEU D 257 -5.40 21.48 -7.96
C LEU D 257 -4.91 20.55 -9.07
N PRO D 258 -4.01 21.04 -9.95
CA PRO D 258 -3.37 20.18 -10.97
C PRO D 258 -2.32 19.27 -10.31
N PRO D 259 -1.91 18.15 -10.97
CA PRO D 259 -1.01 17.24 -10.24
C PRO D 259 0.28 17.88 -9.78
N GLN D 260 0.84 18.79 -10.57
CA GLN D 260 2.11 19.41 -10.18
C GLN D 260 2.04 20.36 -8.99
N GLN D 261 0.81 20.65 -8.54
CA GLN D 261 0.64 21.48 -7.35
C GLN D 261 -0.03 20.74 -6.19
N SER D 262 0.02 19.41 -6.25
CA SER D 262 -0.64 18.59 -5.23
C SER D 262 -0.10 18.75 -3.81
N ALA D 263 1.14 19.23 -3.64
CA ALA D 263 1.68 19.47 -2.30
C ALA D 263 0.87 20.53 -1.57
N TRP D 264 0.20 21.37 -2.35
CA TRP D 264 -0.62 22.44 -1.81
C TRP D 264 -1.90 21.91 -1.15
N LEU D 265 -2.25 20.64 -1.42
CA LEU D 265 -3.34 19.97 -0.69
C LEU D 265 -3.14 20.01 0.85
N GLU D 266 -1.89 20.03 1.30
CA GLU D 266 -1.62 20.22 2.74
C GLU D 266 -2.32 21.50 3.25
N GLN D 267 -2.26 22.59 2.49
CA GLN D 267 -2.90 23.83 2.94
C GLN D 267 -4.43 23.79 2.84
N VAL D 268 -4.92 23.10 1.81
CA VAL D 268 -6.36 22.91 1.64
C VAL D 268 -6.90 22.14 2.84
N ARG D 269 -6.19 21.08 3.26
CA ARG D 269 -6.53 20.27 4.43
C ARG D 269 -6.50 21.09 5.74
N GLN D 270 -5.54 22.02 5.87
CA GLN D 270 -5.45 22.87 7.07
C GLN D 270 -6.67 23.79 7.24
N GLN D 271 -7.37 24.05 6.14
CA GLN D 271 -8.36 25.13 6.11
C GLN D 271 -9.81 24.67 5.95
N SER D 272 -9.99 23.40 5.55
CA SER D 272 -11.30 22.87 5.14
C SER D 272 -11.46 21.35 5.28
N CYS D 273 -12.68 20.92 5.63
CA CYS D 273 -12.99 19.47 5.76
C CYS D 273 -13.70 18.89 4.53
N VAL D 274 -13.74 19.62 3.40
CA VAL D 274 -14.42 19.08 2.23
C VAL D 274 -13.72 17.81 1.78
N PRO D 275 -14.52 16.80 1.35
CA PRO D 275 -13.90 15.59 0.78
C PRO D 275 -13.21 15.97 -0.52
N LEU D 276 -12.01 15.45 -0.72
CA LEU D 276 -11.19 15.78 -1.89
C LEU D 276 -10.99 14.56 -2.74
N ALA D 277 -11.17 14.74 -4.04
CA ALA D 277 -10.97 13.67 -5.01
C ALA D 277 -9.96 14.16 -6.03
N LEU D 278 -9.03 13.28 -6.41
CA LEU D 278 -7.99 13.63 -7.36
C LEU D 278 -7.44 12.39 -8.07
N GLY D 279 -6.94 12.60 -9.28
CA GLY D 279 -6.17 11.58 -9.97
C GLY D 279 -6.56 11.12 -11.37
N GLU D 280 -7.60 11.66 -11.97
CA GLU D 280 -7.92 11.20 -13.35
C GLU D 280 -6.75 11.41 -14.30
N LEU D 281 -5.93 12.41 -13.99
CA LEU D 281 -4.79 12.75 -14.86
C LEU D 281 -3.55 11.86 -14.65
N PHE D 282 -3.57 11.00 -13.64
CA PHE D 282 -2.35 10.28 -13.23
C PHE D 282 -1.94 9.21 -14.24
N ASN D 283 -0.65 9.12 -14.52
CA ASN D 283 -0.08 8.06 -15.36
C ASN D 283 1.38 7.76 -15.00
N ASN D 284 1.69 8.02 -13.75
CA ASN D 284 3.01 7.77 -13.18
C ASN D 284 2.79 7.64 -11.67
N PRO D 285 3.30 6.57 -11.04
CA PRO D 285 3.14 6.35 -9.61
C PRO D 285 3.69 7.47 -8.73
N ALA D 286 4.70 8.17 -9.23
CA ALA D 286 5.23 9.34 -8.52
C ALA D 286 4.15 10.39 -8.27
N GLU D 287 3.11 10.39 -9.10
CA GLU D 287 2.01 11.32 -8.91
C GLU D 287 1.08 11.02 -7.75
N TRP D 288 0.89 9.75 -7.39
CA TRP D 288 -0.04 9.37 -6.33
C TRP D 288 0.61 9.02 -4.98
N HIS D 289 1.90 8.66 -4.99
CA HIS D 289 2.45 8.02 -3.81
C HIS D 289 2.35 8.91 -2.56
N ASP D 290 2.95 10.10 -2.63
N ASP D 290 2.96 10.09 -2.64
CA ASP D 290 3.00 11.00 -1.47
CA ASP D 290 3.01 11.01 -1.49
C ASP D 290 1.63 11.57 -1.08
C ASP D 290 1.60 11.43 -1.09
N LEU D 291 0.77 11.71 -2.08
CA LEU D 291 -0.65 12.07 -1.91
CA LEU D 291 -0.64 12.09 -1.88
C LEU D 291 -1.39 11.09 -0.97
N ILE D 292 -1.28 9.82 -1.29
CA ILE D 292 -1.96 8.77 -0.54
C ILE D 292 -1.34 8.64 0.84
N VAL D 293 -0.01 8.57 0.89
CA VAL D 293 0.72 8.33 2.12
C VAL D 293 0.47 9.43 3.17
N ASN D 294 0.23 10.65 2.69
CA ASN D 294 -0.01 11.77 3.59
C ASN D 294 -1.49 12.07 3.75
N ARG D 295 -2.32 11.16 3.25
CA ARG D 295 -3.79 11.23 3.41
C ARG D 295 -4.36 12.58 2.93
N ARG D 296 -3.82 13.07 1.81
CA ARG D 296 -4.17 14.36 1.26
CA ARG D 296 -4.28 14.38 1.36
C ARG D 296 -5.42 14.31 0.36
N ILE D 297 -5.88 13.09 0.09
CA ILE D 297 -7.14 12.89 -0.62
C ILE D 297 -8.02 11.92 0.11
N ASP D 298 -9.32 12.03 -0.15
CA ASP D 298 -10.28 11.06 0.33
C ASP D 298 -10.70 10.03 -0.69
N PHE D 299 -10.75 10.44 -1.97
CA PHE D 299 -11.05 9.54 -3.08
C PHE D 299 -10.00 9.67 -4.17
N ILE D 300 -9.53 8.52 -4.66
CA ILE D 300 -8.63 8.49 -5.81
C ILE D 300 -9.47 8.35 -7.07
N ARG D 301 -9.04 9.02 -8.15
CA ARG D 301 -9.86 9.17 -9.36
C ARG D 301 -9.26 8.59 -10.62
N CYS D 302 -8.23 7.75 -10.50
CA CYS D 302 -7.46 7.32 -11.66
C CYS D 302 -8.31 6.69 -12.77
N HIS D 303 -7.88 6.92 -13.99
CA HIS D 303 -8.43 6.32 -15.20
C HIS D 303 -7.65 5.00 -15.34
N VAL D 304 -8.32 3.87 -15.19
CA VAL D 304 -7.63 2.57 -15.14
C VAL D 304 -6.65 2.39 -16.33
N SER D 305 -7.07 2.68 -17.55
CA SER D 305 -6.15 2.55 -18.70
C SER D 305 -4.94 3.51 -18.66
N GLN D 306 -5.10 4.67 -18.05
CA GLN D 306 -3.96 5.61 -17.89
C GLN D 306 -2.87 5.12 -16.94
N ILE D 307 -3.26 4.23 -16.01
CA ILE D 307 -2.30 3.68 -15.05
C ILE D 307 -1.82 2.27 -15.41
N GLY D 308 -2.18 1.79 -16.60
CA GLY D 308 -1.61 0.54 -17.13
C GLY D 308 -2.49 -0.69 -16.97
N GLY D 309 -3.76 -0.47 -16.59
CA GLY D 309 -4.78 -1.56 -16.62
C GLY D 309 -5.15 -2.17 -15.27
N ILE D 310 -5.72 -3.38 -15.28
CA ILE D 310 -6.30 -4.00 -14.08
C ILE D 310 -5.18 -4.33 -13.06
N THR D 311 -4.13 -4.97 -13.58
CA THR D 311 -2.98 -5.39 -12.75
C THR D 311 -2.46 -4.30 -11.77
N PRO D 312 -2.10 -3.11 -12.29
CA PRO D 312 -1.69 -2.03 -11.40
C PRO D 312 -2.86 -1.39 -10.62
N ALA D 313 -4.06 -1.37 -11.20
CA ALA D 313 -5.22 -0.81 -10.48
C ALA D 313 -5.48 -1.60 -9.17
N LEU D 314 -5.41 -2.93 -9.23
CA LEU D 314 -5.56 -3.77 -8.02
C LEU D 314 -4.54 -3.41 -6.93
N LYS D 315 -3.28 -3.26 -7.31
CA LYS D 315 -2.24 -2.87 -6.34
C LYS D 315 -2.47 -1.46 -5.78
N LEU D 316 -2.84 -0.55 -6.66
CA LEU D 316 -3.17 0.83 -6.26
C LEU D 316 -4.35 0.84 -5.31
N ALA D 317 -5.38 0.04 -5.60
CA ALA D 317 -6.54 0.02 -4.73
C ALA D 317 -6.15 -0.44 -3.33
N HIS D 318 -5.25 -1.42 -3.27
CA HIS D 318 -4.80 -1.95 -1.97
C HIS D 318 -3.92 -0.96 -1.22
N LEU D 319 -3.09 -0.22 -1.95
CA LEU D 319 -2.27 0.83 -1.32
C LEU D 319 -3.22 1.86 -0.71
N CYS D 320 -4.21 2.29 -1.49
CA CYS D 320 -5.25 3.21 -1.01
C CYS D 320 -5.96 2.72 0.25
N GLN D 321 -6.34 1.44 0.26
CA GLN D 321 -7.01 0.83 1.41
C GLN D 321 -6.19 0.95 2.72
N ALA D 322 -4.88 0.75 2.65
CA ALA D 322 -4.04 0.76 3.86
C ALA D 322 -3.97 2.14 4.53
N PHE D 323 -4.27 3.18 3.76
CA PHE D 323 -4.32 4.57 4.23
C PHE D 323 -5.74 5.14 4.31
N GLY D 324 -6.76 4.27 4.18
CA GLY D 324 -8.18 4.67 4.32
C GLY D 324 -8.72 5.55 3.19
N VAL D 325 -8.06 5.53 2.03
CA VAL D 325 -8.53 6.26 0.83
C VAL D 325 -9.49 5.35 0.03
N ARG D 326 -10.56 5.93 -0.48
CA ARG D 326 -11.63 5.21 -1.17
C ARG D 326 -11.51 5.44 -2.67
N LEU D 327 -12.22 4.62 -3.45
CA LEU D 327 -12.03 4.58 -4.91
C LEU D 327 -13.21 5.20 -5.65
N ALA D 328 -12.88 6.04 -6.63
CA ALA D 328 -13.84 6.61 -7.57
C ALA D 328 -13.16 6.71 -8.94
N TRP D 329 -12.97 5.54 -9.59
CA TRP D 329 -12.22 5.54 -10.86
C TRP D 329 -12.91 6.43 -11.88
N HIS D 330 -12.14 7.04 -12.80
CA HIS D 330 -12.65 7.93 -13.83
C HIS D 330 -13.53 7.12 -14.76
N GLY D 331 -14.73 7.61 -15.03
CA GLY D 331 -15.64 6.96 -15.97
C GLY D 331 -16.32 7.94 -16.92
N PRO D 332 -15.53 8.58 -17.81
CA PRO D 332 -16.05 9.54 -18.79
C PRO D 332 -16.69 8.84 -20.00
N GLY D 333 -17.26 9.63 -20.92
CA GLY D 333 -17.70 9.11 -22.22
C GLY D 333 -16.52 8.67 -23.09
N ASP D 334 -15.35 9.26 -22.87
CA ASP D 334 -14.13 8.86 -23.61
C ASP D 334 -13.45 7.63 -23.01
N MET D 335 -14.19 6.53 -23.08
CA MET D 335 -13.81 5.23 -22.55
C MET D 335 -14.72 4.20 -23.21
N THR D 336 -14.15 3.09 -23.65
CA THR D 336 -14.97 2.03 -24.25
C THR D 336 -15.89 1.44 -23.16
N PRO D 337 -17.03 0.88 -23.55
CA PRO D 337 -17.85 0.14 -22.60
C PRO D 337 -17.11 -1.04 -21.92
N ILE D 338 -16.03 -1.52 -22.56
CA ILE D 338 -15.12 -2.51 -21.96
C ILE D 338 -14.51 -1.91 -20.68
N GLY D 339 -14.00 -0.68 -20.81
CA GLY D 339 -13.50 0.09 -19.68
C GLY D 339 -14.53 0.36 -18.60
N VAL D 340 -15.77 0.69 -19.02
CA VAL D 340 -16.88 0.86 -18.07
C VAL D 340 -17.06 -0.44 -17.30
N ALA D 341 -17.13 -1.56 -18.03
CA ALA D 341 -17.31 -2.87 -17.39
C ALA D 341 -16.18 -3.17 -16.40
N VAL D 342 -14.94 -2.93 -16.80
CA VAL D 342 -13.78 -3.10 -15.91
C VAL D 342 -13.88 -2.27 -14.60
N ASN D 343 -14.27 -1.00 -14.71
CA ASN D 343 -14.54 -0.19 -13.51
C ASN D 343 -15.51 -0.95 -12.65
N THR D 344 -16.60 -1.44 -13.24
CA THR D 344 -17.65 -2.13 -12.46
C THR D 344 -17.11 -3.38 -11.72
N HIS D 345 -16.34 -4.23 -12.40
CA HIS D 345 -15.75 -5.43 -11.78
C HIS D 345 -14.89 -5.05 -10.58
N LEU D 346 -14.04 -4.03 -10.77
CA LEU D 346 -13.21 -3.48 -9.70
C LEU D 346 -14.09 -2.94 -8.55
N ASN D 347 -15.17 -2.23 -8.89
CA ASN D 347 -16.05 -1.62 -7.90
C ASN D 347 -16.87 -2.63 -7.08
N ILE D 348 -17.26 -3.73 -7.71
CA ILE D 348 -18.01 -4.76 -6.98
C ILE D 348 -17.10 -5.56 -6.03
N HIS D 349 -15.85 -5.74 -6.44
CA HIS D 349 -14.91 -6.50 -5.61
C HIS D 349 -14.22 -5.71 -4.51
N LEU D 350 -13.61 -4.56 -4.84
CA LEU D 350 -12.73 -3.89 -3.87
C LEU D 350 -13.50 -3.25 -2.71
N HIS D 351 -13.15 -3.63 -1.49
CA HIS D 351 -13.87 -3.18 -0.31
C HIS D 351 -13.89 -1.65 -0.18
N ASN D 352 -12.82 -0.99 -0.59
CA ASN D 352 -12.74 0.46 -0.49
C ASN D 352 -13.30 1.25 -1.68
N ALA D 353 -14.01 0.58 -2.59
CA ALA D 353 -14.67 1.30 -3.68
C ALA D 353 -15.80 2.15 -3.15
N ALA D 354 -15.99 3.35 -3.69
CA ALA D 354 -17.04 4.26 -3.22
C ALA D 354 -18.16 4.48 -4.21
N ILE D 355 -17.80 4.79 -5.45
CA ILE D 355 -18.80 5.29 -6.39
C ILE D 355 -18.32 5.14 -7.83
N GLN D 356 -19.26 4.92 -8.75
CA GLN D 356 -18.91 4.79 -10.16
C GLN D 356 -19.46 5.97 -10.94
N GLU D 357 -18.56 6.84 -11.39
CA GLU D 357 -18.92 7.85 -12.36
C GLU D 357 -19.46 7.12 -13.59
N PHE D 358 -20.60 7.56 -14.09
CA PHE D 358 -21.28 6.88 -15.20
C PHE D 358 -21.91 7.85 -16.17
N ILE D 359 -21.58 7.69 -17.44
CA ILE D 359 -22.16 8.51 -18.50
C ILE D 359 -22.90 7.56 -19.44
N PRO D 360 -24.21 7.79 -19.68
CA PRO D 360 -25.00 6.87 -20.51
C PRO D 360 -24.51 6.81 -21.95
N ARG D 361 -24.80 5.70 -22.60
CA ARG D 361 -24.22 5.39 -23.90
C ARG D 361 -25.32 5.36 -24.95
N SER D 362 -24.95 5.68 -26.19
CA SER D 362 -25.88 5.60 -27.31
C SER D 362 -26.18 4.14 -27.70
N ALA D 363 -27.26 3.96 -28.45
CA ALA D 363 -27.61 2.66 -29.02
C ALA D 363 -26.45 2.12 -29.85
N THR D 364 -25.87 2.98 -30.68
CA THR D 364 -24.77 2.61 -31.57
C THR D 364 -23.56 2.13 -30.75
N THR D 365 -23.22 2.86 -29.70
CA THR D 365 -22.12 2.45 -28.82
C THR D 365 -22.38 1.06 -28.23
N ASN D 366 -23.61 0.82 -27.76
CA ASN D 366 -23.96 -0.51 -27.24
C ASN D 366 -23.93 -1.63 -28.29
N ASP D 367 -24.26 -1.29 -29.54
CA ASP D 367 -24.21 -2.23 -30.64
C ASP D 367 -22.77 -2.66 -31.00
N VAL D 368 -21.83 -1.72 -30.93
CA VAL D 368 -20.42 -2.01 -31.20
C VAL D 368 -19.79 -2.81 -30.04
N PHE D 369 -20.15 -2.46 -28.81
CA PHE D 369 -19.63 -3.12 -27.60
C PHE D 369 -20.74 -3.71 -26.71
N PRO D 370 -21.38 -4.81 -27.15
CA PRO D 370 -22.53 -5.28 -26.37
C PRO D 370 -22.14 -5.90 -25.01
N GLY D 371 -23.00 -5.70 -24.01
CA GLY D 371 -22.86 -6.38 -22.72
C GLY D 371 -22.44 -5.55 -21.51
N ALA D 372 -22.15 -4.27 -21.73
CA ALA D 372 -21.66 -3.39 -20.66
C ALA D 372 -22.74 -3.05 -19.62
N PRO D 373 -22.34 -2.84 -18.35
CA PRO D 373 -23.32 -2.57 -17.29
C PRO D 373 -24.16 -1.34 -17.52
N GLU D 374 -25.36 -1.35 -16.97
CA GLU D 374 -26.25 -0.20 -17.01
C GLU D 374 -26.55 0.23 -15.58
N VAL D 375 -26.95 1.49 -15.40
CA VAL D 375 -27.34 1.98 -14.08
C VAL D 375 -28.82 1.75 -13.90
N LYS D 376 -29.18 1.21 -12.74
CA LYS D 376 -30.59 1.00 -12.40
C LYS D 376 -30.82 1.67 -11.05
N GLU D 377 -31.59 2.75 -11.07
CA GLU D 377 -31.95 3.51 -9.87
C GLU D 377 -30.72 3.87 -9.01
N GLY D 378 -29.69 4.39 -9.68
CA GLY D 378 -28.49 4.88 -9.01
C GLY D 378 -27.47 3.83 -8.61
N PHE D 379 -27.69 2.58 -9.03
CA PHE D 379 -26.81 1.45 -8.71
C PHE D 379 -26.36 0.72 -9.96
N VAL D 380 -25.12 0.23 -9.94
CA VAL D 380 -24.62 -0.68 -10.98
C VAL D 380 -24.35 -2.04 -10.34
N TYR D 381 -24.95 -3.08 -10.91
CA TYR D 381 -24.97 -4.42 -10.29
C TYR D 381 -23.81 -5.31 -10.75
N PRO D 382 -23.53 -6.40 -10.01
CA PRO D 382 -22.48 -7.35 -10.42
C PRO D 382 -22.72 -7.97 -11.82
N PRO D 383 -21.70 -7.92 -12.70
CA PRO D 383 -21.84 -8.55 -14.01
C PRO D 383 -21.91 -10.08 -13.86
N VAL D 384 -22.59 -10.74 -14.80
CA VAL D 384 -22.84 -12.18 -14.64
C VAL D 384 -22.13 -13.11 -15.63
N GLN D 385 -21.68 -12.57 -16.76
CA GLN D 385 -20.98 -13.38 -17.77
C GLN D 385 -19.53 -13.64 -17.37
N PRO D 386 -18.92 -14.68 -17.96
CA PRO D 386 -17.49 -14.88 -17.71
C PRO D 386 -16.59 -13.77 -18.30
N GLY D 387 -15.49 -13.46 -17.60
CA GLY D 387 -14.55 -12.44 -18.05
C GLY D 387 -15.10 -11.03 -17.88
N ILE D 388 -14.75 -10.13 -18.79
CA ILE D 388 -15.26 -8.75 -18.67
C ILE D 388 -16.76 -8.69 -18.98
N GLY D 389 -17.19 -9.46 -19.98
CA GLY D 389 -18.61 -9.52 -20.38
C GLY D 389 -19.02 -8.52 -21.46
N VAL D 390 -18.04 -7.96 -22.18
CA VAL D 390 -18.29 -6.97 -23.23
C VAL D 390 -17.63 -7.46 -24.51
N GLY D 391 -18.40 -7.46 -25.59
CA GLY D 391 -17.90 -7.92 -26.90
C GLY D 391 -17.47 -6.74 -27.74
N PHE D 392 -17.00 -7.04 -28.96
CA PHE D 392 -16.59 -6.02 -29.91
C PHE D 392 -17.00 -6.50 -31.29
N ASN D 393 -17.99 -5.81 -31.87
CA ASN D 393 -18.49 -6.13 -33.19
C ASN D 393 -17.62 -5.40 -34.20
N GLU D 394 -16.66 -6.12 -34.76
CA GLU D 394 -15.65 -5.55 -35.67
C GLU D 394 -16.27 -4.95 -36.93
N ALA D 395 -17.19 -5.68 -37.55
CA ALA D 395 -17.88 -5.23 -38.75
C ALA D 395 -18.58 -3.88 -38.54
N LEU D 396 -19.29 -3.76 -37.42
CA LEU D 396 -19.96 -2.51 -37.05
C LEU D 396 -18.97 -1.41 -36.67
N ALA D 397 -17.85 -1.80 -36.07
CA ALA D 397 -16.78 -0.84 -35.76
C ALA D 397 -16.23 -0.15 -37.03
N LEU D 398 -16.20 -0.87 -38.14
CA LEU D 398 -15.81 -0.32 -39.46
C LEU D 398 -16.69 0.83 -39.93
N ALA D 399 -17.98 0.73 -39.64
CA ALA D 399 -18.94 1.75 -40.02
C ALA D 399 -18.71 3.05 -39.29
N HIS D 400 -17.85 3.02 -38.27
CA HIS D 400 -17.58 4.19 -37.45
C HIS D 400 -16.08 4.47 -37.25
N PRO D 401 -15.40 4.92 -38.32
CA PRO D 401 -13.94 5.14 -38.24
C PRO D 401 -13.53 6.36 -37.40
N VAL D 402 -12.23 6.43 -37.12
CA VAL D 402 -11.60 7.54 -36.42
C VAL D 402 -11.90 8.86 -37.15
N LEU D 403 -12.23 9.90 -36.38
CA LEU D 403 -12.35 11.26 -36.92
C LEU D 403 -11.42 12.21 -36.18
N TYR D 404 -10.60 12.98 -36.92
CA TYR D 404 -9.77 14.02 -36.28
C TYR D 404 -10.64 15.07 -35.57
N ARG D 405 -10.33 15.34 -34.30
CA ARG D 405 -10.98 16.43 -33.56
C ARG D 405 -9.99 17.40 -32.92
N PRO D 406 -10.30 18.71 -32.95
CA PRO D 406 -9.36 19.71 -32.46
C PRO D 406 -9.31 19.83 -30.92
N HIS D 407 -10.38 19.44 -30.22
CA HIS D 407 -10.44 19.56 -28.76
C HIS D 407 -10.00 20.96 -28.29
N GLU D 408 -10.67 21.99 -28.79
CA GLU D 408 -10.20 23.36 -28.56
C GLU D 408 -10.18 23.78 -27.05
N TRP D 409 -10.97 23.07 -26.21
CA TRP D 409 -10.98 23.32 -24.76
C TRP D 409 -9.66 23.10 -24.04
N THR D 410 -8.77 22.28 -24.61
CA THR D 410 -7.46 22.06 -23.96
C THR D 410 -6.54 23.30 -24.05
N GLN D 411 -6.89 24.25 -24.90
CA GLN D 411 -6.13 25.50 -25.02
C GLN D 411 -6.73 26.56 -24.11
N SER D 412 -6.69 26.27 -22.80
CA SER D 412 -7.40 27.06 -21.81
C SER D 412 -6.57 28.30 -21.45
N ARG D 413 -7.17 29.49 -21.61
CA ARG D 413 -6.47 30.75 -21.32
C ARG D 413 -7.15 31.59 -20.24
N LEU D 414 -6.33 32.21 -19.39
CA LEU D 414 -6.81 33.11 -18.35
C LEU D 414 -7.06 34.51 -18.95
N PRO D 415 -7.58 35.47 -18.15
CA PRO D 415 -7.99 36.77 -18.73
C PRO D 415 -6.86 37.63 -19.31
N ASP D 416 -5.60 37.30 -19.01
CA ASP D 416 -4.48 38.02 -19.61
C ASP D 416 -3.90 37.21 -20.78
N GLY D 417 -4.49 36.05 -21.03
CA GLY D 417 -4.07 35.17 -22.12
C GLY D 417 -3.14 34.02 -21.73
N THR D 418 -2.88 33.86 -20.43
CA THR D 418 -1.99 32.80 -19.96
C THR D 418 -2.60 31.41 -20.15
N ILE D 419 -1.83 30.46 -20.68
CA ILE D 419 -2.24 29.07 -20.65
C ILE D 419 -2.39 28.59 -19.21
N HIS D 420 -3.52 27.92 -18.95
CA HIS D 420 -3.71 27.27 -17.67
C HIS D 420 -3.94 25.77 -17.89
N THR D 421 -3.58 24.95 -16.90
CA THR D 421 -3.89 23.53 -16.96
C THR D 421 -5.39 23.37 -17.20
N PRO D 422 -5.77 22.65 -18.27
CA PRO D 422 -7.17 22.61 -18.73
C PRO D 422 -8.04 21.57 -18.03
MG MG E . 12.05 -16.48 12.80
C1 GOL F . 7.07 -20.51 16.61
O1 GOL F . 6.28 -21.65 16.89
C2 GOL F . 8.19 -20.96 15.70
O2 GOL F . 7.59 -21.14 14.43
C3 GOL F . 9.28 -19.88 15.65
O3 GOL F . 10.09 -19.92 16.82
CL CL G . -6.68 -13.55 20.08
CL CL H . 23.77 -18.58 26.87
CL CL I . 6.89 -7.12 21.87
CL CL J . -9.99 -1.09 12.35
MG MG K . 22.94 5.63 -17.40
C1 GOL L . 18.71 3.67 -23.32
O1 GOL L . 18.35 3.49 -24.67
C2 GOL L . 20.22 3.85 -23.26
O2 GOL L . 20.49 5.17 -23.69
C3 GOL L . 20.74 3.65 -21.83
O3 GOL L . 20.81 2.28 -21.50
CL CL M . 3.69 8.63 -23.27
CL CL N . 21.59 24.27 -1.09
CL CL O . 32.37 12.50 -32.51
MG MG P . -18.13 2.91 23.05
C1 GOL Q . -19.71 -1.99 23.06
O1 GOL Q . -20.42 -1.83 21.85
C2 GOL Q . -19.96 -3.36 23.68
O2 GOL Q . -19.31 -3.37 24.92
C3 GOL Q . -19.34 -4.45 22.81
O3 GOL Q . -19.53 -5.74 23.39
CL CL R . -5.29 5.10 7.80
CL CL S . -29.98 4.66 9.08
CL CL T . 1.92 16.85 27.78
CL CL U . -33.46 -6.09 38.66
MG MG V . -12.91 15.12 -13.64
C1 GOL W . -10.96 14.29 -20.83
O1 GOL W . -10.86 13.58 -22.05
C2 GOL W . -12.32 14.03 -20.16
O2 GOL W . -12.43 12.65 -19.88
C3 GOL W . -12.40 14.74 -18.81
O3 GOL W . -12.48 16.11 -19.03
C1 GOL X . 2.92 -0.72 -9.60
O1 GOL X . 2.28 -1.78 -10.24
C2 GOL X . 1.96 0.45 -9.71
O2 GOL X . 2.11 1.07 -10.98
C3 GOL X . 0.59 -0.19 -9.50
O3 GOL X . -0.22 0.49 -8.60
CL CL Y . -15.54 32.91 -17.46
#